data_8BCA
#
_entry.id   8BCA
#
_cell.length_a   100.409
_cell.length_b   119.362
_cell.length_c   187.765
_cell.angle_alpha   90.000
_cell.angle_beta   90.000
_cell.angle_gamma   90.000
#
_symmetry.space_group_name_H-M   'P 21 21 21'
#
loop_
_entity.id
_entity.type
_entity.pdbx_description
1 polymer 'U5 small nuclear ribonucleoprotein 200 kDa helicase'
2 polymer 'Pre-mRNA-processing-splicing factor 8'
3 non-polymer 3-azanyl-~{N}-methyl-4-(methylamino)benzenesulfonamide
4 non-polymer 1,2-ETHANEDIOL
5 non-polymer GLYCEROL
6 water water
#
loop_
_entity_poly.entity_id
_entity_poly.type
_entity_poly.pdbx_seq_one_letter_code
_entity_poly.pdbx_strand_id
1 'polypeptide(L)'
;GAEFMDLDQGGEALAPRQVLDLEDLVFTQGSHFMANKRCQLPDGSFRRQRKGYEEVHVPALKPKPFGSEEQLLPVEKLPK
YAQAGFEGFKTLNRIQSKLYRAALETDENLLLCAPTGAGKTNVALMCMLREIGKHINMDGTINVDDFKIIYIAPMRSLVQ
EMVGSFGKRLATYGITVAELTGDHQLCKEEISATQIIVCTPEKWDIITRKGGERTYTQLVRLIILDEIHLLHDDRGPVLE
ALVARAIRNIEMTQEDVRLIGLSATLPNYEDVATFLRVDPAKGLFYFDNSFRPVPLEQTYVGITEKKAIKRFQIMNEIVY
EKIMEHAGKNQVLVFVHSRKETGKTARAIRDMCLEKDTLGLFLREGSASTEVLRTEAEQCKNLELKDLLPYGFAIHHAGM
TRVDRTLVEDLFADKHIQVLVSTATLAWGVNLPAHTVIIKGTQVYSPEKGRWTELGALDILQMLGRAGRPQYDTKGEGIL
ITSHGELQYYLSLLNQQLPIESQMVSKLPDMLNAEIVLGNVQNAKDAVNWLGYAYLYIRMLRSPTLYGISHDDLKGDPLL
DQRRLDLVHTAALMLDKNNLVKYDKKTGNFQVTELGRIASHYYITNDTVQTYNQLLKPTLSEIELFRVFSLSSEFKNITV
REEEKLELQKLLERVPIPVKESIEEPSAKINVLLQAFISQLKLEGFALMADMVYVTQSAGRLMRAIFEIVLNRGWAQLTD
KTLNLCKMIDKRMWQSMCPLRQFRKLPEEVVKKIEKKNFPFERLYDLNHNEIGELIRMPKMGKTIHKYVHLFPKLELSVH
LQPITRSTLKVELTITPDFQWDEKVHGSSEAFWILVEDVDSEVILHHEYFLLKAKYAQDEHLITFFVPVFEPLPPQYFIR
VVSDRWLSCETQLPVSFRHLILPEKYPPPTELLDLQPLPVSALRNSAFESLYQDKFPFFNPIQTQVFNTVYNSDDNVFVG
APTGSGKTICAEFAILRMLLQSSEGRCVYITPMEALAEQVYMDWYEKFQDRLNKKVVLLTGETSTDLKLLGKGNIIISTP
EKWDILSRRWKQRKNVQNINLFVVDEVHLIGGENGPVLEVICSRMRYISSQIERPIRIVALSSSLSNAKDVAHWLGCSAT
STFNFHPNVRPVPLELHIQGFNISHTQTRLLSMAKPVYHAITKHSPKKPVIVFVPSRKQTRLTAIDILTTCAADIQRQRF
LHCTEKDLIPYLEKLSDSTLKETLLNGVGYLHEGLSPMERRLVEQLFSSGAIQVVVASRSLCWGMNVAAHLVIIMDTQYY
NGKIHAYVDYPIYDVLQMVGHANRPLQDDEGRCVIMCQGSKKDFFKKFLYEPLPVESHLDHCMHDHFNAEIVTKTIENKQ
DAVDYLTWTFLYRRMTQNPNYYNLQGISHRHLSDHLSELVEQTLSDLEQSKCISIEDEMDVAPLNLGMIAAYYYINYTTI
ELFSMSLNAKTKVRGLIEIISNAAEYENIPIRHHEDNLLRQLAQKVPHKLNNPKFNDPHVKTNLLLQAHLSRMQLSAELQ
SDTEEILSKAIRLIQACVDVLSSNGWLSPALAAMELAQMVTQAMWSKDSYLKQLPHFTSEHIKRCTDKGVESVFDIMEME
DEERNALLQLTDSQIADVARFCNRYPNIELSYEVVDKDSIRSGGPVVVLVQLEREEEVTGPVIAPLFPQKREEGWWVVIG
DAKSNSLISIKRLTLQQKAKVKLDFVAPATGAHNYTLYFMSDAYMGCDQEYKFSVDVKEAETDSDSD
;
B
2 'polypeptide(L)'
;GPLGSMTQTFSSKTEWRVRAISAANLHLRTNHIYVSSDDIKETGYTYILPKNVLKKFICISDLRAQIAGYLYGVSPPDNP
QVKEIRCIVMVPQWGTHQTVHLPGQLPQHEYLKEMEPLGWIHTQPNESPQLSPQDVTTHAKIMADNPSWDGEKTIIITCS
FTPGSCTLTAYKLTPSGYEWGRQNTDKGNNPKGYLPSHYERVQMLLSDRFLGFFMVPAQSSWNYNFMGVRHDPNMKYELQ
LANPKEFYHEVHRPSHFLNFALL
;
J
#
loop_
_chem_comp.id
_chem_comp.type
_chem_comp.name
_chem_comp.formula
EDO non-polymer 1,2-ETHANEDIOL 'C2 H6 O2'
GOL non-polymer GLYCEROL 'C3 H8 O3'
Q96 non-polymer 3-azanyl-~{N}-methyl-4-(methylamino)benzenesulfonamide 'C8 H13 N3 O2 S'
#
# COMPACT_ATOMS: atom_id res chain seq x y z
N LEU A 14 -13.77 21.10 -31.91
CA LEU A 14 -14.54 21.20 -33.15
C LEU A 14 -16.01 20.85 -32.89
N ALA A 15 -16.82 21.89 -32.71
CA ALA A 15 -18.19 21.72 -32.21
C ALA A 15 -19.07 20.84 -33.10
N PRO A 16 -19.20 21.07 -34.41
CA PRO A 16 -20.05 20.18 -35.21
C PRO A 16 -19.49 18.77 -35.22
N ARG A 17 -20.24 17.84 -34.63
CA ARG A 17 -19.77 16.46 -34.51
C ARG A 17 -20.92 15.49 -34.74
N GLN A 18 -20.62 14.20 -34.56
CA GLN A 18 -21.53 13.13 -34.90
C GLN A 18 -21.38 11.99 -33.92
N VAL A 19 -22.50 11.37 -33.55
CA VAL A 19 -22.50 10.21 -32.67
C VAL A 19 -22.59 8.97 -33.56
N LEU A 20 -21.61 8.09 -33.43
CA LEU A 20 -21.51 6.92 -34.30
C LEU A 20 -22.14 5.69 -33.65
N ASP A 21 -22.46 4.71 -34.49
CA ASP A 21 -22.83 3.37 -34.04
C ASP A 21 -21.59 2.50 -34.21
N LEU A 22 -20.81 2.35 -33.14
CA LEU A 22 -19.57 1.60 -33.23
C LEU A 22 -19.80 0.16 -33.69
N GLU A 23 -20.99 -0.39 -33.45
CA GLU A 23 -21.29 -1.76 -33.87
C GLU A 23 -21.12 -1.92 -35.38
N ASP A 24 -21.68 -0.99 -36.15
CA ASP A 24 -21.54 -1.04 -37.60
C ASP A 24 -20.10 -0.80 -38.06
N LEU A 25 -19.18 -0.46 -37.17
CA LEU A 25 -17.78 -0.31 -37.57
C LEU A 25 -16.92 -1.51 -37.20
N VAL A 26 -17.47 -2.48 -36.47
CA VAL A 26 -16.70 -3.58 -35.90
C VAL A 26 -16.59 -4.71 -36.93
N PHE A 27 -15.35 -5.10 -37.24
CA PHE A 27 -15.13 -6.32 -38.00
C PHE A 27 -15.63 -7.48 -37.14
N THR A 28 -16.82 -7.98 -37.45
CA THR A 28 -17.46 -8.90 -36.52
C THR A 28 -16.75 -10.25 -36.46
N GLN A 29 -16.14 -10.67 -37.57
CA GLN A 29 -15.55 -12.00 -37.65
C GLN A 29 -14.17 -12.08 -36.99
N GLY A 30 -13.76 -11.06 -36.24
CA GLY A 30 -12.56 -11.16 -35.42
C GLY A 30 -11.29 -11.24 -36.26
N SER A 31 -10.43 -12.19 -35.89
CA SER A 31 -9.25 -12.50 -36.67
C SER A 31 -9.58 -13.31 -37.91
N HIS A 32 -10.84 -13.61 -38.14
CA HIS A 32 -11.26 -14.33 -39.33
C HIS A 32 -11.69 -13.36 -40.43
N PHE A 33 -11.70 -12.07 -40.15
CA PHE A 33 -11.92 -11.06 -41.17
C PHE A 33 -10.85 -11.18 -42.25
N MET A 34 -11.30 -11.15 -43.51
CA MET A 34 -10.42 -11.31 -44.66
C MET A 34 -10.56 -10.05 -45.49
N ALA A 35 -9.67 -9.09 -45.23
CA ALA A 35 -9.73 -7.80 -45.91
C ALA A 35 -9.57 -7.97 -47.42
N ASN A 36 -8.65 -8.83 -47.84
CA ASN A 36 -8.40 -9.04 -49.26
C ASN A 36 -9.54 -9.79 -49.94
N LYS A 37 -9.69 -9.55 -51.24
CA LYS A 37 -10.75 -10.18 -52.01
C LYS A 37 -10.22 -11.19 -53.02
N ARG A 38 -8.91 -11.28 -53.21
CA ARG A 38 -8.33 -12.22 -54.16
C ARG A 38 -7.09 -12.86 -53.58
N CYS A 39 -6.84 -14.09 -54.01
CA CYS A 39 -5.80 -14.94 -53.46
C CYS A 39 -4.99 -15.54 -54.60
N GLN A 40 -3.67 -15.44 -54.50
CA GLN A 40 -2.74 -15.90 -55.51
C GLN A 40 -1.81 -16.92 -54.89
N LEU A 41 -1.85 -18.20 -55.40
CA LEU A 41 -1.06 -19.32 -54.92
C LEU A 41 0.25 -19.41 -55.70
N PRO A 42 1.31 -19.96 -55.08
CA PRO A 42 2.58 -20.10 -55.80
C PRO A 42 2.44 -21.06 -56.98
N ASP A 43 3.34 -20.90 -57.95
CA ASP A 43 3.33 -21.74 -59.14
C ASP A 43 3.50 -23.19 -58.74
N GLY A 44 2.63 -24.05 -59.28
CA GLY A 44 2.63 -25.45 -58.94
C GLY A 44 1.46 -25.90 -58.10
N SER A 45 0.62 -24.97 -57.64
CA SER A 45 -0.53 -25.35 -56.84
C SER A 45 -1.66 -25.85 -57.73
N PHE A 46 -2.42 -26.82 -57.23
CA PHE A 46 -3.43 -27.44 -58.07
C PHE A 46 -4.56 -27.98 -57.21
N ARG A 47 -5.74 -28.12 -57.83
CA ARG A 47 -6.92 -28.65 -57.15
C ARG A 47 -7.27 -30.02 -57.68
N ARG A 48 -7.63 -30.92 -56.76
CA ARG A 48 -8.32 -32.16 -57.07
C ARG A 48 -9.75 -32.05 -56.56
N GLN A 49 -10.70 -32.55 -57.35
CA GLN A 49 -12.06 -32.72 -56.88
C GLN A 49 -12.24 -34.15 -56.39
N ARG A 50 -12.99 -34.31 -55.31
CA ARG A 50 -13.33 -35.63 -54.81
C ARG A 50 -14.75 -35.55 -54.28
N LYS A 51 -15.41 -36.69 -54.21
CA LYS A 51 -16.85 -36.70 -53.97
C LYS A 51 -17.11 -36.24 -52.54
N GLY A 52 -17.60 -35.00 -52.42
CA GLY A 52 -17.88 -34.39 -51.14
C GLY A 52 -16.86 -33.36 -50.71
N TYR A 53 -15.66 -33.35 -51.29
CA TYR A 53 -14.65 -32.42 -50.80
C TYR A 53 -13.63 -32.07 -51.88
N GLU A 54 -13.17 -30.83 -51.85
CA GLU A 54 -12.12 -30.38 -52.74
C GLU A 54 -10.78 -30.35 -52.00
N GLU A 55 -9.70 -30.70 -52.70
CA GLU A 55 -8.35 -30.61 -52.15
C GLU A 55 -7.57 -29.59 -52.97
N VAL A 56 -6.87 -28.69 -52.27
CA VAL A 56 -5.91 -27.78 -52.89
C VAL A 56 -4.52 -28.15 -52.38
N HIS A 57 -3.59 -28.34 -53.29
CA HIS A 57 -2.20 -28.63 -52.94
C HIS A 57 -1.35 -27.44 -53.29
N VAL A 58 -0.46 -27.05 -52.38
CA VAL A 58 0.53 -26.01 -52.59
C VAL A 58 1.91 -26.61 -52.37
N PRO A 59 2.80 -26.57 -53.35
CA PRO A 59 4.09 -27.27 -53.21
C PRO A 59 5.04 -26.55 -52.28
N ALA A 60 5.98 -27.32 -51.72
CA ALA A 60 6.99 -26.74 -50.84
C ALA A 60 7.86 -25.76 -51.61
N LEU A 61 8.33 -24.72 -50.91
CA LEU A 61 9.01 -23.61 -51.55
C LEU A 61 10.52 -23.83 -51.61
N LYS A 62 11.13 -23.30 -52.66
CA LYS A 62 12.57 -23.38 -52.78
C LYS A 62 13.23 -22.29 -51.95
N PRO A 63 14.23 -22.61 -51.14
CA PRO A 63 15.04 -21.56 -50.50
C PRO A 63 15.59 -20.60 -51.55
N LYS A 64 15.52 -19.31 -51.25
CA LYS A 64 16.15 -18.33 -52.12
C LYS A 64 17.66 -18.52 -52.12
N PRO A 65 18.31 -18.49 -53.28
CA PRO A 65 19.77 -18.52 -53.30
C PRO A 65 20.35 -17.39 -52.46
N PHE A 66 21.45 -17.70 -51.75
CA PHE A 66 21.97 -16.79 -50.73
C PHE A 66 22.08 -15.36 -51.24
N GLY A 67 22.75 -15.17 -52.37
CA GLY A 67 22.77 -13.85 -53.00
C GLY A 67 23.97 -13.02 -52.60
N SER A 68 23.83 -11.72 -52.84
CA SER A 68 24.93 -10.79 -52.61
C SER A 68 25.20 -10.63 -51.12
N GLU A 69 26.48 -10.72 -50.75
CA GLU A 69 26.97 -10.64 -49.37
C GLU A 69 26.01 -11.26 -48.36
N GLU A 70 25.86 -12.58 -48.42
CA GLU A 70 25.10 -13.32 -47.43
C GLU A 70 26.05 -14.33 -46.82
N GLN A 71 26.68 -13.93 -45.71
CA GLN A 71 27.59 -14.80 -44.99
C GLN A 71 27.11 -14.89 -43.55
N LEU A 72 27.08 -16.10 -43.00
CA LEU A 72 26.55 -16.32 -41.66
C LEU A 72 27.59 -15.93 -40.63
N LEU A 73 27.24 -14.99 -39.76
CA LEU A 73 28.21 -14.40 -38.84
C LEU A 73 28.67 -15.42 -37.81
N PRO A 74 29.97 -15.69 -37.70
CA PRO A 74 30.45 -16.53 -36.60
C PRO A 74 30.33 -15.80 -35.27
N VAL A 75 30.03 -16.58 -34.23
CA VAL A 75 29.79 -16.01 -32.91
C VAL A 75 30.99 -15.24 -32.38
N GLU A 76 32.20 -15.54 -32.87
CA GLU A 76 33.38 -14.82 -32.39
C GLU A 76 33.38 -13.38 -32.87
N LYS A 77 32.88 -13.14 -34.09
CA LYS A 77 32.85 -11.77 -34.60
C LYS A 77 31.76 -10.90 -33.96
N LEU A 78 31.01 -11.45 -33.00
CA LEU A 78 30.08 -10.65 -32.22
C LEU A 78 30.82 -9.75 -31.24
N PRO A 79 30.15 -8.72 -30.72
CA PRO A 79 30.61 -8.07 -29.49
C PRO A 79 30.80 -9.08 -28.37
N LYS A 80 31.94 -8.98 -27.67
CA LYS A 80 32.37 -10.05 -26.78
C LYS A 80 31.45 -10.21 -25.56
N TYR A 81 30.85 -9.13 -25.07
CA TYR A 81 29.88 -9.26 -23.98
C TYR A 81 28.67 -10.07 -24.41
N ALA A 82 28.41 -10.18 -25.71
CA ALA A 82 27.24 -10.86 -26.24
C ALA A 82 27.50 -12.32 -26.58
N GLN A 83 28.75 -12.76 -26.55
CA GLN A 83 29.06 -14.12 -26.99
C GLN A 83 28.70 -15.16 -25.94
N ALA A 84 28.72 -14.81 -24.66
CA ALA A 84 28.26 -15.75 -23.64
C ALA A 84 26.81 -16.16 -23.89
N GLY A 85 26.01 -15.25 -24.46
CA GLY A 85 24.62 -15.53 -24.75
C GLY A 85 24.40 -16.44 -25.93
N PHE A 86 25.40 -16.57 -26.81
CA PHE A 86 25.38 -17.55 -27.88
C PHE A 86 26.34 -18.70 -27.60
N GLU A 87 26.57 -18.98 -26.32
CA GLU A 87 27.48 -20.06 -25.93
C GLU A 87 26.89 -21.39 -26.35
N GLY A 88 27.73 -22.23 -26.95
CA GLY A 88 27.27 -23.47 -27.53
C GLY A 88 26.80 -23.36 -28.96
N PHE A 89 26.98 -22.21 -29.60
CA PHE A 89 26.65 -22.04 -31.01
C PHE A 89 27.85 -21.48 -31.73
N LYS A 90 28.00 -21.90 -32.98
CA LYS A 90 29.16 -21.56 -33.80
C LYS A 90 28.86 -20.41 -34.75
N THR A 91 27.78 -20.51 -35.51
CA THR A 91 27.34 -19.47 -36.43
C THR A 91 25.85 -19.21 -36.22
N LEU A 92 25.45 -17.96 -36.45
CA LEU A 92 24.05 -17.60 -36.28
C LEU A 92 23.24 -18.06 -37.50
N ASN A 93 21.93 -18.12 -37.31
CA ASN A 93 21.00 -18.40 -38.40
C ASN A 93 21.21 -17.39 -39.54
N ARG A 94 20.54 -17.65 -40.66
CA ARG A 94 20.55 -16.69 -41.77
C ARG A 94 19.80 -15.42 -41.38
N ILE A 95 18.66 -15.57 -40.71
CA ILE A 95 17.88 -14.42 -40.24
C ILE A 95 18.63 -13.69 -39.12
N GLN A 96 19.24 -14.43 -38.20
CA GLN A 96 20.00 -13.80 -37.13
C GLN A 96 21.22 -13.06 -37.68
N SER A 97 21.81 -13.56 -38.76
CA SER A 97 22.91 -12.85 -39.39
C SER A 97 22.42 -11.57 -40.05
N LYS A 98 21.40 -11.67 -40.91
CA LYS A 98 20.86 -10.47 -41.55
C LYS A 98 20.42 -9.41 -40.54
N LEU A 99 20.27 -9.76 -39.26
CA LEU A 99 19.77 -8.85 -38.24
C LEU A 99 20.76 -8.53 -37.13
N TYR A 100 21.97 -9.11 -37.15
CA TYR A 100 22.91 -8.92 -36.04
C TYR A 100 23.22 -7.44 -35.81
N ARG A 101 23.50 -6.69 -36.88
CA ARG A 101 23.86 -5.29 -36.69
C ARG A 101 22.69 -4.48 -36.15
N ALA A 102 21.50 -4.65 -36.73
CA ALA A 102 20.35 -3.86 -36.28
C ALA A 102 19.96 -4.21 -34.86
N ALA A 103 20.10 -5.47 -34.47
CA ALA A 103 19.68 -5.87 -33.13
C ALA A 103 20.72 -5.51 -32.08
N LEU A 104 22.00 -5.69 -32.41
CA LEU A 104 23.06 -5.56 -31.42
C LEU A 104 23.84 -4.27 -31.50
N GLU A 105 23.89 -3.64 -32.67
CA GLU A 105 24.70 -2.43 -32.84
C GLU A 105 23.89 -1.14 -32.87
N THR A 106 22.55 -1.21 -32.89
CA THR A 106 21.72 -0.02 -32.77
C THR A 106 20.64 -0.26 -31.74
N ASP A 107 19.95 0.82 -31.38
CA ASP A 107 18.79 0.81 -30.49
C ASP A 107 17.50 1.07 -31.25
N GLU A 108 17.52 0.87 -32.57
CA GLU A 108 16.34 1.15 -33.36
C GLU A 108 15.22 0.22 -32.97
N ASN A 109 14.00 0.78 -32.93
CA ASN A 109 12.81 -0.04 -32.93
C ASN A 109 12.82 -0.93 -34.17
N LEU A 110 12.44 -2.20 -33.99
CA LEU A 110 12.52 -3.19 -35.05
C LEU A 110 11.15 -3.81 -35.29
N LEU A 111 10.97 -4.30 -36.51
CA LEU A 111 9.88 -5.19 -36.84
C LEU A 111 10.44 -6.28 -37.73
N LEU A 112 10.38 -7.53 -37.26
CA LEU A 112 10.89 -8.67 -38.01
C LEU A 112 9.72 -9.55 -38.42
N CYS A 113 9.44 -9.59 -39.72
CA CYS A 113 8.44 -10.50 -40.28
C CYS A 113 9.16 -11.70 -40.85
N ALA A 114 8.82 -12.88 -40.37
CA ALA A 114 9.44 -14.11 -40.86
C ALA A 114 8.47 -15.25 -40.64
N PRO A 115 8.59 -16.32 -41.43
CA PRO A 115 7.71 -17.47 -41.22
C PRO A 115 7.88 -18.06 -39.83
N THR A 116 6.84 -18.75 -39.39
CA THR A 116 6.85 -19.40 -38.09
C THR A 116 8.00 -20.39 -38.01
N GLY A 117 8.85 -20.23 -36.99
CA GLY A 117 9.96 -21.13 -36.77
C GLY A 117 11.27 -20.72 -37.38
N ALA A 118 11.33 -19.59 -38.10
CA ALA A 118 12.57 -19.16 -38.74
C ALA A 118 13.52 -18.45 -37.79
N GLY A 119 13.15 -18.31 -36.53
CA GLY A 119 14.14 -18.01 -35.50
C GLY A 119 14.09 -16.59 -34.98
N LYS A 120 12.89 -16.01 -34.91
CA LYS A 120 12.76 -14.65 -34.43
C LYS A 120 13.18 -14.51 -32.97
N THR A 121 12.94 -15.53 -32.15
CA THR A 121 13.19 -15.34 -30.73
C THR A 121 14.68 -15.31 -30.39
N ASN A 122 15.55 -15.82 -31.27
CA ASN A 122 16.97 -15.57 -31.08
C ASN A 122 17.34 -14.13 -31.42
N VAL A 123 16.63 -13.53 -32.37
CA VAL A 123 16.76 -12.09 -32.60
C VAL A 123 16.37 -11.32 -31.33
N ALA A 124 15.29 -11.77 -30.68
CA ALA A 124 14.88 -11.15 -29.43
C ALA A 124 15.96 -11.32 -28.36
N LEU A 125 16.64 -12.46 -28.37
CA LEU A 125 17.78 -12.63 -27.48
C LEU A 125 18.85 -11.59 -27.76
N MET A 126 19.15 -11.34 -29.04
CA MET A 126 20.16 -10.32 -29.33
C MET A 126 19.74 -8.95 -28.82
N CYS A 127 18.47 -8.58 -29.00
CA CYS A 127 18.01 -7.30 -28.49
C CYS A 127 18.16 -7.21 -26.97
N MET A 128 17.69 -8.25 -26.26
CA MET A 128 17.88 -8.31 -24.82
C MET A 128 19.35 -8.22 -24.45
N LEU A 129 20.24 -8.76 -25.30
CA LEU A 129 21.66 -8.76 -24.97
C LEU A 129 22.25 -7.37 -25.11
N ARG A 130 21.86 -6.64 -26.14
CA ARG A 130 22.29 -5.24 -26.22
C ARG A 130 21.86 -4.48 -24.97
N GLU A 131 20.62 -4.68 -24.55
CA GLU A 131 20.18 -4.00 -23.33
C GLU A 131 21.02 -4.43 -22.13
N ILE A 132 21.34 -5.71 -22.03
CA ILE A 132 22.16 -6.20 -20.91
C ILE A 132 23.53 -5.54 -20.92
N GLY A 133 24.13 -5.42 -22.11
CA GLY A 133 25.43 -4.79 -22.22
C GLY A 133 25.42 -3.35 -21.77
N LYS A 134 24.32 -2.65 -22.00
CA LYS A 134 24.21 -1.29 -21.49
C LYS A 134 24.49 -1.16 -19.99
N HIS A 135 24.60 -2.26 -19.26
CA HIS A 135 24.65 -2.21 -17.80
C HIS A 135 25.76 -3.07 -17.22
N ILE A 136 26.91 -3.13 -17.88
CA ILE A 136 28.02 -3.95 -17.43
C ILE A 136 29.12 -3.04 -16.93
N ASN A 137 29.55 -3.26 -15.69
CA ASN A 137 30.56 -2.44 -15.04
C ASN A 137 31.96 -2.95 -15.40
N MET A 138 32.98 -2.46 -14.67
CA MET A 138 34.33 -2.97 -14.83
C MET A 138 34.53 -4.28 -14.06
N ASP A 139 33.87 -4.43 -12.91
CA ASP A 139 33.93 -5.68 -12.17
C ASP A 139 33.38 -6.86 -12.96
N GLY A 140 32.78 -6.62 -14.12
CA GLY A 140 32.13 -7.66 -14.89
C GLY A 140 30.67 -7.90 -14.54
N THR A 141 30.27 -7.55 -13.32
CA THR A 141 28.88 -7.69 -12.91
C THR A 141 27.98 -6.87 -13.83
N ILE A 142 26.70 -7.22 -13.81
CA ILE A 142 25.66 -6.45 -14.49
C ILE A 142 24.81 -5.78 -13.43
N ASN A 143 24.47 -4.51 -13.66
CA ASN A 143 23.58 -3.77 -12.77
C ASN A 143 22.19 -4.33 -12.93
N VAL A 144 21.94 -5.49 -12.32
CA VAL A 144 20.69 -6.20 -12.50
C VAL A 144 19.50 -5.43 -11.94
N ASP A 145 19.75 -4.45 -11.08
CA ASP A 145 18.69 -3.64 -10.52
C ASP A 145 18.54 -2.31 -11.24
N ASP A 146 19.21 -2.13 -12.37
CA ASP A 146 19.20 -0.86 -13.10
C ASP A 146 18.36 -0.90 -14.39
N PHE A 147 17.67 -2.00 -14.68
CA PHE A 147 16.83 -2.08 -15.87
C PHE A 147 15.78 -3.17 -15.70
N LYS A 148 14.82 -3.17 -16.63
CA LYS A 148 13.82 -4.24 -16.79
C LYS A 148 13.55 -4.44 -18.28
N ILE A 149 13.36 -5.69 -18.69
CA ILE A 149 12.98 -6.05 -20.07
C ILE A 149 11.66 -6.80 -20.04
N ILE A 150 10.71 -6.39 -20.88
CA ILE A 150 9.37 -6.99 -20.91
C ILE A 150 9.20 -7.75 -22.22
N TYR A 151 8.94 -9.05 -22.10
CA TYR A 151 8.66 -9.92 -23.23
C TYR A 151 7.18 -10.25 -23.20
N ILE A 152 6.42 -9.67 -24.13
CA ILE A 152 4.98 -9.91 -24.23
C ILE A 152 4.77 -11.07 -25.19
N ALA A 153 4.19 -12.17 -24.68
CA ALA A 153 3.90 -13.35 -25.44
C ALA A 153 2.41 -13.66 -25.35
N PRO A 154 1.77 -14.06 -26.45
CA PRO A 154 0.30 -14.07 -26.49
C PRO A 154 -0.32 -15.21 -25.70
N MET A 155 0.42 -16.25 -25.37
CA MET A 155 -0.13 -17.50 -24.87
C MET A 155 0.59 -17.90 -23.58
N ARG A 156 -0.17 -18.27 -22.55
CA ARG A 156 0.41 -18.64 -21.26
C ARG A 156 1.44 -19.75 -21.40
N SER A 157 1.12 -20.77 -22.18
CA SER A 157 2.05 -21.88 -22.38
C SER A 157 3.35 -21.39 -23.00
N LEU A 158 3.22 -20.58 -24.05
CA LEU A 158 4.40 -19.96 -24.65
C LEU A 158 5.18 -19.17 -23.62
N VAL A 159 4.47 -18.48 -22.72
CA VAL A 159 5.13 -17.67 -21.70
C VAL A 159 5.99 -18.54 -20.79
N GLN A 160 5.46 -19.69 -20.36
CA GLN A 160 6.23 -20.55 -19.47
C GLN A 160 7.46 -21.12 -20.16
N GLU A 161 7.29 -21.61 -21.40
CA GLU A 161 8.46 -22.12 -22.12
C GLU A 161 9.48 -21.01 -22.38
N MET A 162 9.01 -19.77 -22.59
CA MET A 162 9.92 -18.64 -22.77
C MET A 162 10.72 -18.35 -21.50
N VAL A 163 10.06 -18.36 -20.33
CA VAL A 163 10.78 -18.13 -19.09
C VAL A 163 11.90 -19.17 -18.94
N GLY A 164 11.56 -20.44 -19.16
CA GLY A 164 12.58 -21.47 -19.12
C GLY A 164 13.74 -21.20 -20.09
N SER A 165 13.42 -20.95 -21.35
CA SER A 165 14.45 -20.88 -22.39
C SER A 165 15.35 -19.65 -22.21
N PHE A 166 14.74 -18.48 -21.98
CA PHE A 166 15.51 -17.26 -21.77
C PHE A 166 16.30 -17.31 -20.46
N GLY A 167 15.73 -17.90 -19.40
CA GLY A 167 16.50 -18.10 -18.20
C GLY A 167 17.75 -18.93 -18.43
N LYS A 168 17.61 -20.06 -19.14
CA LYS A 168 18.78 -20.89 -19.40
C LYS A 168 19.82 -20.14 -20.22
N ARG A 169 19.40 -19.42 -21.27
CA ARG A 169 20.37 -18.75 -22.12
C ARG A 169 21.05 -17.56 -21.42
N LEU A 170 20.42 -16.98 -20.39
CA LEU A 170 20.96 -15.78 -19.77
C LEU A 170 21.44 -16.00 -18.33
N ALA A 171 21.41 -17.23 -17.83
CA ALA A 171 21.88 -17.48 -16.46
C ALA A 171 23.36 -17.14 -16.30
N THR A 172 24.18 -17.46 -17.30
CA THR A 172 25.59 -17.06 -17.29
C THR A 172 25.78 -15.56 -17.10
N TYR A 173 24.72 -14.76 -17.15
CA TYR A 173 24.82 -13.32 -16.97
C TYR A 173 24.36 -12.85 -15.60
N GLY A 174 23.84 -13.74 -14.76
CA GLY A 174 23.23 -13.33 -13.51
C GLY A 174 21.87 -12.69 -13.67
N ILE A 175 21.12 -13.07 -14.71
CA ILE A 175 19.85 -12.45 -15.07
C ILE A 175 18.71 -13.37 -14.65
N THR A 176 17.70 -12.80 -13.99
CA THR A 176 16.51 -13.53 -13.58
C THR A 176 15.41 -13.31 -14.61
N VAL A 177 14.86 -14.40 -15.15
CA VAL A 177 13.70 -14.36 -16.04
C VAL A 177 12.52 -15.00 -15.31
N ALA A 178 11.35 -14.38 -15.41
CA ALA A 178 10.23 -14.88 -14.63
C ALA A 178 8.91 -14.46 -15.24
N GLU A 179 7.86 -15.21 -14.89
CA GLU A 179 6.50 -14.87 -15.23
C GLU A 179 5.79 -14.30 -14.00
N LEU A 180 4.66 -13.65 -14.25
CA LEU A 180 3.91 -12.95 -13.22
C LEU A 180 2.67 -13.74 -12.86
N THR A 181 2.55 -14.12 -11.59
CA THR A 181 1.38 -14.82 -11.09
C THR A 181 0.17 -13.87 -11.06
N GLY A 182 -0.98 -14.43 -10.69
CA GLY A 182 -2.21 -13.66 -10.61
C GLY A 182 -2.28 -12.71 -9.43
N ASP A 183 -1.75 -13.13 -8.27
CA ASP A 183 -1.74 -12.28 -7.09
C ASP A 183 -0.86 -11.06 -7.32
N HIS A 184 -1.23 -9.96 -6.67
CA HIS A 184 -0.55 -8.67 -6.86
C HIS A 184 0.45 -8.33 -5.76
N GLN A 185 0.25 -8.84 -4.55
CA GLN A 185 1.14 -8.50 -3.44
C GLN A 185 2.48 -9.24 -3.55
N LEU A 186 2.45 -10.52 -3.90
CA LEU A 186 3.69 -11.24 -4.18
C LEU A 186 4.30 -10.81 -5.50
N CYS A 187 3.50 -10.24 -6.40
CA CYS A 187 3.99 -9.84 -7.71
C CYS A 187 5.00 -8.71 -7.63
N LYS A 188 4.85 -7.79 -6.67
CA LYS A 188 5.81 -6.71 -6.53
C LYS A 188 7.16 -7.24 -6.06
N GLU A 189 7.16 -8.17 -5.11
CA GLU A 189 8.39 -8.84 -4.72
C GLU A 189 9.02 -9.57 -5.91
N GLU A 190 8.19 -10.23 -6.73
CA GLU A 190 8.70 -10.85 -7.95
C GLU A 190 9.41 -9.84 -8.83
N ILE A 191 8.72 -8.75 -9.16
CA ILE A 191 9.23 -7.75 -10.10
C ILE A 191 10.49 -7.07 -9.57
N SER A 192 10.63 -6.95 -8.25
CA SER A 192 11.77 -6.21 -7.69
C SER A 192 13.10 -6.76 -8.20
N ALA A 193 13.28 -8.09 -8.21
CA ALA A 193 14.56 -8.69 -8.59
C ALA A 193 14.44 -9.57 -9.83
N THR A 194 13.45 -9.34 -10.68
CA THR A 194 13.32 -10.04 -11.95
C THR A 194 13.76 -9.10 -13.07
N GLN A 195 14.83 -9.46 -13.78
CA GLN A 195 15.30 -8.57 -14.84
C GLN A 195 14.42 -8.66 -16.08
N ILE A 196 14.03 -9.86 -16.48
CA ILE A 196 13.23 -10.08 -17.68
C ILE A 196 11.87 -10.66 -17.29
N ILE A 197 10.83 -9.83 -17.36
CA ILE A 197 9.46 -10.24 -17.09
C ILE A 197 8.80 -10.71 -18.38
N VAL A 198 8.26 -11.92 -18.36
CA VAL A 198 7.58 -12.53 -19.50
C VAL A 198 6.10 -12.64 -19.16
N CYS A 199 5.25 -12.04 -19.98
CA CYS A 199 3.82 -12.06 -19.68
C CYS A 199 3.01 -11.91 -20.95
N THR A 200 1.70 -12.05 -20.80
CA THR A 200 0.77 -11.85 -21.91
C THR A 200 0.46 -10.38 -22.09
N PRO A 201 -0.14 -10.01 -23.21
CA PRO A 201 -0.63 -8.64 -23.34
C PRO A 201 -1.57 -8.22 -22.21
N GLU A 202 -2.47 -9.10 -21.78
CA GLU A 202 -3.49 -8.70 -20.82
C GLU A 202 -2.88 -8.44 -19.43
N LYS A 203 -1.90 -9.24 -19.03
CA LYS A 203 -1.31 -9.03 -17.70
C LYS A 203 -0.50 -7.74 -17.67
N TRP A 204 0.25 -7.45 -18.74
CA TRP A 204 0.99 -6.20 -18.78
C TRP A 204 0.04 -5.02 -18.85
N ASP A 205 -1.07 -5.19 -19.57
CA ASP A 205 -2.05 -4.11 -19.67
C ASP A 205 -2.68 -3.80 -18.32
N ILE A 206 -3.04 -4.82 -17.54
CA ILE A 206 -3.69 -4.54 -16.26
C ILE A 206 -2.69 -3.95 -15.28
N ILE A 207 -1.43 -4.41 -15.33
CA ILE A 207 -0.41 -3.87 -14.45
C ILE A 207 -0.20 -2.39 -14.73
N THR A 208 0.06 -2.04 -15.99
CA THR A 208 0.25 -0.62 -16.29
C THR A 208 -1.05 0.18 -16.23
N ARG A 209 -2.20 -0.49 -16.12
CA ARG A 209 -3.44 0.22 -15.82
C ARG A 209 -3.43 0.73 -14.39
N LYS A 210 -3.01 -0.13 -13.44
CA LYS A 210 -3.01 0.33 -12.05
C LYS A 210 -2.07 1.52 -11.86
N GLY A 211 -0.89 1.48 -12.46
CA GLY A 211 0.08 2.51 -12.16
C GLY A 211 0.47 2.43 -10.69
N GLY A 212 0.34 3.54 -9.99
CA GLY A 212 0.61 3.58 -8.56
C GLY A 212 1.95 4.19 -8.22
N GLU A 213 2.30 4.05 -6.94
CA GLU A 213 3.52 4.63 -6.38
C GLU A 213 4.61 3.58 -6.26
N ARG A 214 5.86 4.03 -6.43
CA ARG A 214 7.06 3.18 -6.36
C ARG A 214 6.90 1.94 -7.23
N THR A 215 6.48 2.16 -8.48
CA THR A 215 6.37 1.09 -9.45
C THR A 215 7.71 0.82 -10.11
N TYR A 216 7.81 -0.35 -10.75
CA TYR A 216 9.03 -0.75 -11.42
C TYR A 216 8.98 -0.51 -12.92
N THR A 217 7.82 -0.09 -13.45
CA THR A 217 7.69 0.20 -14.88
C THR A 217 8.62 1.32 -15.34
N GLN A 218 9.28 2.02 -14.41
CA GLN A 218 10.21 3.07 -14.79
C GLN A 218 11.56 2.52 -15.24
N LEU A 219 11.93 1.32 -14.79
CA LEU A 219 13.20 0.74 -15.20
C LEU A 219 13.13 0.09 -16.57
N VAL A 220 11.93 -0.01 -17.15
CA VAL A 220 11.73 -0.79 -18.36
C VAL A 220 12.37 -0.05 -19.54
N ARG A 221 13.38 -0.68 -20.14
CA ARG A 221 14.04 -0.12 -21.31
C ARG A 221 13.60 -0.77 -22.61
N LEU A 222 13.09 -2.00 -22.55
CA LEU A 222 12.88 -2.78 -23.76
C LEU A 222 11.59 -3.59 -23.63
N ILE A 223 10.72 -3.45 -24.63
CA ILE A 223 9.51 -4.25 -24.73
C ILE A 223 9.57 -5.03 -26.02
N ILE A 224 9.35 -6.33 -25.93
CA ILE A 224 9.22 -7.21 -27.09
C ILE A 224 7.76 -7.65 -27.20
N LEU A 225 7.20 -7.48 -28.38
CA LEU A 225 5.86 -7.96 -28.69
C LEU A 225 6.00 -9.12 -29.66
N ASP A 226 5.90 -10.34 -29.12
CA ASP A 226 6.00 -11.55 -29.93
C ASP A 226 4.66 -11.89 -30.56
N GLU A 227 4.71 -12.37 -31.81
CA GLU A 227 3.50 -12.64 -32.57
C GLU A 227 2.61 -11.40 -32.61
N ILE A 228 3.19 -10.28 -33.06
CA ILE A 228 2.45 -9.04 -33.04
C ILE A 228 1.29 -9.05 -34.03
N HIS A 229 1.24 -10.00 -34.96
CA HIS A 229 0.07 -10.11 -35.82
C HIS A 229 -1.19 -10.46 -35.04
N LEU A 230 -1.06 -10.80 -33.75
CA LEU A 230 -2.22 -10.83 -32.87
C LEU A 230 -3.06 -9.55 -32.98
N LEU A 231 -2.45 -8.44 -33.41
CA LEU A 231 -3.15 -7.20 -33.68
C LEU A 231 -4.47 -7.46 -34.40
N HIS A 232 -4.46 -8.41 -35.34
CA HIS A 232 -5.63 -8.75 -36.15
C HIS A 232 -6.69 -9.57 -35.39
N ASP A 233 -6.33 -10.14 -34.24
CA ASP A 233 -7.24 -10.90 -33.39
C ASP A 233 -8.14 -9.96 -32.60
N ASP A 234 -9.15 -10.53 -31.93
CA ASP A 234 -9.96 -9.72 -31.02
C ASP A 234 -9.15 -9.18 -29.87
N ARG A 235 -8.05 -9.85 -29.52
CA ARG A 235 -7.18 -9.35 -28.46
C ARG A 235 -6.30 -8.19 -28.93
N GLY A 236 -6.09 -8.03 -30.24
CA GLY A 236 -5.24 -7.01 -30.79
C GLY A 236 -5.31 -5.65 -30.12
N PRO A 237 -6.53 -5.17 -29.85
CA PRO A 237 -6.65 -3.83 -29.25
C PRO A 237 -5.80 -3.63 -28.02
N VAL A 238 -5.56 -4.67 -27.21
CA VAL A 238 -4.73 -4.43 -26.03
C VAL A 238 -3.26 -4.24 -26.43
N LEU A 239 -2.81 -4.86 -27.54
CA LEU A 239 -1.50 -4.50 -28.07
C LEU A 239 -1.45 -3.04 -28.48
N GLU A 240 -2.53 -2.54 -29.07
CA GLU A 240 -2.57 -1.11 -29.39
C GLU A 240 -2.52 -0.27 -28.12
N ALA A 241 -3.31 -0.65 -27.11
CA ALA A 241 -3.28 0.05 -25.82
C ALA A 241 -1.87 0.14 -25.28
N LEU A 242 -1.17 -1.00 -25.25
CA LEU A 242 0.19 -1.03 -24.71
C LEU A 242 1.12 -0.13 -25.49
N VAL A 243 1.07 -0.17 -26.83
CA VAL A 243 2.06 0.60 -27.58
C VAL A 243 1.76 2.09 -27.49
N ALA A 244 0.48 2.48 -27.54
CA ALA A 244 0.13 3.89 -27.36
C ALA A 244 0.60 4.39 -26.00
N ARG A 245 0.33 3.61 -24.95
CA ARG A 245 0.77 3.99 -23.61
C ARG A 245 2.29 4.10 -23.54
N ALA A 246 3.01 3.15 -24.14
CA ALA A 246 4.45 3.15 -24.10
C ALA A 246 5.04 4.40 -24.77
N ILE A 247 4.58 4.71 -25.98
CA ILE A 247 5.15 5.82 -26.73
C ILE A 247 4.79 7.16 -26.09
N ARG A 248 3.51 7.34 -25.77
CA ARG A 248 3.13 8.58 -25.10
C ARG A 248 3.89 8.77 -23.79
N ASN A 249 4.13 7.68 -23.03
CA ASN A 249 4.89 7.81 -21.80
C ASN A 249 6.36 8.10 -22.07
N ILE A 250 6.88 7.65 -23.21
CA ILE A 250 8.24 8.03 -23.60
C ILE A 250 8.32 9.54 -23.82
N GLU A 251 7.26 10.12 -24.39
CA GLU A 251 7.28 11.56 -24.60
C GLU A 251 7.22 12.33 -23.27
N MET A 252 6.43 11.87 -22.31
CA MET A 252 6.30 12.61 -21.06
C MET A 252 7.33 12.21 -20.00
N THR A 253 8.39 11.48 -20.39
CA THR A 253 9.58 11.36 -19.55
C THR A 253 10.86 11.58 -20.34
N GLN A 254 10.77 11.72 -21.67
CA GLN A 254 11.91 11.86 -22.58
C GLN A 254 12.95 10.77 -22.42
N GLU A 255 12.57 9.68 -21.74
CA GLU A 255 13.39 8.48 -21.59
C GLU A 255 12.90 7.42 -22.57
N ASP A 256 13.75 7.05 -23.52
CA ASP A 256 13.31 6.17 -24.60
C ASP A 256 13.08 4.75 -24.10
N VAL A 257 12.19 4.05 -24.79
CA VAL A 257 11.98 2.62 -24.60
C VAL A 257 11.99 1.98 -25.98
N ARG A 258 12.83 0.95 -26.13
CA ARG A 258 12.99 0.28 -27.41
C ARG A 258 11.88 -0.74 -27.62
N LEU A 259 11.23 -0.67 -28.79
CA LEU A 259 10.14 -1.58 -29.16
C LEU A 259 10.59 -2.55 -30.24
N ILE A 260 10.37 -3.83 -29.99
CA ILE A 260 10.71 -4.89 -30.96
C ILE A 260 9.45 -5.69 -31.23
N GLY A 261 8.98 -5.69 -32.48
CA GLY A 261 7.84 -6.52 -32.89
C GLY A 261 8.29 -7.73 -33.70
N LEU A 262 7.76 -8.89 -33.33
CA LEU A 262 7.98 -10.12 -34.08
C LEU A 262 6.65 -10.51 -34.69
N SER A 263 6.65 -10.78 -35.99
CA SER A 263 5.40 -10.99 -36.72
C SER A 263 5.56 -12.04 -37.78
N ALA A 264 4.52 -12.86 -37.97
CA ALA A 264 4.42 -13.68 -39.17
C ALA A 264 4.34 -12.76 -40.38
N THR A 265 4.66 -13.31 -41.55
CA THR A 265 4.67 -12.51 -42.77
C THR A 265 3.24 -12.39 -43.31
N LEU A 266 2.65 -11.20 -43.18
CA LEU A 266 1.28 -10.95 -43.61
C LEU A 266 1.14 -9.51 -44.06
N PRO A 267 0.22 -9.22 -44.98
CA PRO A 267 0.10 -7.85 -45.50
C PRO A 267 -0.18 -6.82 -44.41
N ASN A 268 0.39 -5.61 -44.61
CA ASN A 268 0.27 -4.41 -43.77
C ASN A 268 1.43 -4.28 -42.80
N TYR A 269 2.49 -5.05 -42.99
CA TYR A 269 3.65 -4.96 -42.10
C TYR A 269 4.28 -3.57 -42.13
N GLU A 270 4.19 -2.86 -43.25
CA GLU A 270 4.64 -1.47 -43.25
C GLU A 270 3.80 -0.61 -42.30
N ASP A 271 2.48 -0.86 -42.26
CA ASP A 271 1.63 -0.13 -41.33
C ASP A 271 1.97 -0.47 -39.88
N VAL A 272 2.21 -1.75 -39.59
CA VAL A 272 2.61 -2.12 -38.24
C VAL A 272 3.92 -1.43 -37.88
N ALA A 273 4.88 -1.42 -38.82
CA ALA A 273 6.15 -0.76 -38.57
C ALA A 273 5.97 0.71 -38.26
N THR A 274 5.08 1.39 -39.00
CA THR A 274 4.72 2.77 -38.70
C THR A 274 4.20 2.89 -37.27
N PHE A 275 3.25 2.01 -36.92
CA PHE A 275 2.65 1.98 -35.60
C PHE A 275 3.68 1.76 -34.48
N LEU A 276 4.75 1.01 -34.75
CA LEU A 276 5.82 0.82 -33.78
C LEU A 276 6.87 1.92 -33.82
N ARG A 277 6.70 2.92 -34.68
CA ARG A 277 7.76 3.88 -34.96
C ARG A 277 9.03 3.13 -35.33
N VAL A 278 8.91 2.27 -36.33
CA VAL A 278 10.03 1.59 -36.94
C VAL A 278 10.39 2.34 -38.20
N ASP A 279 11.65 2.78 -38.30
CA ASP A 279 12.16 3.35 -39.53
C ASP A 279 12.24 2.27 -40.60
N PRO A 280 11.41 2.31 -41.65
CA PRO A 280 11.45 1.25 -42.66
C PRO A 280 12.83 1.05 -43.25
N ALA A 281 13.53 2.16 -43.50
CA ALA A 281 14.89 2.09 -44.00
C ALA A 281 15.82 1.39 -43.02
N LYS A 282 15.68 1.66 -41.71
CA LYS A 282 16.68 1.21 -40.75
C LYS A 282 16.30 -0.05 -39.97
N GLY A 283 15.03 -0.41 -39.86
CA GLY A 283 14.74 -1.50 -38.95
C GLY A 283 13.57 -2.41 -39.28
N LEU A 284 13.19 -2.47 -40.57
CA LEU A 284 12.13 -3.33 -41.04
C LEU A 284 12.75 -4.49 -41.81
N PHE A 285 12.34 -5.71 -41.48
CA PHE A 285 12.91 -6.90 -42.11
C PHE A 285 11.78 -7.86 -42.47
N TYR A 286 11.53 -8.01 -43.77
CA TYR A 286 10.51 -8.91 -44.30
C TYR A 286 11.20 -10.12 -44.93
N PHE A 287 10.96 -11.30 -44.35
CA PHE A 287 11.49 -12.57 -44.87
C PHE A 287 10.33 -13.45 -45.32
N ASP A 288 10.22 -13.70 -46.63
CA ASP A 288 9.10 -14.45 -47.19
C ASP A 288 9.18 -15.92 -46.77
N ASN A 289 8.15 -16.69 -47.14
CA ASN A 289 7.97 -18.03 -46.57
C ASN A 289 8.98 -19.06 -47.07
N SER A 290 9.81 -18.72 -48.07
CA SER A 290 10.92 -19.58 -48.41
C SER A 290 11.97 -19.67 -47.31
N PHE A 291 11.88 -18.81 -46.31
CA PHE A 291 12.76 -18.85 -45.14
C PHE A 291 12.21 -19.73 -44.04
N ARG A 292 11.14 -20.46 -44.29
CA ARG A 292 10.72 -21.47 -43.32
C ARG A 292 11.86 -22.44 -43.10
N PRO A 293 12.26 -22.70 -41.86
CA PRO A 293 13.41 -23.59 -41.62
C PRO A 293 13.30 -24.94 -42.32
N VAL A 294 12.09 -25.45 -42.50
CA VAL A 294 11.86 -26.67 -43.28
C VAL A 294 10.78 -26.39 -44.31
N PRO A 295 11.00 -26.67 -45.60
CA PRO A 295 9.96 -26.41 -46.60
C PRO A 295 8.68 -27.16 -46.28
N LEU A 296 7.55 -26.59 -46.68
CA LEU A 296 6.24 -27.10 -46.30
C LEU A 296 5.38 -27.31 -47.53
N GLU A 297 4.97 -28.55 -47.75
N GLU A 297 5.00 -28.57 -47.77
CA GLU A 297 4.02 -28.87 -48.81
CA GLU A 297 4.02 -28.92 -48.78
C GLU A 297 2.64 -28.97 -48.17
C GLU A 297 2.64 -28.94 -48.11
N GLN A 298 1.76 -28.06 -48.54
CA GLN A 298 0.47 -27.89 -47.88
C GLN A 298 -0.64 -28.60 -48.63
N THR A 299 -1.54 -29.21 -47.86
CA THR A 299 -2.77 -29.80 -48.38
C THR A 299 -3.95 -29.20 -47.63
N TYR A 300 -4.77 -28.42 -48.33
CA TYR A 300 -6.00 -27.90 -47.78
C TYR A 300 -7.15 -28.76 -48.28
N VAL A 301 -8.03 -29.15 -47.38
CA VAL A 301 -9.17 -29.97 -47.73
C VAL A 301 -10.43 -29.24 -47.28
N GLY A 302 -11.25 -28.81 -48.23
CA GLY A 302 -12.49 -28.17 -47.94
C GLY A 302 -13.65 -29.11 -48.19
N ILE A 303 -14.38 -29.44 -47.13
CA ILE A 303 -15.53 -30.32 -47.23
C ILE A 303 -16.73 -29.53 -47.70
N THR A 304 -17.46 -30.07 -48.68
CA THR A 304 -18.64 -29.40 -49.19
C THR A 304 -19.93 -29.90 -48.55
N GLU A 305 -19.95 -31.09 -47.96
CA GLU A 305 -21.18 -31.63 -47.42
C GLU A 305 -21.67 -30.79 -46.25
N LYS A 306 -22.97 -30.52 -46.21
CA LYS A 306 -23.53 -29.65 -45.20
C LYS A 306 -24.49 -30.35 -44.25
N LYS A 307 -24.69 -31.66 -44.40
CA LYS A 307 -25.43 -32.43 -43.40
C LYS A 307 -24.44 -32.99 -42.38
N ALA A 308 -24.68 -32.69 -41.10
CA ALA A 308 -23.67 -32.93 -40.09
C ALA A 308 -23.28 -34.40 -40.00
N ILE A 309 -24.26 -35.30 -40.00
CA ILE A 309 -23.95 -36.72 -39.82
C ILE A 309 -23.05 -37.21 -40.95
N LYS A 310 -23.34 -36.79 -42.18
CA LYS A 310 -22.50 -37.16 -43.31
C LYS A 310 -21.11 -36.52 -43.18
N ARG A 311 -21.05 -35.28 -42.71
CA ARG A 311 -19.78 -34.58 -42.63
C ARG A 311 -18.84 -35.23 -41.61
N PHE A 312 -19.38 -35.73 -40.51
CA PHE A 312 -18.53 -36.37 -39.50
C PHE A 312 -17.82 -37.59 -40.08
N GLN A 313 -18.58 -38.46 -40.76
CA GLN A 313 -17.94 -39.61 -41.39
C GLN A 313 -17.05 -39.20 -42.55
N ILE A 314 -17.38 -38.13 -43.27
CA ILE A 314 -16.53 -37.69 -44.37
C ILE A 314 -15.17 -37.25 -43.83
N MET A 315 -15.18 -36.55 -42.70
CA MET A 315 -13.93 -36.07 -42.12
C MET A 315 -13.12 -37.22 -41.55
N ASN A 316 -13.77 -38.18 -40.89
CA ASN A 316 -13.01 -39.32 -40.40
C ASN A 316 -12.46 -40.16 -41.55
N GLU A 317 -13.17 -40.21 -42.68
CA GLU A 317 -12.65 -40.88 -43.86
C GLU A 317 -11.41 -40.17 -44.40
N ILE A 318 -11.46 -38.84 -44.51
CA ILE A 318 -10.30 -38.09 -45.01
C ILE A 318 -9.12 -38.26 -44.06
N VAL A 319 -9.37 -38.24 -42.76
CA VAL A 319 -8.29 -38.44 -41.79
C VAL A 319 -7.65 -39.81 -41.96
N TYR A 320 -8.48 -40.85 -42.09
CA TYR A 320 -7.93 -42.18 -42.29
C TYR A 320 -7.09 -42.24 -43.55
N GLU A 321 -7.66 -41.81 -44.69
CA GLU A 321 -6.94 -41.90 -45.95
C GLU A 321 -5.62 -41.15 -45.91
N LYS A 322 -5.62 -39.93 -45.35
CA LYS A 322 -4.37 -39.20 -45.28
C LYS A 322 -3.38 -39.85 -44.32
N ILE A 323 -3.86 -40.47 -43.24
CA ILE A 323 -2.94 -41.15 -42.32
C ILE A 323 -2.28 -42.33 -42.99
N MET A 324 -3.04 -43.07 -43.82
CA MET A 324 -2.47 -44.22 -44.51
C MET A 324 -1.33 -43.82 -45.44
N GLU A 325 -1.38 -42.60 -45.99
CA GLU A 325 -0.29 -42.14 -46.85
C GLU A 325 1.01 -41.98 -46.07
N HIS A 326 0.97 -42.07 -44.75
CA HIS A 326 2.16 -41.93 -43.93
C HIS A 326 2.40 -43.11 -42.99
N ALA A 327 1.47 -44.07 -42.91
CA ALA A 327 1.58 -45.19 -41.98
C ALA A 327 2.91 -45.91 -42.11
N GLY A 328 3.65 -45.98 -41.01
CA GLY A 328 4.96 -46.61 -41.02
C GLY A 328 6.02 -45.87 -41.80
N LYS A 329 5.73 -44.65 -42.24
CA LYS A 329 6.72 -43.81 -42.92
C LYS A 329 6.95 -42.48 -42.24
N ASN A 330 5.92 -41.89 -41.64
CA ASN A 330 6.05 -40.61 -40.93
C ASN A 330 5.08 -40.59 -39.76
N GLN A 331 5.58 -40.24 -38.59
CA GLN A 331 4.71 -40.03 -37.43
C GLN A 331 3.87 -38.78 -37.66
N VAL A 332 2.54 -38.91 -37.51
CA VAL A 332 1.61 -37.83 -37.81
C VAL A 332 0.97 -37.30 -36.54
N LEU A 333 0.87 -35.98 -36.45
CA LEU A 333 0.30 -35.27 -35.31
C LEU A 333 -0.99 -34.60 -35.74
N VAL A 334 -2.10 -35.06 -35.20
CA VAL A 334 -3.42 -34.54 -35.51
C VAL A 334 -3.87 -33.62 -34.38
N PHE A 335 -4.16 -32.37 -34.72
CA PHE A 335 -4.71 -31.40 -33.77
C PHE A 335 -6.23 -31.39 -33.83
N VAL A 336 -6.86 -31.49 -32.66
CA VAL A 336 -8.30 -31.39 -32.48
C VAL A 336 -8.57 -30.41 -31.34
N HIS A 337 -9.80 -29.92 -31.26
CA HIS A 337 -10.06 -28.67 -30.57
C HIS A 337 -10.84 -28.85 -29.27
N SER A 338 -10.80 -30.05 -28.67
CA SER A 338 -11.35 -30.28 -27.35
C SER A 338 -10.49 -31.29 -26.62
N ARG A 339 -10.73 -31.42 -25.32
CA ARG A 339 -10.05 -32.46 -24.55
C ARG A 339 -10.63 -33.84 -24.83
N LYS A 340 -11.95 -33.94 -25.04
CA LYS A 340 -12.54 -35.23 -25.34
C LYS A 340 -12.22 -35.69 -26.74
N GLU A 341 -12.06 -34.75 -27.67
CA GLU A 341 -11.94 -35.14 -29.08
C GLU A 341 -10.60 -35.76 -29.37
N THR A 342 -9.56 -35.47 -28.59
CA THR A 342 -8.30 -36.17 -28.77
C THR A 342 -8.51 -37.68 -28.73
N GLY A 343 -9.06 -38.17 -27.62
CA GLY A 343 -9.35 -39.58 -27.49
C GLY A 343 -10.41 -40.06 -28.47
N LYS A 344 -11.47 -39.28 -28.65
CA LYS A 344 -12.53 -39.73 -29.56
C LYS A 344 -11.97 -39.98 -30.96
N THR A 345 -11.15 -39.06 -31.46
CA THR A 345 -10.55 -39.19 -32.79
C THR A 345 -9.49 -40.29 -32.83
N ALA A 346 -8.59 -40.36 -31.83
CA ALA A 346 -7.60 -41.43 -31.84
C ALA A 346 -8.25 -42.81 -31.82
N ARG A 347 -9.34 -42.96 -31.06
CA ARG A 347 -10.05 -44.23 -31.01
C ARG A 347 -10.79 -44.50 -32.31
N ALA A 348 -11.38 -43.46 -32.92
CA ALA A 348 -11.99 -43.66 -34.24
C ALA A 348 -10.96 -44.16 -35.25
N ILE A 349 -9.75 -43.60 -35.21
CA ILE A 349 -8.71 -44.01 -36.16
C ILE A 349 -8.24 -45.42 -35.88
N ARG A 350 -8.06 -45.77 -34.59
CA ARG A 350 -7.69 -47.15 -34.25
C ARG A 350 -8.73 -48.14 -34.74
N ASP A 351 -10.01 -47.82 -34.58
CA ASP A 351 -11.05 -48.75 -34.99
C ASP A 351 -11.11 -48.90 -36.51
N MET A 352 -10.91 -47.80 -37.25
CA MET A 352 -10.81 -47.91 -38.70
C MET A 352 -9.58 -48.70 -39.13
N CYS A 353 -8.50 -48.63 -38.35
CA CYS A 353 -7.33 -49.46 -38.64
C CYS A 353 -7.60 -50.92 -38.33
N LEU A 354 -8.41 -51.17 -37.30
CA LEU A 354 -8.73 -52.53 -36.90
C LEU A 354 -9.63 -53.21 -37.92
N GLU A 355 -10.61 -52.48 -38.45
CA GLU A 355 -11.50 -53.07 -39.46
C GLU A 355 -10.71 -53.55 -40.66
N LYS A 356 -9.66 -52.83 -41.04
CA LYS A 356 -8.75 -53.28 -42.07
C LYS A 356 -7.57 -54.02 -41.43
N ASP A 357 -6.67 -54.52 -42.28
CA ASP A 357 -5.41 -55.11 -41.81
C ASP A 357 -4.39 -54.05 -41.44
N THR A 358 -4.85 -52.81 -41.23
CA THR A 358 -3.95 -51.66 -41.26
C THR A 358 -3.08 -51.57 -40.01
N LEU A 359 -3.57 -52.08 -38.88
CA LEU A 359 -2.92 -51.82 -37.59
C LEU A 359 -1.43 -52.19 -37.59
N GLY A 360 -1.03 -53.17 -38.39
CA GLY A 360 0.36 -53.60 -38.39
C GLY A 360 1.32 -52.64 -39.05
N LEU A 361 0.81 -51.60 -39.71
CA LEU A 361 1.65 -50.70 -40.49
C LEU A 361 2.36 -49.65 -39.65
N PHE A 362 1.82 -49.31 -38.47
CA PHE A 362 2.47 -48.33 -37.60
C PHE A 362 3.53 -48.98 -36.73
N LEU A 363 3.15 -50.03 -36.01
CA LEU A 363 4.08 -50.73 -35.13
C LEU A 363 4.94 -51.69 -35.96
N ARG A 364 6.26 -51.60 -35.78
CA ARG A 364 7.20 -52.34 -36.59
C ARG A 364 7.19 -53.82 -36.21
N GLU A 365 7.80 -54.64 -37.07
CA GLU A 365 8.12 -56.01 -36.71
C GLU A 365 9.23 -56.05 -35.66
N GLY A 366 10.04 -54.99 -35.58
CA GLY A 366 10.96 -54.85 -34.48
C GLY A 366 10.22 -54.50 -33.21
N SER A 367 10.25 -55.39 -32.21
CA SER A 367 9.38 -55.30 -31.05
C SER A 367 9.88 -54.33 -29.99
N ALA A 368 10.98 -53.61 -30.23
CA ALA A 368 11.46 -52.66 -29.23
C ALA A 368 10.40 -51.62 -28.91
N SER A 369 9.97 -50.88 -29.94
CA SER A 369 8.97 -49.84 -29.74
C SER A 369 7.66 -50.41 -29.23
N THR A 370 7.22 -51.55 -29.77
CA THR A 370 5.94 -52.10 -29.38
C THR A 370 5.95 -52.53 -27.91
N GLU A 371 7.06 -53.11 -27.45
CA GLU A 371 7.13 -53.53 -26.05
C GLU A 371 7.28 -52.34 -25.12
N VAL A 372 8.00 -51.30 -25.54
CA VAL A 372 8.02 -50.06 -24.75
C VAL A 372 6.61 -49.55 -24.56
N LEU A 373 5.83 -49.53 -25.65
CA LEU A 373 4.45 -49.05 -25.58
C LEU A 373 3.60 -49.94 -24.67
N ARG A 374 3.72 -51.26 -24.81
CA ARG A 374 2.94 -52.16 -23.97
C ARG A 374 3.28 -51.99 -22.50
N THR A 375 4.57 -51.80 -22.19
CA THR A 375 4.99 -51.57 -20.81
C THR A 375 4.38 -50.28 -20.27
N GLU A 376 4.52 -49.19 -21.03
CA GLU A 376 4.06 -47.90 -20.53
C GLU A 376 2.53 -47.83 -20.45
N ALA A 377 1.84 -48.59 -21.30
CA ALA A 377 0.39 -48.74 -21.17
C ALA A 377 0.00 -49.68 -20.04
N GLU A 378 0.92 -50.57 -19.63
CA GLU A 378 0.68 -51.40 -18.45
C GLU A 378 1.08 -50.69 -17.18
N GLN A 379 2.03 -49.75 -17.26
CA GLN A 379 2.27 -48.83 -16.16
C GLN A 379 1.14 -47.82 -16.01
N CYS A 380 0.08 -47.95 -16.82
CA CYS A 380 -1.22 -47.31 -16.59
C CYS A 380 -1.10 -45.79 -16.47
N LYS A 381 -0.71 -45.18 -17.57
CA LYS A 381 -0.63 -43.72 -17.59
C LYS A 381 -2.01 -43.09 -17.70
N ASN A 382 -2.96 -43.79 -18.30
CA ASN A 382 -4.36 -43.38 -18.36
C ASN A 382 -5.16 -44.48 -19.03
N LEU A 383 -6.46 -44.50 -18.74
CA LEU A 383 -7.35 -45.48 -19.35
C LEU A 383 -7.39 -45.33 -20.87
N GLU A 384 -7.59 -44.09 -21.35
CA GLU A 384 -7.49 -43.84 -22.78
C GLU A 384 -6.09 -44.14 -23.29
N LEU A 385 -5.07 -43.89 -22.47
CA LEU A 385 -3.73 -44.30 -22.83
C LEU A 385 -3.59 -45.82 -22.83
N LYS A 386 -4.24 -46.50 -21.86
CA LYS A 386 -4.28 -47.97 -21.89
C LYS A 386 -4.83 -48.47 -23.21
N ASP A 387 -5.83 -47.78 -23.76
CA ASP A 387 -6.35 -48.17 -25.06
C ASP A 387 -5.36 -47.87 -26.18
N LEU A 388 -4.81 -46.66 -26.19
CA LEU A 388 -4.16 -46.15 -27.39
C LEU A 388 -2.67 -46.50 -27.47
N LEU A 389 -1.92 -46.29 -26.37
CA LEU A 389 -0.49 -46.58 -26.38
C LEU A 389 -0.11 -47.95 -26.93
N PRO A 390 -0.81 -49.05 -26.62
CA PRO A 390 -0.40 -50.35 -27.17
C PRO A 390 -0.44 -50.42 -28.69
N TYR A 391 -1.26 -49.61 -29.35
CA TYR A 391 -1.42 -49.71 -30.80
C TYR A 391 -0.50 -48.77 -31.57
N GLY A 392 0.11 -47.80 -30.90
CA GLY A 392 0.92 -46.80 -31.57
C GLY A 392 0.29 -45.42 -31.56
N PHE A 393 -0.96 -45.31 -31.14
CA PHE A 393 -1.64 -44.03 -31.02
C PHE A 393 -1.39 -43.43 -29.64
N ALA A 394 -1.58 -42.11 -29.53
CA ALA A 394 -1.47 -41.44 -28.25
C ALA A 394 -2.26 -40.14 -28.28
N ILE A 395 -2.63 -39.65 -27.09
CA ILE A 395 -3.28 -38.36 -26.98
C ILE A 395 -2.42 -37.47 -26.08
N HIS A 396 -2.65 -36.16 -26.19
CA HIS A 396 -1.93 -35.19 -25.36
C HIS A 396 -2.80 -33.94 -25.22
N HIS A 397 -3.27 -33.66 -24.01
CA HIS A 397 -4.12 -32.49 -23.79
C HIS A 397 -3.95 -32.00 -22.36
N ALA A 398 -4.74 -30.99 -22.02
CA ALA A 398 -4.47 -30.20 -20.83
C ALA A 398 -4.87 -30.96 -19.56
N GLY A 399 -5.99 -31.68 -19.60
CA GLY A 399 -6.50 -32.34 -18.41
C GLY A 399 -5.61 -33.42 -17.84
N MET A 400 -4.63 -33.90 -18.62
CA MET A 400 -3.78 -34.99 -18.18
C MET A 400 -2.81 -34.51 -17.09
N THR A 401 -2.02 -35.45 -16.58
CA THR A 401 -1.04 -35.15 -15.55
C THR A 401 0.30 -34.80 -16.17
N ARG A 402 1.12 -34.04 -15.42
CA ARG A 402 2.41 -33.61 -15.94
C ARG A 402 3.29 -34.80 -16.31
N VAL A 403 3.18 -35.90 -15.54
CA VAL A 403 3.96 -37.09 -15.84
C VAL A 403 3.48 -37.74 -17.13
N ASP A 404 2.15 -37.85 -17.31
CA ASP A 404 1.62 -38.42 -18.54
C ASP A 404 1.98 -37.57 -19.75
N ARG A 405 1.86 -36.24 -19.64
CA ARG A 405 2.20 -35.36 -20.76
C ARG A 405 3.68 -35.45 -21.10
N THR A 406 4.55 -35.48 -20.09
CA THR A 406 5.98 -35.63 -20.35
C THR A 406 6.29 -36.99 -20.98
N LEU A 407 5.60 -38.05 -20.53
CA LEU A 407 5.83 -39.36 -21.12
C LEU A 407 5.38 -39.39 -22.57
N VAL A 408 4.27 -38.74 -22.88
CA VAL A 408 3.79 -38.69 -24.26
C VAL A 408 4.80 -37.94 -25.14
N GLU A 409 5.28 -36.80 -24.63
CA GLU A 409 6.31 -36.06 -25.38
C GLU A 409 7.54 -36.92 -25.63
N ASP A 410 8.00 -37.66 -24.61
CA ASP A 410 9.21 -38.44 -24.77
C ASP A 410 8.99 -39.62 -25.70
N LEU A 411 7.83 -40.29 -25.59
CA LEU A 411 7.52 -41.41 -26.48
C LEU A 411 7.35 -40.97 -27.92
N PHE A 412 6.92 -39.72 -28.13
CA PHE A 412 6.83 -39.22 -29.51
C PHE A 412 8.19 -38.82 -30.05
N ALA A 413 8.99 -38.11 -29.24
CA ALA A 413 10.33 -37.72 -29.68
C ALA A 413 11.20 -38.94 -29.95
N ASP A 414 11.02 -40.00 -29.15
CA ASP A 414 11.70 -41.27 -29.34
C ASP A 414 10.97 -42.19 -30.32
N LYS A 415 9.99 -41.66 -31.05
CA LYS A 415 9.40 -42.30 -32.23
C LYS A 415 8.69 -43.61 -31.91
N HIS A 416 8.24 -43.77 -30.66
CA HIS A 416 7.39 -44.92 -30.32
C HIS A 416 5.95 -44.70 -30.78
N ILE A 417 5.42 -43.49 -30.56
CA ILE A 417 4.11 -43.12 -31.08
C ILE A 417 4.25 -42.78 -32.55
N GLN A 418 3.30 -43.28 -33.36
CA GLN A 418 3.23 -42.88 -34.76
C GLN A 418 2.07 -41.94 -35.05
N VAL A 419 1.07 -41.88 -34.17
CA VAL A 419 -0.10 -41.03 -34.37
C VAL A 419 -0.45 -40.34 -33.05
N LEU A 420 -0.07 -39.07 -32.93
CA LEU A 420 -0.31 -38.29 -31.72
C LEU A 420 -1.45 -37.31 -31.97
N VAL A 421 -2.51 -37.39 -31.17
CA VAL A 421 -3.68 -36.53 -31.30
C VAL A 421 -3.74 -35.60 -30.10
N SER A 422 -3.76 -34.29 -30.37
CA SER A 422 -3.46 -33.28 -29.37
C SER A 422 -4.36 -32.07 -29.57
N THR A 423 -4.25 -31.13 -28.63
CA THR A 423 -4.88 -29.83 -28.64
C THR A 423 -3.85 -28.76 -28.99
N ALA A 424 -4.30 -27.51 -29.06
CA ALA A 424 -3.39 -26.42 -29.36
C ALA A 424 -2.35 -26.20 -28.27
N THR A 425 -2.61 -26.70 -27.05
CA THR A 425 -1.69 -26.43 -25.94
C THR A 425 -0.32 -27.02 -26.22
N LEU A 426 -0.28 -28.17 -26.88
CA LEU A 426 0.99 -28.79 -27.22
C LEU A 426 1.72 -28.04 -28.32
N ALA A 427 0.97 -27.44 -29.25
CA ALA A 427 1.62 -26.62 -30.27
C ALA A 427 2.20 -25.34 -29.68
N TRP A 428 1.59 -24.82 -28.60
CA TRP A 428 2.08 -23.57 -28.03
C TRP A 428 3.17 -23.77 -26.97
N GLY A 429 2.91 -24.60 -25.96
CA GLY A 429 3.83 -24.73 -24.85
C GLY A 429 4.67 -25.98 -24.81
N VAL A 430 4.89 -26.61 -25.97
CA VAL A 430 5.81 -27.74 -26.10
C VAL A 430 6.45 -27.66 -27.48
N ASN A 431 7.78 -27.70 -27.53
CA ASN A 431 8.49 -27.86 -28.79
C ASN A 431 8.46 -29.34 -29.16
N LEU A 432 7.58 -29.70 -30.09
CA LEU A 432 7.39 -31.10 -30.48
C LEU A 432 6.93 -31.13 -31.91
N PRO A 433 7.87 -31.11 -32.87
CA PRO A 433 7.48 -31.23 -34.28
C PRO A 433 7.29 -32.67 -34.72
N ALA A 434 6.30 -32.86 -35.59
CA ALA A 434 6.08 -34.11 -36.31
C ALA A 434 6.34 -33.87 -37.79
N HIS A 435 6.69 -34.95 -38.52
CA HIS A 435 6.90 -34.81 -39.95
C HIS A 435 5.63 -34.31 -40.61
N THR A 436 4.50 -34.94 -40.30
CA THR A 436 3.23 -34.62 -40.91
C THR A 436 2.28 -34.13 -39.84
N VAL A 437 1.67 -32.97 -40.09
CA VAL A 437 0.68 -32.38 -39.19
C VAL A 437 -0.65 -32.36 -39.89
N ILE A 438 -1.71 -32.75 -39.19
CA ILE A 438 -3.07 -32.70 -39.69
C ILE A 438 -3.90 -31.87 -38.72
N ILE A 439 -4.64 -30.92 -39.25
CA ILE A 439 -5.56 -30.10 -38.47
C ILE A 439 -6.95 -30.65 -38.74
N LYS A 440 -7.49 -31.43 -37.80
CA LYS A 440 -8.76 -32.12 -38.03
C LYS A 440 -9.90 -31.16 -37.69
N GLY A 441 -10.38 -30.46 -38.71
CA GLY A 441 -11.41 -29.46 -38.52
C GLY A 441 -10.84 -28.14 -38.02
N THR A 442 -11.46 -27.03 -38.39
CA THR A 442 -11.03 -25.71 -37.95
C THR A 442 -12.13 -25.00 -37.18
N GLN A 443 -12.95 -25.77 -36.47
CA GLN A 443 -14.11 -25.24 -35.77
C GLN A 443 -13.93 -25.49 -34.28
N VAL A 444 -14.11 -24.44 -33.49
CA VAL A 444 -13.90 -24.48 -32.04
C VAL A 444 -15.08 -23.80 -31.37
N TYR A 445 -15.40 -24.23 -30.15
CA TYR A 445 -16.49 -23.61 -29.41
C TYR A 445 -15.93 -22.49 -28.55
N SER A 446 -16.31 -21.25 -28.83
CA SER A 446 -15.93 -20.15 -27.98
C SER A 446 -17.07 -19.81 -27.04
N PRO A 447 -16.88 -19.95 -25.73
CA PRO A 447 -17.92 -19.52 -24.77
C PRO A 447 -18.13 -18.01 -24.74
N GLU A 448 -17.08 -17.22 -24.97
CA GLU A 448 -17.25 -15.78 -24.99
C GLU A 448 -18.26 -15.36 -26.06
N LYS A 449 -18.19 -16.00 -27.23
CA LYS A 449 -19.17 -15.77 -28.27
C LYS A 449 -20.36 -16.72 -28.16
N GLY A 450 -20.37 -17.58 -27.16
CA GLY A 450 -21.48 -18.48 -26.92
C GLY A 450 -21.83 -19.36 -28.10
N ARG A 451 -20.86 -19.73 -28.93
CA ARG A 451 -21.19 -20.43 -30.17
C ARG A 451 -19.93 -21.06 -30.76
N TRP A 452 -20.11 -21.70 -31.92
CA TRP A 452 -18.99 -22.27 -32.66
C TRP A 452 -18.43 -21.22 -33.61
N THR A 453 -17.14 -21.35 -33.89
CA THR A 453 -16.37 -20.30 -34.55
C THR A 453 -15.12 -20.95 -35.10
N GLU A 454 -14.32 -20.17 -35.82
CA GLU A 454 -13.12 -20.74 -36.41
C GLU A 454 -11.92 -20.59 -35.47
N LEU A 455 -10.90 -21.40 -35.73
CA LEU A 455 -9.65 -21.24 -35.00
C LEU A 455 -9.04 -19.87 -35.30
N GLY A 456 -8.44 -19.28 -34.27
CA GLY A 456 -7.68 -18.06 -34.48
C GLY A 456 -6.49 -18.30 -35.39
N ALA A 457 -6.07 -17.22 -36.04
CA ALA A 457 -4.96 -17.32 -36.98
C ALA A 457 -3.68 -17.77 -36.27
N LEU A 458 -3.47 -17.33 -35.03
CA LEU A 458 -2.25 -17.70 -34.32
C LEU A 458 -2.19 -19.20 -34.06
N ASP A 459 -3.30 -19.80 -33.63
CA ASP A 459 -3.34 -21.24 -33.41
C ASP A 459 -3.03 -22.01 -34.69
N ILE A 460 -3.70 -21.64 -35.78
CA ILE A 460 -3.47 -22.29 -37.06
C ILE A 460 -2.00 -22.19 -37.45
N LEU A 461 -1.46 -20.97 -37.40
CA LEU A 461 -0.09 -20.74 -37.83
C LEU A 461 0.87 -21.57 -36.99
N GLN A 462 0.66 -21.57 -35.68
CA GLN A 462 1.55 -22.30 -34.79
C GLN A 462 1.51 -23.80 -35.10
N MET A 463 0.30 -24.34 -35.22
CA MET A 463 0.15 -25.77 -35.44
C MET A 463 0.82 -26.19 -36.74
N LEU A 464 0.52 -25.49 -37.84
CA LEU A 464 1.18 -25.85 -39.10
C LEU A 464 2.65 -25.49 -39.10
N GLY A 465 3.09 -24.65 -38.15
CA GLY A 465 4.52 -24.43 -37.99
C GLY A 465 5.20 -25.63 -37.37
N ARG A 466 4.45 -26.40 -36.58
CA ARG A 466 4.99 -27.64 -36.03
C ARG A 466 5.12 -28.77 -37.09
N ALA A 467 5.17 -28.47 -38.39
CA ALA A 467 5.27 -29.48 -39.44
C ALA A 467 6.70 -29.56 -39.96
N GLY A 468 7.31 -30.74 -39.84
CA GLY A 468 8.67 -30.90 -40.32
C GLY A 468 9.72 -30.80 -39.23
N ARG A 469 10.13 -31.96 -38.72
CA ARG A 469 11.26 -32.03 -37.78
C ARG A 469 12.45 -31.27 -38.37
N PRO A 470 13.07 -30.35 -37.60
CA PRO A 470 13.97 -29.38 -38.22
C PRO A 470 15.18 -30.00 -38.91
N GLN A 471 15.89 -30.89 -38.23
CA GLN A 471 17.04 -31.55 -38.84
C GLN A 471 16.72 -32.95 -39.39
N TYR A 472 15.69 -33.61 -38.87
CA TYR A 472 15.37 -34.95 -39.35
C TYR A 472 14.85 -34.92 -40.79
N ASP A 473 13.89 -34.04 -41.07
CA ASP A 473 13.16 -34.06 -42.33
C ASP A 473 13.74 -33.06 -43.34
N THR A 474 13.64 -33.42 -44.63
CA THR A 474 13.98 -32.51 -45.72
C THR A 474 12.80 -31.67 -46.16
N LYS A 475 11.58 -32.06 -45.77
CA LYS A 475 10.39 -31.25 -45.98
C LYS A 475 9.35 -31.74 -44.98
N GLY A 476 8.42 -30.84 -44.64
CA GLY A 476 7.31 -31.21 -43.78
C GLY A 476 6.01 -31.16 -44.55
N GLU A 477 4.96 -31.78 -44.03
CA GLU A 477 3.68 -31.87 -44.75
C GLU A 477 2.54 -31.47 -43.83
N GLY A 478 1.89 -30.36 -44.17
CA GLY A 478 0.77 -29.88 -43.38
C GLY A 478 -0.55 -30.02 -44.11
N ILE A 479 -1.46 -30.77 -43.49
CA ILE A 479 -2.77 -31.05 -44.03
C ILE A 479 -3.78 -30.31 -43.16
N LEU A 480 -4.64 -29.52 -43.79
CA LEU A 480 -5.63 -28.73 -43.07
C LEU A 480 -7.01 -29.09 -43.58
N ILE A 481 -7.90 -29.53 -42.69
CA ILE A 481 -9.24 -29.95 -43.07
C ILE A 481 -10.24 -28.94 -42.52
N THR A 482 -11.08 -28.41 -43.40
CA THR A 482 -11.98 -27.31 -43.05
C THR A 482 -13.21 -27.40 -43.93
N SER A 483 -14.19 -26.55 -43.63
CA SER A 483 -15.31 -26.36 -44.55
C SER A 483 -14.83 -25.67 -45.81
N HIS A 484 -15.52 -25.94 -46.92
CA HIS A 484 -15.06 -25.44 -48.20
C HIS A 484 -15.04 -23.91 -48.23
N GLY A 485 -16.05 -23.28 -47.64
CA GLY A 485 -16.13 -21.83 -47.68
C GLY A 485 -14.94 -21.12 -47.07
N GLU A 486 -14.28 -21.76 -46.10
CA GLU A 486 -13.15 -21.14 -45.43
C GLU A 486 -11.83 -21.36 -46.16
N LEU A 487 -11.84 -22.13 -47.25
CA LEU A 487 -10.59 -22.43 -47.96
C LEU A 487 -9.79 -21.17 -48.27
N GLN A 488 -10.38 -20.25 -49.04
CA GLN A 488 -9.65 -19.07 -49.46
C GLN A 488 -9.14 -18.27 -48.27
N TYR A 489 -9.78 -18.40 -47.12
CA TYR A 489 -9.23 -17.78 -45.91
C TYR A 489 -7.91 -18.42 -45.52
N TYR A 490 -7.93 -19.73 -45.26
CA TYR A 490 -6.71 -20.38 -44.77
C TYR A 490 -5.61 -20.32 -45.82
N LEU A 491 -5.97 -20.54 -47.09
CA LEU A 491 -5.07 -20.28 -48.20
C LEU A 491 -4.37 -18.92 -48.06
N SER A 492 -5.16 -17.88 -47.79
CA SER A 492 -4.57 -16.56 -47.57
C SER A 492 -3.59 -16.58 -46.39
N LEU A 493 -4.05 -17.07 -45.23
CA LEU A 493 -3.25 -16.90 -44.02
C LEU A 493 -1.89 -17.57 -44.16
N LEU A 494 -1.85 -18.77 -44.72
CA LEU A 494 -0.61 -19.50 -44.79
C LEU A 494 0.21 -19.17 -46.04
N ASN A 495 -0.20 -18.15 -46.80
CA ASN A 495 0.53 -17.79 -48.02
C ASN A 495 0.66 -16.27 -48.14
N GLN A 496 0.87 -15.62 -46.98
CA GLN A 496 1.31 -14.24 -46.89
C GLN A 496 0.28 -13.26 -47.43
N GLN A 497 -1.01 -13.56 -47.34
CA GLN A 497 -1.97 -12.71 -48.02
C GLN A 497 -3.19 -12.31 -47.21
N LEU A 498 -3.33 -12.76 -45.97
CA LEU A 498 -4.39 -12.27 -45.11
C LEU A 498 -3.89 -11.01 -44.39
N PRO A 499 -4.36 -9.82 -44.75
CA PRO A 499 -3.80 -8.60 -44.17
C PRO A 499 -4.16 -8.48 -42.70
N ILE A 500 -3.38 -7.64 -42.01
CA ILE A 500 -3.53 -7.44 -40.57
C ILE A 500 -4.31 -6.15 -40.36
N GLU A 501 -5.57 -6.28 -39.97
CA GLU A 501 -6.39 -5.11 -39.67
C GLU A 501 -6.51 -4.94 -38.17
N SER A 502 -7.11 -3.81 -37.78
CA SER A 502 -7.25 -3.41 -36.39
C SER A 502 -8.66 -3.68 -35.92
N GLN A 503 -8.79 -4.23 -34.72
CA GLN A 503 -10.07 -4.46 -34.09
C GLN A 503 -10.38 -3.44 -32.99
N MET A 504 -9.78 -2.24 -33.09
CA MET A 504 -9.81 -1.29 -31.99
C MET A 504 -11.22 -0.85 -31.62
N VAL A 505 -12.08 -0.59 -32.61
CA VAL A 505 -13.35 0.05 -32.26
C VAL A 505 -14.17 -0.90 -31.41
N SER A 506 -14.06 -2.20 -31.64
CA SER A 506 -14.76 -3.19 -30.83
C SER A 506 -14.42 -3.09 -29.36
N LYS A 507 -13.38 -2.33 -29.00
CA LYS A 507 -12.99 -2.16 -27.61
C LYS A 507 -12.73 -0.70 -27.26
N LEU A 508 -13.16 0.25 -28.11
CA LEU A 508 -12.75 1.64 -27.91
C LEU A 508 -13.18 2.20 -26.56
N PRO A 509 -14.47 2.18 -26.14
CA PRO A 509 -14.80 2.72 -24.81
C PRO A 509 -13.91 2.17 -23.71
N ASP A 510 -13.88 0.84 -23.51
CA ASP A 510 -13.05 0.26 -22.46
C ASP A 510 -11.64 0.83 -22.49
N MET A 511 -10.97 0.72 -23.64
CA MET A 511 -9.60 1.19 -23.76
C MET A 511 -9.49 2.67 -23.40
N LEU A 512 -10.40 3.49 -23.93
CA LEU A 512 -10.37 4.92 -23.62
C LEU A 512 -10.48 5.16 -22.13
N ASN A 513 -11.40 4.46 -21.47
CA ASN A 513 -11.56 4.67 -20.03
C ASN A 513 -10.24 4.44 -19.30
N ALA A 514 -9.46 3.45 -19.74
CA ALA A 514 -8.24 3.13 -19.04
C ALA A 514 -7.22 4.28 -19.14
N GLU A 515 -7.23 4.98 -20.26
CA GLU A 515 -6.34 6.13 -20.36
C GLU A 515 -6.92 7.36 -19.67
N ILE A 516 -8.22 7.36 -19.39
CA ILE A 516 -8.78 8.45 -18.58
C ILE A 516 -8.45 8.23 -17.12
N VAL A 517 -8.56 6.98 -16.65
CA VAL A 517 -8.33 6.69 -15.25
C VAL A 517 -6.85 6.86 -14.91
N LEU A 518 -5.98 6.76 -15.92
CA LEU A 518 -4.54 6.86 -15.72
C LEU A 518 -4.07 8.31 -15.70
N GLY A 519 -4.96 9.27 -15.93
CA GLY A 519 -4.60 10.65 -16.08
C GLY A 519 -4.09 11.02 -17.46
N ASN A 520 -3.74 10.05 -18.30
CA ASN A 520 -3.12 10.34 -19.59
C ASN A 520 -4.07 11.01 -20.57
N VAL A 521 -5.37 10.83 -20.43
CA VAL A 521 -6.33 11.51 -21.29
C VAL A 521 -7.32 12.23 -20.39
N GLN A 522 -7.40 13.55 -20.54
CA GLN A 522 -8.20 14.40 -19.67
C GLN A 522 -9.29 15.13 -20.44
N ASN A 523 -9.34 14.98 -21.76
CA ASN A 523 -10.34 15.66 -22.59
C ASN A 523 -10.33 15.01 -23.96
N ALA A 524 -11.34 15.36 -24.75
CA ALA A 524 -11.43 14.77 -26.09
C ALA A 524 -10.20 15.10 -26.94
N LYS A 525 -9.60 16.28 -26.76
CA LYS A 525 -8.41 16.63 -27.52
C LYS A 525 -7.27 15.66 -27.24
N ASP A 526 -6.97 15.41 -25.96
CA ASP A 526 -5.98 14.40 -25.60
C ASP A 526 -6.38 13.05 -26.14
N ALA A 527 -7.68 12.74 -26.12
CA ALA A 527 -8.12 11.45 -26.62
C ALA A 527 -7.77 11.29 -28.09
N VAL A 528 -8.07 12.31 -28.89
CA VAL A 528 -7.72 12.28 -30.31
C VAL A 528 -6.23 12.09 -30.48
N ASN A 529 -5.45 12.88 -29.73
CA ASN A 529 -4.00 12.70 -29.77
C ASN A 529 -3.63 11.26 -29.47
N TRP A 530 -4.28 10.68 -28.48
CA TRP A 530 -3.96 9.31 -28.09
C TRP A 530 -4.27 8.34 -29.21
N LEU A 531 -5.43 8.52 -29.83
CA LEU A 531 -5.91 7.58 -30.84
C LEU A 531 -5.08 7.69 -32.10
N GLY A 532 -4.34 8.79 -32.26
CA GLY A 532 -3.34 8.89 -33.32
C GLY A 532 -2.17 7.92 -33.18
N TYR A 533 -2.00 7.31 -32.00
CA TYR A 533 -0.95 6.32 -31.78
C TYR A 533 -1.40 4.89 -32.03
N ALA A 534 -2.72 4.66 -32.04
CA ALA A 534 -3.23 3.31 -32.21
C ALA A 534 -2.97 2.80 -33.63
N TYR A 535 -2.89 1.47 -33.74
CA TYR A 535 -2.78 0.85 -35.05
C TYR A 535 -4.02 1.16 -35.89
N LEU A 536 -5.19 1.26 -35.25
CA LEU A 536 -6.39 1.66 -35.94
C LEU A 536 -6.18 2.94 -36.76
N TYR A 537 -5.43 3.90 -36.20
CA TYR A 537 -5.27 5.17 -36.90
C TYR A 537 -4.51 4.98 -38.20
N ILE A 538 -3.36 4.31 -38.16
CA ILE A 538 -2.59 4.15 -39.39
C ILE A 538 -3.39 3.35 -40.42
N ARG A 539 -4.18 2.37 -39.96
CA ARG A 539 -4.96 1.59 -40.93
C ARG A 539 -6.12 2.41 -41.53
N MET A 540 -6.74 3.27 -40.72
CA MET A 540 -7.77 4.15 -41.27
C MET A 540 -7.18 5.12 -42.27
N LEU A 541 -5.95 5.60 -42.02
CA LEU A 541 -5.29 6.46 -42.99
C LEU A 541 -4.96 5.73 -44.29
N ARG A 542 -4.43 4.49 -44.18
CA ARG A 542 -3.91 3.79 -45.36
C ARG A 542 -5.03 3.23 -46.23
N SER A 543 -6.08 2.67 -45.64
CA SER A 543 -7.20 2.14 -46.40
C SER A 543 -8.53 2.52 -45.74
N PRO A 544 -8.95 3.78 -45.93
CA PRO A 544 -10.13 4.27 -45.20
C PRO A 544 -11.41 3.52 -45.49
N THR A 545 -11.56 2.94 -46.68
CA THR A 545 -12.85 2.36 -47.06
C THR A 545 -13.21 1.18 -46.17
N LEU A 546 -12.20 0.38 -45.77
CA LEU A 546 -12.43 -0.71 -44.85
C LEU A 546 -13.02 -0.24 -43.53
N TYR A 547 -12.57 0.91 -43.02
CA TYR A 547 -13.01 1.38 -41.72
C TYR A 547 -14.18 2.36 -41.81
N GLY A 548 -14.77 2.52 -42.98
CA GLY A 548 -16.01 3.25 -43.15
C GLY A 548 -15.89 4.68 -43.59
N ILE A 549 -14.71 5.11 -44.02
CA ILE A 549 -14.45 6.50 -44.38
C ILE A 549 -14.42 6.61 -45.89
N SER A 550 -15.20 7.53 -46.44
CA SER A 550 -15.25 7.70 -47.88
C SER A 550 -13.97 8.37 -48.37
N HIS A 551 -13.71 8.24 -49.67
CA HIS A 551 -12.53 8.89 -50.22
C HIS A 551 -12.73 10.39 -50.39
N ASP A 552 -13.97 10.86 -50.42
CA ASP A 552 -14.20 12.29 -50.27
C ASP A 552 -14.10 12.71 -48.81
N ASP A 553 -14.52 11.84 -47.89
CA ASP A 553 -14.34 12.10 -46.47
C ASP A 553 -12.88 12.41 -46.15
N LEU A 554 -11.98 11.48 -46.49
CA LEU A 554 -10.58 11.61 -46.10
C LEU A 554 -9.95 12.86 -46.68
N LYS A 555 -10.27 13.19 -47.94
CA LYS A 555 -9.74 14.43 -48.52
C LYS A 555 -10.33 15.66 -47.84
N GLY A 556 -11.55 15.56 -47.32
CA GLY A 556 -12.05 16.63 -46.48
C GLY A 556 -11.36 16.71 -45.13
N ASP A 557 -10.71 15.62 -44.70
CA ASP A 557 -10.21 15.47 -43.33
C ASP A 557 -8.89 14.73 -43.36
N PRO A 558 -7.89 15.28 -44.05
CA PRO A 558 -6.69 14.48 -44.39
C PRO A 558 -5.95 13.87 -43.21
N LEU A 559 -6.02 14.49 -42.02
CA LEU A 559 -5.43 13.87 -40.84
C LEU A 559 -6.46 13.09 -40.02
N LEU A 560 -7.70 13.01 -40.52
CA LEU A 560 -8.81 12.32 -39.85
C LEU A 560 -9.06 12.89 -38.46
N ASP A 561 -9.04 14.22 -38.34
CA ASP A 561 -9.27 14.86 -37.04
C ASP A 561 -10.74 14.78 -36.65
N GLN A 562 -11.63 15.15 -37.56
CA GLN A 562 -13.07 15.08 -37.30
C GLN A 562 -13.50 13.64 -37.00
N ARG A 563 -12.95 12.68 -37.74
CA ARG A 563 -13.32 11.28 -37.53
C ARG A 563 -12.91 10.80 -36.14
N ARG A 564 -11.68 11.11 -35.74
CA ARG A 564 -11.24 10.71 -34.42
C ARG A 564 -12.06 11.41 -33.35
N LEU A 565 -12.40 12.68 -33.58
CA LEU A 565 -13.27 13.40 -32.65
C LEU A 565 -14.60 12.70 -32.51
N ASP A 566 -15.15 12.19 -33.61
CA ASP A 566 -16.46 11.54 -33.54
C ASP A 566 -16.37 10.21 -32.80
N LEU A 567 -15.31 9.43 -33.02
CA LEU A 567 -15.14 8.17 -32.30
C LEU A 567 -14.96 8.42 -30.80
N VAL A 568 -14.10 9.37 -30.44
CA VAL A 568 -13.90 9.71 -29.04
C VAL A 568 -15.18 10.25 -28.43
N HIS A 569 -15.92 11.08 -29.17
CA HIS A 569 -17.21 11.59 -28.72
C HIS A 569 -18.18 10.45 -28.41
N THR A 570 -18.25 9.46 -29.32
CA THR A 570 -19.16 8.34 -29.13
C THR A 570 -18.77 7.50 -27.91
N ALA A 571 -17.50 7.12 -27.81
CA ALA A 571 -17.05 6.34 -26.66
C ALA A 571 -17.22 7.11 -25.36
N ALA A 572 -16.89 8.40 -25.37
CA ALA A 572 -17.08 9.24 -24.21
C ALA A 572 -18.53 9.21 -23.75
N LEU A 573 -19.48 9.36 -24.68
CA LEU A 573 -20.88 9.36 -24.27
C LEU A 573 -21.29 8.00 -23.71
N MET A 574 -20.83 6.93 -24.33
CA MET A 574 -21.11 5.61 -23.78
C MET A 574 -20.60 5.51 -22.34
N LEU A 575 -19.35 5.92 -22.10
CA LEU A 575 -18.80 5.85 -20.75
C LEU A 575 -19.56 6.75 -19.79
N ASP A 576 -20.03 7.90 -20.28
CA ASP A 576 -20.76 8.83 -19.43
C ASP A 576 -22.12 8.25 -19.03
N LYS A 577 -22.80 7.60 -19.98
CA LYS A 577 -24.08 6.99 -19.66
C LYS A 577 -23.92 5.86 -18.66
N ASN A 578 -22.84 5.09 -18.78
CA ASN A 578 -22.62 4.00 -17.84
C ASN A 578 -22.00 4.46 -16.52
N ASN A 579 -21.80 5.76 -16.32
CA ASN A 579 -21.35 6.37 -15.06
C ASN A 579 -19.89 6.08 -14.74
N LEU A 580 -19.07 5.78 -15.75
CA LEU A 580 -17.64 5.62 -15.51
C LEU A 580 -16.91 6.96 -15.56
N VAL A 581 -17.51 7.97 -16.18
CA VAL A 581 -16.84 9.23 -16.49
C VAL A 581 -17.89 10.33 -16.52
N LYS A 582 -17.49 11.55 -16.16
CA LYS A 582 -18.32 12.73 -16.38
C LYS A 582 -17.80 13.41 -17.62
N TYR A 583 -18.57 13.33 -18.72
CA TYR A 583 -18.16 13.90 -20.00
C TYR A 583 -18.92 15.21 -20.20
N ASP A 584 -18.19 16.33 -20.22
CA ASP A 584 -18.79 17.63 -20.51
C ASP A 584 -18.57 17.97 -21.99
N LYS A 585 -19.66 17.92 -22.78
CA LYS A 585 -19.56 18.02 -24.24
C LYS A 585 -19.08 19.39 -24.70
N LYS A 586 -19.47 20.46 -24.00
CA LYS A 586 -19.03 21.79 -24.40
C LYS A 586 -17.51 21.86 -24.32
N THR A 587 -16.99 21.83 -23.09
CA THR A 587 -15.55 21.87 -22.89
C THR A 587 -14.87 20.65 -23.46
N GLY A 588 -15.58 19.53 -23.54
CA GLY A 588 -14.98 18.26 -23.93
C GLY A 588 -14.19 17.59 -22.84
N ASN A 589 -14.57 17.78 -21.58
CA ASN A 589 -13.71 17.41 -20.47
C ASN A 589 -14.15 16.10 -19.83
N PHE A 590 -13.16 15.38 -19.30
CA PHE A 590 -13.27 13.99 -18.87
C PHE A 590 -12.96 13.92 -17.38
N GLN A 591 -13.99 13.87 -16.53
CA GLN A 591 -13.78 13.71 -15.09
C GLN A 591 -13.86 12.23 -14.70
N VAL A 592 -12.81 11.74 -14.02
CA VAL A 592 -12.74 10.33 -13.61
C VAL A 592 -13.76 10.05 -12.51
N THR A 593 -14.12 8.77 -12.36
CA THR A 593 -14.95 8.32 -11.26
C THR A 593 -14.39 7.02 -10.68
N GLU A 594 -14.82 6.72 -9.45
CA GLU A 594 -14.45 5.47 -8.80
C GLU A 594 -14.95 4.27 -9.58
N LEU A 595 -16.19 4.35 -10.09
CA LEU A 595 -16.72 3.29 -10.95
C LEU A 595 -15.83 3.10 -12.17
N GLY A 596 -15.43 4.19 -12.81
CA GLY A 596 -14.50 4.08 -13.93
C GLY A 596 -13.19 3.42 -13.53
N ARG A 597 -12.66 3.79 -12.37
CA ARG A 597 -11.36 3.25 -12.00
C ARG A 597 -11.45 1.76 -11.71
N ILE A 598 -12.51 1.34 -11.00
CA ILE A 598 -12.66 -0.10 -10.73
C ILE A 598 -12.86 -0.86 -12.04
N ALA A 599 -13.55 -0.28 -13.02
CA ALA A 599 -13.68 -0.96 -14.30
C ALA A 599 -12.34 -1.04 -15.02
N SER A 600 -11.47 -0.05 -14.86
CA SER A 600 -10.14 -0.17 -15.47
C SER A 600 -9.28 -1.20 -14.73
N HIS A 601 -9.23 -1.11 -13.40
CA HIS A 601 -8.22 -1.82 -12.64
C HIS A 601 -8.55 -3.30 -12.54
N TYR A 602 -9.83 -3.67 -12.59
CA TYR A 602 -10.22 -5.07 -12.55
C TYR A 602 -10.57 -5.61 -13.93
N TYR A 603 -10.33 -4.82 -14.98
CA TYR A 603 -10.43 -5.29 -16.36
C TYR A 603 -11.89 -5.60 -16.75
N ILE A 604 -12.84 -4.93 -16.11
CA ILE A 604 -14.26 -5.13 -16.36
C ILE A 604 -14.70 -4.24 -17.53
N THR A 605 -15.57 -4.75 -18.37
CA THR A 605 -16.15 -3.91 -19.40
C THR A 605 -17.21 -2.97 -18.78
N ASN A 606 -17.40 -1.81 -19.42
CA ASN A 606 -18.13 -0.71 -18.77
C ASN A 606 -19.63 -1.01 -18.62
N ASP A 607 -20.21 -1.77 -19.56
CA ASP A 607 -21.59 -2.20 -19.37
C ASP A 607 -21.76 -2.95 -18.05
N THR A 608 -20.81 -3.83 -17.71
CA THR A 608 -20.93 -4.57 -16.47
C THR A 608 -20.99 -3.63 -15.28
N VAL A 609 -20.08 -2.66 -15.21
CA VAL A 609 -20.02 -1.84 -14.01
C VAL A 609 -21.23 -0.94 -13.94
N GLN A 610 -21.82 -0.58 -15.08
CA GLN A 610 -23.11 0.10 -14.99
C GLN A 610 -24.16 -0.82 -14.37
N THR A 611 -24.17 -2.10 -14.77
CA THR A 611 -25.12 -3.06 -14.19
C THR A 611 -24.94 -3.20 -12.68
N TYR A 612 -23.68 -3.37 -12.25
CA TYR A 612 -23.37 -3.43 -10.83
C TYR A 612 -23.87 -2.18 -10.10
N ASN A 613 -23.49 -0.99 -10.58
CA ASN A 613 -23.92 0.25 -9.94
C ASN A 613 -25.44 0.33 -9.86
N GLN A 614 -26.13 -0.28 -10.83
CA GLN A 614 -27.59 -0.21 -10.86
C GLN A 614 -28.24 -1.21 -9.91
N LEU A 615 -27.67 -2.39 -9.75
CA LEU A 615 -28.32 -3.42 -8.94
C LEU A 615 -27.78 -3.53 -7.52
N LEU A 616 -26.54 -3.09 -7.25
CA LEU A 616 -25.98 -3.28 -5.92
C LEU A 616 -26.69 -2.38 -4.92
N LYS A 617 -27.17 -2.99 -3.83
CA LYS A 617 -27.86 -2.35 -2.73
C LYS A 617 -27.33 -2.97 -1.45
N PRO A 618 -27.32 -2.22 -0.34
CA PRO A 618 -26.77 -2.80 0.89
C PRO A 618 -27.61 -3.95 1.46
N THR A 619 -28.91 -3.98 1.19
CA THR A 619 -29.77 -5.05 1.69
C THR A 619 -29.74 -6.31 0.82
N LEU A 620 -28.69 -6.50 0.02
CA LEU A 620 -28.59 -7.65 -0.87
C LEU A 620 -28.15 -8.89 -0.11
N SER A 621 -28.62 -10.04 -0.57
CA SER A 621 -28.27 -11.35 -0.04
C SER A 621 -27.56 -12.18 -1.11
N GLU A 622 -27.04 -13.34 -0.70
CA GLU A 622 -26.35 -14.22 -1.63
C GLU A 622 -27.17 -14.47 -2.89
N ILE A 623 -28.50 -14.55 -2.75
CA ILE A 623 -29.38 -14.79 -3.89
C ILE A 623 -29.22 -13.69 -4.93
N GLU A 624 -29.50 -12.45 -4.53
CA GLU A 624 -29.38 -11.34 -5.46
C GLU A 624 -27.93 -11.11 -5.85
N LEU A 625 -26.98 -11.43 -4.97
CA LEU A 625 -25.57 -11.30 -5.31
C LEU A 625 -25.21 -12.19 -6.50
N PHE A 626 -25.64 -13.46 -6.45
CA PHE A 626 -25.36 -14.39 -7.54
C PHE A 626 -26.07 -13.97 -8.82
N ARG A 627 -27.31 -13.48 -8.70
CA ARG A 627 -28.00 -12.96 -9.88
C ARG A 627 -27.24 -11.78 -10.49
N VAL A 628 -26.77 -10.85 -9.66
CA VAL A 628 -26.07 -9.67 -10.15
C VAL A 628 -24.79 -10.08 -10.88
N PHE A 629 -24.01 -10.97 -10.26
CA PHE A 629 -22.86 -11.56 -10.93
C PHE A 629 -23.27 -12.10 -12.30
N SER A 630 -24.28 -12.95 -12.33
CA SER A 630 -24.69 -13.63 -13.56
C SER A 630 -25.13 -12.66 -14.64
N LEU A 631 -25.49 -11.43 -14.28
CA LEU A 631 -25.95 -10.47 -15.28
C LEU A 631 -24.80 -9.72 -15.95
N SER A 632 -23.56 -10.12 -15.69
CA SER A 632 -22.41 -9.40 -16.23
C SER A 632 -22.38 -9.47 -17.74
N SER A 633 -21.89 -8.40 -18.35
CA SER A 633 -21.83 -8.32 -19.80
C SER A 633 -20.78 -9.26 -20.39
N GLU A 634 -19.80 -9.72 -19.61
CA GLU A 634 -18.86 -10.72 -20.12
C GLU A 634 -19.60 -11.97 -20.58
N PHE A 635 -20.72 -12.28 -19.93
CA PHE A 635 -21.55 -13.45 -20.19
C PHE A 635 -22.65 -13.17 -21.22
N LYS A 636 -22.57 -12.02 -21.88
CA LYS A 636 -23.60 -11.51 -22.78
C LYS A 636 -24.13 -12.56 -23.77
N ASN A 637 -23.24 -13.30 -24.42
CA ASN A 637 -23.65 -14.22 -25.48
C ASN A 637 -23.94 -15.62 -24.98
N ILE A 638 -23.96 -15.83 -23.66
CA ILE A 638 -24.25 -17.17 -23.15
C ILE A 638 -25.73 -17.44 -23.30
N THR A 639 -26.08 -18.65 -23.78
CA THR A 639 -27.47 -19.04 -23.99
C THR A 639 -27.74 -20.42 -23.40
N VAL A 640 -29.01 -20.69 -23.13
CA VAL A 640 -29.46 -21.98 -22.61
C VAL A 640 -29.92 -22.81 -23.79
N ARG A 641 -29.06 -23.70 -24.28
CA ARG A 641 -29.43 -24.56 -25.38
C ARG A 641 -30.38 -25.66 -24.91
N GLU A 642 -31.23 -26.11 -25.84
CA GLU A 642 -32.23 -27.11 -25.52
C GLU A 642 -31.62 -28.33 -24.85
N GLU A 643 -30.59 -28.91 -25.48
CA GLU A 643 -29.95 -30.11 -24.99
C GLU A 643 -29.36 -29.95 -23.59
N GLU A 644 -29.19 -28.71 -23.11
CA GLU A 644 -28.66 -28.51 -21.78
C GLU A 644 -29.73 -28.60 -20.70
N LYS A 645 -30.99 -28.30 -21.05
CA LYS A 645 -31.99 -27.97 -20.05
C LYS A 645 -32.26 -29.13 -19.09
N LEU A 646 -32.04 -30.37 -19.53
CA LEU A 646 -32.17 -31.49 -18.60
C LEU A 646 -31.09 -31.42 -17.53
N GLU A 647 -29.83 -31.41 -17.95
CA GLU A 647 -28.73 -31.41 -16.98
C GLU A 647 -28.75 -30.17 -16.11
N LEU A 648 -29.14 -29.02 -16.68
CA LEU A 648 -29.29 -27.83 -15.85
C LEU A 648 -30.40 -28.01 -14.84
N GLN A 649 -31.52 -28.63 -15.24
CA GLN A 649 -32.65 -28.74 -14.33
C GLN A 649 -32.27 -29.51 -13.08
N LYS A 650 -31.68 -30.69 -13.24
CA LYS A 650 -31.29 -31.48 -12.07
C LYS A 650 -30.29 -30.73 -11.20
N LEU A 651 -29.60 -29.74 -11.74
CA LEU A 651 -28.70 -28.95 -10.91
C LEU A 651 -29.39 -27.75 -10.27
N LEU A 652 -30.39 -27.17 -10.93
CA LEU A 652 -31.04 -25.98 -10.40
C LEU A 652 -31.62 -26.25 -9.01
N GLU A 653 -32.31 -27.40 -8.87
CA GLU A 653 -32.90 -27.84 -7.61
C GLU A 653 -31.91 -28.55 -6.70
N ARG A 654 -30.61 -28.40 -6.97
CA ARG A 654 -29.55 -29.01 -6.19
C ARG A 654 -28.60 -28.00 -5.54
N VAL A 655 -28.40 -26.85 -6.16
CA VAL A 655 -27.49 -25.81 -5.66
C VAL A 655 -28.08 -25.17 -4.41
N PRO A 656 -27.26 -24.67 -3.49
CA PRO A 656 -27.79 -24.19 -2.19
C PRO A 656 -28.25 -22.73 -2.16
N ILE A 657 -27.99 -21.95 -3.21
CA ILE A 657 -28.51 -20.60 -3.29
C ILE A 657 -29.73 -20.63 -4.22
N PRO A 658 -30.94 -20.37 -3.73
CA PRO A 658 -32.11 -20.39 -4.62
C PRO A 658 -31.93 -19.44 -5.79
N VAL A 659 -32.42 -19.85 -6.95
CA VAL A 659 -32.34 -19.04 -8.16
C VAL A 659 -33.77 -18.63 -8.48
N LYS A 660 -34.02 -17.32 -8.37
CA LYS A 660 -35.38 -16.81 -8.55
C LYS A 660 -35.92 -17.10 -9.95
N GLU A 661 -35.17 -16.73 -10.99
CA GLU A 661 -35.68 -16.73 -12.36
C GLU A 661 -35.55 -18.11 -13.02
N SER A 662 -36.28 -18.27 -14.13
CA SER A 662 -36.46 -19.56 -14.77
C SER A 662 -35.21 -20.04 -15.48
N ILE A 663 -35.09 -21.36 -15.61
CA ILE A 663 -33.95 -21.94 -16.29
C ILE A 663 -34.01 -21.67 -17.79
N GLU A 664 -35.17 -21.25 -18.29
CA GLU A 664 -35.27 -20.81 -19.68
C GLU A 664 -34.35 -19.63 -19.99
N GLU A 665 -33.92 -18.88 -18.97
CA GLU A 665 -33.09 -17.68 -19.06
C GLU A 665 -31.63 -18.00 -18.77
N PRO A 666 -30.70 -17.39 -19.53
CA PRO A 666 -29.28 -17.73 -19.37
C PRO A 666 -28.66 -17.17 -18.09
N SER A 667 -29.21 -16.11 -17.52
CA SER A 667 -28.79 -15.66 -16.19
C SER A 667 -28.86 -16.81 -15.18
N ALA A 668 -29.94 -17.59 -15.23
CA ALA A 668 -30.05 -18.74 -14.34
C ALA A 668 -28.97 -19.78 -14.62
N LYS A 669 -28.69 -20.04 -15.91
CA LYS A 669 -27.65 -21.01 -16.26
C LYS A 669 -26.28 -20.58 -15.75
N ILE A 670 -25.96 -19.29 -15.88
CA ILE A 670 -24.67 -18.80 -15.37
C ILE A 670 -24.60 -18.97 -13.86
N ASN A 671 -25.65 -18.52 -13.15
CA ASN A 671 -25.73 -18.68 -11.71
C ASN A 671 -25.48 -20.13 -11.29
N VAL A 672 -26.20 -21.06 -11.93
CA VAL A 672 -26.12 -22.48 -11.61
C VAL A 672 -24.72 -23.01 -11.90
N LEU A 673 -24.11 -22.60 -13.02
CA LEU A 673 -22.74 -23.01 -13.32
C LEU A 673 -21.77 -22.57 -12.23
N LEU A 674 -21.90 -21.33 -11.77
CA LEU A 674 -21.02 -20.85 -10.71
C LEU A 674 -21.18 -21.70 -9.45
N GLN A 675 -22.43 -21.96 -9.07
CA GLN A 675 -22.66 -22.74 -7.85
C GLN A 675 -22.13 -24.15 -8.00
N ALA A 676 -22.29 -24.73 -9.19
CA ALA A 676 -21.77 -26.08 -9.45
C ALA A 676 -20.25 -26.10 -9.36
N PHE A 677 -19.61 -25.05 -9.87
CA PHE A 677 -18.15 -24.99 -9.82
C PHE A 677 -17.66 -24.91 -8.38
N ILE A 678 -18.38 -24.18 -7.54
CA ILE A 678 -17.99 -24.13 -6.13
C ILE A 678 -18.20 -25.50 -5.47
N SER A 679 -19.38 -26.09 -5.66
CA SER A 679 -19.66 -27.39 -5.05
C SER A 679 -18.86 -28.51 -5.67
N GLN A 680 -18.16 -28.26 -6.79
CA GLN A 680 -17.37 -29.28 -7.49
C GLN A 680 -18.25 -30.40 -8.06
N LEU A 681 -19.35 -30.01 -8.69
CA LEU A 681 -20.14 -30.94 -9.48
C LEU A 681 -19.55 -31.01 -10.89
N LYS A 682 -19.04 -32.18 -11.27
CA LYS A 682 -18.56 -32.37 -12.63
C LYS A 682 -19.76 -32.64 -13.55
N LEU A 683 -19.92 -31.79 -14.55
CA LEU A 683 -21.03 -31.86 -15.49
C LEU A 683 -20.73 -32.90 -16.58
N GLU A 684 -21.74 -33.16 -17.40
CA GLU A 684 -21.61 -34.09 -18.51
C GLU A 684 -21.59 -33.43 -19.87
N GLY A 685 -22.48 -32.46 -20.10
CA GLY A 685 -22.50 -31.78 -21.38
C GLY A 685 -21.18 -31.09 -21.68
N PHE A 686 -20.92 -30.90 -22.98
CA PHE A 686 -19.69 -30.24 -23.42
C PHE A 686 -19.84 -28.72 -23.37
N ALA A 687 -20.95 -28.22 -23.92
CA ALA A 687 -21.26 -26.80 -23.80
C ALA A 687 -21.25 -26.36 -22.35
N LEU A 688 -21.79 -27.21 -21.46
CA LEU A 688 -21.83 -26.86 -20.05
C LEU A 688 -20.42 -26.68 -19.48
N MET A 689 -19.51 -27.59 -19.81
CA MET A 689 -18.19 -27.49 -19.20
C MET A 689 -17.42 -26.29 -19.74
N ALA A 690 -17.53 -26.04 -21.05
CA ALA A 690 -16.87 -24.86 -21.60
C ALA A 690 -17.45 -23.57 -21.00
N ASP A 691 -18.77 -23.47 -20.94
CA ASP A 691 -19.39 -22.29 -20.38
C ASP A 691 -19.05 -22.14 -18.90
N MET A 692 -18.87 -23.24 -18.18
CA MET A 692 -18.52 -23.11 -16.77
C MET A 692 -17.08 -22.65 -16.60
N VAL A 693 -16.15 -23.21 -17.38
CA VAL A 693 -14.78 -22.74 -17.24
C VAL A 693 -14.70 -21.25 -17.53
N TYR A 694 -15.42 -20.78 -18.57
CA TYR A 694 -15.39 -19.36 -18.90
C TYR A 694 -16.01 -18.51 -17.79
N VAL A 695 -17.18 -18.92 -17.30
CA VAL A 695 -17.86 -18.19 -16.24
C VAL A 695 -16.97 -18.05 -15.03
N THR A 696 -16.38 -19.16 -14.58
CA THR A 696 -15.61 -19.12 -13.35
C THR A 696 -14.24 -18.48 -13.55
N GLN A 697 -13.66 -18.58 -14.75
CA GLN A 697 -12.50 -17.77 -15.09
C GLN A 697 -12.77 -16.29 -14.81
N SER A 698 -13.91 -15.79 -15.30
CA SER A 698 -14.26 -14.37 -15.08
C SER A 698 -14.59 -14.06 -13.62
N ALA A 699 -15.21 -15.02 -12.92
CA ALA A 699 -15.80 -14.75 -11.61
C ALA A 699 -14.79 -14.13 -10.63
N GLY A 700 -13.54 -14.57 -10.66
CA GLY A 700 -12.56 -14.05 -9.74
C GLY A 700 -12.49 -12.53 -9.68
N ARG A 701 -12.09 -11.90 -10.77
CA ARG A 701 -11.95 -10.45 -10.73
C ARG A 701 -13.30 -9.75 -10.84
N LEU A 702 -14.33 -10.36 -11.45
CA LEU A 702 -15.66 -9.77 -11.36
C LEU A 702 -16.08 -9.59 -9.89
N MET A 703 -16.08 -10.67 -9.12
CA MET A 703 -16.45 -10.60 -7.71
C MET A 703 -15.50 -9.71 -6.92
N ARG A 704 -14.21 -9.70 -7.28
CA ARG A 704 -13.30 -8.83 -6.55
C ARG A 704 -13.61 -7.36 -6.82
N ALA A 705 -14.06 -7.02 -8.04
CA ALA A 705 -14.51 -5.67 -8.31
C ALA A 705 -15.78 -5.34 -7.53
N ILE A 706 -16.70 -6.30 -7.43
CA ILE A 706 -17.88 -6.05 -6.58
C ILE A 706 -17.45 -5.76 -5.15
N PHE A 707 -16.52 -6.56 -4.64
CA PHE A 707 -16.10 -6.41 -3.25
C PHE A 707 -15.47 -5.06 -3.02
N GLU A 708 -14.64 -4.58 -3.95
CA GLU A 708 -14.07 -3.24 -3.78
C GLU A 708 -15.16 -2.17 -3.78
N ILE A 709 -16.15 -2.29 -4.69
CA ILE A 709 -17.28 -1.35 -4.68
C ILE A 709 -17.95 -1.30 -3.31
N VAL A 710 -18.47 -2.44 -2.85
CA VAL A 710 -19.34 -2.43 -1.67
C VAL A 710 -18.52 -2.18 -0.41
N LEU A 711 -17.24 -2.54 -0.40
CA LEU A 711 -16.40 -2.21 0.75
C LEU A 711 -16.24 -0.70 0.85
N ASN A 712 -15.91 -0.04 -0.27
CA ASN A 712 -15.59 1.38 -0.19
C ASN A 712 -16.83 2.28 -0.06
N ARG A 713 -18.04 1.72 -0.23
CA ARG A 713 -19.26 2.41 0.20
C ARG A 713 -19.61 2.13 1.66
N GLY A 714 -18.86 1.24 2.32
CA GLY A 714 -19.10 0.93 3.73
C GLY A 714 -20.32 0.07 4.01
N TRP A 715 -20.65 -0.87 3.11
CA TRP A 715 -21.80 -1.75 3.29
C TRP A 715 -21.32 -3.02 3.99
N ALA A 716 -21.57 -3.12 5.30
CA ALA A 716 -20.88 -4.13 6.09
C ALA A 716 -21.34 -5.54 5.73
N GLN A 717 -22.65 -5.78 5.67
CA GLN A 717 -23.15 -7.12 5.37
C GLN A 717 -22.75 -7.57 3.97
N LEU A 718 -23.00 -6.73 2.97
CA LEU A 718 -22.64 -7.07 1.60
C LEU A 718 -21.14 -7.21 1.45
N THR A 719 -20.36 -6.39 2.16
CA THR A 719 -18.92 -6.55 2.10
C THR A 719 -18.51 -7.93 2.57
N ASP A 720 -19.12 -8.38 3.67
CA ASP A 720 -18.80 -9.71 4.18
C ASP A 720 -19.17 -10.78 3.15
N LYS A 721 -20.41 -10.72 2.64
CA LYS A 721 -20.84 -11.72 1.68
C LYS A 721 -19.96 -11.76 0.44
N THR A 722 -19.52 -10.59 -0.06
CA THR A 722 -18.76 -10.61 -1.30
C THR A 722 -17.32 -11.05 -1.08
N LEU A 723 -16.70 -10.70 0.04
CA LEU A 723 -15.37 -11.26 0.29
C LEU A 723 -15.46 -12.78 0.52
N ASN A 724 -16.50 -13.24 1.21
CA ASN A 724 -16.69 -14.69 1.35
C ASN A 724 -16.84 -15.34 -0.02
N LEU A 725 -17.64 -14.75 -0.92
CA LEU A 725 -17.86 -15.37 -2.22
C LEU A 725 -16.59 -15.39 -3.04
N CYS A 726 -15.82 -14.29 -3.04
CA CYS A 726 -14.47 -14.29 -3.60
C CYS A 726 -13.69 -15.50 -3.12
N LYS A 727 -13.60 -15.66 -1.80
CA LYS A 727 -12.79 -16.72 -1.25
C LYS A 727 -13.35 -18.10 -1.62
N MET A 728 -14.67 -18.25 -1.66
CA MET A 728 -15.26 -19.54 -2.02
C MET A 728 -14.96 -19.88 -3.46
N ILE A 729 -15.16 -18.93 -4.37
CA ILE A 729 -14.77 -19.10 -5.76
C ILE A 729 -13.31 -19.49 -5.87
N ASP A 730 -12.45 -18.90 -5.03
CA ASP A 730 -11.01 -19.16 -5.18
C ASP A 730 -10.57 -20.47 -4.56
N LYS A 731 -11.22 -20.93 -3.49
CA LYS A 731 -10.86 -22.19 -2.86
C LYS A 731 -11.75 -23.36 -3.30
N ARG A 732 -12.77 -23.08 -4.13
CA ARG A 732 -13.72 -24.07 -4.62
C ARG A 732 -14.36 -24.88 -3.49
N MET A 733 -14.84 -24.15 -2.48
CA MET A 733 -15.59 -24.75 -1.38
C MET A 733 -16.44 -23.68 -0.72
N TRP A 734 -17.58 -24.12 -0.19
CA TRP A 734 -18.41 -23.24 0.63
C TRP A 734 -17.85 -23.20 2.05
N GLN A 735 -18.17 -22.11 2.76
CA GLN A 735 -17.67 -21.97 4.13
C GLN A 735 -18.23 -23.05 5.05
N SER A 736 -19.38 -23.64 4.70
CA SER A 736 -19.90 -24.75 5.49
C SER A 736 -18.93 -25.93 5.58
N MET A 737 -17.85 -25.93 4.79
CA MET A 737 -16.93 -27.06 4.77
C MET A 737 -15.72 -26.80 5.68
N CYS A 738 -15.12 -27.89 6.13
CA CYS A 738 -14.05 -27.86 7.12
C CYS A 738 -12.92 -26.96 6.64
N PRO A 739 -12.58 -25.91 7.38
CA PRO A 739 -11.45 -25.04 6.98
C PRO A 739 -10.18 -25.82 6.68
N LEU A 740 -9.97 -26.97 7.32
CA LEU A 740 -8.73 -27.74 7.11
C LEU A 740 -8.57 -28.18 5.68
N ARG A 741 -9.69 -28.45 4.99
CA ARG A 741 -9.67 -28.74 3.56
C ARG A 741 -8.80 -27.76 2.77
N GLN A 742 -8.55 -26.56 3.31
CA GLN A 742 -7.70 -25.61 2.61
C GLN A 742 -6.23 -25.94 2.71
N PHE A 743 -5.87 -26.96 3.49
CA PHE A 743 -4.52 -27.51 3.47
C PHE A 743 -4.53 -28.67 2.48
N ARG A 744 -3.88 -28.48 1.34
CA ARG A 744 -3.94 -29.50 0.29
C ARG A 744 -3.23 -30.79 0.72
N LYS A 745 -2.19 -30.67 1.56
CA LYS A 745 -1.46 -31.85 2.01
C LYS A 745 -2.30 -32.75 2.93
N LEU A 746 -3.46 -32.30 3.38
CA LEU A 746 -4.31 -33.21 4.15
C LEU A 746 -5.02 -34.18 3.21
N PRO A 747 -5.16 -35.45 3.61
CA PRO A 747 -5.89 -36.41 2.78
C PRO A 747 -7.40 -36.29 3.02
N GLU A 748 -8.17 -36.28 1.93
CA GLU A 748 -9.61 -35.99 2.03
C GLU A 748 -10.37 -37.03 2.84
N GLU A 749 -9.81 -38.23 2.99
CA GLU A 749 -10.39 -39.20 3.91
C GLU A 749 -10.53 -38.63 5.30
N VAL A 750 -9.46 -37.96 5.78
CA VAL A 750 -9.43 -37.43 7.14
C VAL A 750 -10.45 -36.31 7.31
N VAL A 751 -10.44 -35.33 6.39
CA VAL A 751 -11.37 -34.22 6.53
C VAL A 751 -12.81 -34.68 6.32
N LYS A 752 -13.02 -35.79 5.59
CA LYS A 752 -14.36 -36.37 5.52
C LYS A 752 -14.78 -36.93 6.88
N LYS A 753 -13.87 -37.67 7.52
CA LYS A 753 -14.12 -38.14 8.89
C LYS A 753 -14.47 -36.98 9.82
N ILE A 754 -13.77 -35.86 9.65
CA ILE A 754 -13.96 -34.72 10.57
C ILE A 754 -15.26 -33.98 10.27
N GLU A 755 -15.57 -33.78 8.98
CA GLU A 755 -16.81 -33.11 8.60
C GLU A 755 -18.03 -33.92 9.00
N LYS A 756 -17.91 -35.25 9.01
CA LYS A 756 -19.04 -36.09 9.41
C LYS A 756 -19.48 -35.79 10.83
N LYS A 757 -18.53 -35.52 11.73
CA LYS A 757 -18.87 -35.34 13.14
C LYS A 757 -19.63 -34.05 13.42
N ASN A 758 -19.68 -33.11 12.46
CA ASN A 758 -20.55 -31.94 12.53
C ASN A 758 -20.19 -30.99 13.68
N PHE A 759 -19.26 -31.39 14.54
CA PHE A 759 -18.89 -30.58 15.69
C PHE A 759 -18.13 -29.32 15.26
N PRO A 760 -18.11 -28.30 16.10
CA PRO A 760 -17.44 -27.04 15.70
C PRO A 760 -15.94 -27.20 15.57
N PHE A 761 -15.39 -26.63 14.50
CA PHE A 761 -13.94 -26.61 14.30
C PHE A 761 -13.24 -25.80 15.39
N GLU A 762 -13.89 -24.74 15.87
CA GLU A 762 -13.30 -23.87 16.88
C GLU A 762 -12.95 -24.62 18.16
N ARG A 763 -13.62 -25.72 18.45
CA ARG A 763 -13.32 -26.45 19.68
C ARG A 763 -12.08 -27.34 19.58
N LEU A 764 -11.42 -27.39 18.41
CA LEU A 764 -10.20 -28.18 18.29
C LEU A 764 -9.01 -27.52 19.00
N TYR A 765 -9.04 -26.19 19.15
CA TYR A 765 -7.90 -25.48 19.73
C TYR A 765 -7.65 -25.86 21.18
N ASP A 766 -8.67 -26.33 21.89
CA ASP A 766 -8.58 -26.59 23.31
C ASP A 766 -8.28 -28.04 23.61
N LEU A 767 -7.71 -28.77 22.66
CA LEU A 767 -7.44 -30.19 22.85
C LEU A 767 -6.01 -30.51 22.45
N ASN A 768 -5.36 -31.31 23.28
CA ASN A 768 -4.08 -31.92 22.95
C ASN A 768 -4.24 -32.83 21.72
N HIS A 769 -3.11 -33.34 21.23
CA HIS A 769 -3.17 -34.21 20.05
C HIS A 769 -3.89 -35.52 20.34
N ASN A 770 -3.82 -36.01 21.58
CA ASN A 770 -4.49 -37.26 21.95
C ASN A 770 -6.00 -37.14 21.80
N GLU A 771 -6.59 -36.15 22.47
CA GLU A 771 -8.03 -35.98 22.40
C GLU A 771 -8.46 -35.61 20.98
N ILE A 772 -7.56 -35.02 20.19
CA ILE A 772 -7.84 -34.80 18.77
C ILE A 772 -8.03 -36.12 18.06
N GLY A 773 -7.02 -37.01 18.14
CA GLY A 773 -7.16 -38.31 17.50
C GLY A 773 -8.35 -39.10 18.00
N GLU A 774 -8.73 -38.90 19.26
CA GLU A 774 -9.86 -39.66 19.81
C GLU A 774 -11.20 -39.11 19.34
N LEU A 775 -11.34 -37.78 19.25
CA LEU A 775 -12.62 -37.20 18.85
C LEU A 775 -12.99 -37.60 17.42
N ILE A 776 -12.00 -37.57 16.52
CA ILE A 776 -12.24 -37.94 15.12
C ILE A 776 -12.28 -39.45 14.93
N ARG A 777 -12.16 -40.23 16.01
CA ARG A 777 -12.13 -41.70 15.96
C ARG A 777 -11.01 -42.22 15.07
N MET A 778 -9.93 -41.46 14.93
CA MET A 778 -8.78 -41.87 14.13
C MET A 778 -7.53 -41.43 14.88
N PRO A 779 -7.05 -42.24 15.82
CA PRO A 779 -5.98 -41.77 16.72
C PRO A 779 -4.66 -41.53 16.03
N LYS A 780 -4.26 -42.40 15.09
CA LYS A 780 -3.00 -42.27 14.40
C LYS A 780 -2.85 -40.95 13.65
N MET A 781 -3.91 -40.14 13.58
CA MET A 781 -3.82 -38.85 12.91
C MET A 781 -3.75 -37.67 13.87
N GLY A 782 -4.15 -37.86 15.13
CA GLY A 782 -4.18 -36.81 16.12
C GLY A 782 -3.11 -35.75 15.99
N LYS A 783 -1.85 -36.15 16.22
CA LYS A 783 -0.71 -35.23 16.11
C LYS A 783 -0.83 -34.36 14.86
N THR A 784 -0.90 -35.00 13.69
CA THR A 784 -0.94 -34.26 12.43
C THR A 784 -2.07 -33.24 12.43
N ILE A 785 -3.29 -33.67 12.79
CA ILE A 785 -4.41 -32.72 12.83
C ILE A 785 -4.05 -31.53 13.72
N HIS A 786 -3.57 -31.82 14.93
CA HIS A 786 -3.12 -30.79 15.86
C HIS A 786 -2.22 -29.78 15.15
N LYS A 787 -1.20 -30.28 14.44
CA LYS A 787 -0.27 -29.41 13.75
C LYS A 787 -1.02 -28.45 12.84
N TYR A 788 -1.89 -28.99 11.98
CA TYR A 788 -2.59 -28.13 11.04
C TYR A 788 -3.57 -27.20 11.75
N VAL A 789 -4.16 -27.67 12.85
CA VAL A 789 -5.07 -26.81 13.61
C VAL A 789 -4.34 -25.55 14.04
N HIS A 790 -3.05 -25.65 14.35
CA HIS A 790 -2.33 -24.48 14.81
C HIS A 790 -1.51 -23.84 13.69
N LEU A 791 -1.59 -24.38 12.47
CA LEU A 791 -1.06 -23.70 11.31
C LEU A 791 -2.06 -22.74 10.71
N PHE A 792 -3.35 -23.04 10.87
CA PHE A 792 -4.43 -22.21 10.35
C PHE A 792 -4.33 -20.80 10.93
N PRO A 793 -4.38 -19.75 10.10
CA PRO A 793 -4.13 -18.40 10.61
C PRO A 793 -5.18 -17.96 11.62
N LYS A 794 -4.71 -17.34 12.70
CA LYS A 794 -5.55 -16.96 13.84
C LYS A 794 -4.92 -15.76 14.52
N LEU A 795 -5.75 -14.74 14.81
CA LEU A 795 -5.27 -13.49 15.42
C LEU A 795 -6.04 -13.17 16.69
N GLU A 796 -5.32 -12.65 17.69
CA GLU A 796 -5.93 -12.16 18.93
C GLU A 796 -5.90 -10.63 18.94
N LEU A 797 -7.00 -10.01 19.37
CA LEU A 797 -7.16 -8.57 19.28
C LEU A 797 -7.38 -7.99 20.67
N SER A 798 -6.67 -6.92 20.99
CA SER A 798 -6.97 -6.15 22.19
C SER A 798 -7.15 -4.69 21.79
N VAL A 799 -7.84 -3.94 22.64
CA VAL A 799 -8.28 -2.60 22.30
C VAL A 799 -7.95 -1.67 23.46
N HIS A 800 -7.34 -0.53 23.13
CA HIS A 800 -7.17 0.59 24.05
C HIS A 800 -8.01 1.73 23.49
N LEU A 801 -9.12 2.05 24.16
CA LEU A 801 -9.98 3.17 23.77
C LEU A 801 -9.45 4.48 24.36
N GLN A 802 -9.07 5.42 23.50
CA GLN A 802 -8.51 6.70 23.94
C GLN A 802 -9.40 7.83 23.45
N PRO A 803 -10.31 8.35 24.28
CA PRO A 803 -11.21 9.42 23.82
C PRO A 803 -10.44 10.67 23.45
N ILE A 804 -10.75 11.22 22.28
CA ILE A 804 -10.25 12.54 21.90
C ILE A 804 -11.19 13.65 22.37
N THR A 805 -12.48 13.50 22.10
CA THR A 805 -13.50 14.42 22.57
C THR A 805 -14.69 13.58 23.02
N ARG A 806 -15.83 14.25 23.23
CA ARG A 806 -17.06 13.56 23.50
C ARG A 806 -17.71 13.00 22.24
N SER A 807 -17.07 13.16 21.06
CA SER A 807 -17.62 12.69 19.79
C SER A 807 -16.59 12.06 18.85
N THR A 808 -15.30 12.04 19.21
CA THR A 808 -14.28 11.38 18.40
C THR A 808 -13.43 10.49 19.29
N LEU A 809 -13.20 9.25 18.85
CA LEU A 809 -12.57 8.22 19.68
C LEU A 809 -11.35 7.65 18.94
N LYS A 810 -10.19 7.73 19.57
CA LYS A 810 -9.02 7.04 19.06
C LYS A 810 -9.04 5.60 19.56
N VAL A 811 -8.63 4.68 18.71
CA VAL A 811 -8.55 3.27 19.06
C VAL A 811 -7.15 2.80 18.74
N GLU A 812 -6.52 2.13 19.69
CA GLU A 812 -5.30 1.37 19.45
C GLU A 812 -5.65 -0.10 19.50
N LEU A 813 -5.47 -0.79 18.38
CA LEU A 813 -5.81 -2.20 18.23
C LEU A 813 -4.53 -3.00 18.18
N THR A 814 -4.34 -3.89 19.13
CA THR A 814 -3.18 -4.77 19.15
C THR A 814 -3.57 -6.09 18.50
N ILE A 815 -2.82 -6.45 17.47
CA ILE A 815 -3.01 -7.68 16.73
C ILE A 815 -1.84 -8.61 17.10
N THR A 816 -2.11 -9.57 17.97
CA THR A 816 -1.10 -10.56 18.30
C THR A 816 -1.39 -11.82 17.54
N PRO A 817 -0.46 -12.32 16.70
CA PRO A 817 -0.73 -13.55 15.97
C PRO A 817 -0.75 -14.74 16.92
N ASP A 818 -1.63 -15.70 16.64
CA ASP A 818 -1.84 -16.84 17.51
C ASP A 818 -1.78 -18.13 16.71
N PHE A 819 -0.79 -18.24 15.83
CA PHE A 819 -0.67 -19.42 15.00
C PHE A 819 0.79 -19.61 14.63
N GLN A 820 1.19 -20.87 14.48
CA GLN A 820 2.54 -21.17 14.01
C GLN A 820 2.66 -20.81 12.54
N TRP A 821 3.78 -20.21 12.16
CA TRP A 821 4.04 -19.89 10.77
C TRP A 821 4.77 -21.04 10.09
N ASP A 822 4.51 -21.21 8.80
CA ASP A 822 5.15 -22.25 8.01
C ASP A 822 5.14 -21.81 6.55
N GLU A 823 6.32 -21.48 6.01
CA GLU A 823 6.41 -20.82 4.70
C GLU A 823 5.72 -21.63 3.60
N LYS A 824 5.74 -22.97 3.69
CA LYS A 824 5.08 -23.77 2.67
C LYS A 824 3.57 -23.67 2.76
N VAL A 825 3.04 -23.07 3.81
CA VAL A 825 1.60 -22.84 3.98
C VAL A 825 1.24 -21.38 3.76
N HIS A 826 1.98 -20.47 4.40
CA HIS A 826 1.63 -19.05 4.41
C HIS A 826 2.49 -18.21 3.47
N GLY A 827 3.68 -18.69 3.08
CA GLY A 827 4.54 -17.92 2.20
C GLY A 827 5.25 -16.78 2.89
N SER A 828 5.39 -15.64 2.20
CA SER A 828 6.11 -14.52 2.79
C SER A 828 5.22 -13.61 3.63
N SER A 829 3.90 -13.68 3.43
CA SER A 829 2.98 -12.74 4.04
C SER A 829 1.61 -13.40 4.15
N GLU A 830 0.70 -12.70 4.81
CA GLU A 830 -0.68 -13.14 4.99
C GLU A 830 -1.53 -11.89 5.25
N ALA A 831 -2.60 -11.71 4.48
CA ALA A 831 -3.29 -10.43 4.44
C ALA A 831 -4.68 -10.51 5.07
N PHE A 832 -5.07 -9.45 5.77
CA PHE A 832 -6.35 -9.38 6.45
C PHE A 832 -7.00 -8.01 6.19
N TRP A 833 -8.28 -7.94 6.47
CA TRP A 833 -9.00 -6.67 6.50
C TRP A 833 -9.42 -6.37 7.93
N ILE A 834 -9.17 -5.14 8.37
CA ILE A 834 -9.62 -4.62 9.65
C ILE A 834 -10.82 -3.74 9.35
N LEU A 835 -12.00 -4.20 9.82
CA LEU A 835 -13.27 -3.54 9.58
C LEU A 835 -13.86 -3.13 10.91
N VAL A 836 -14.04 -1.84 11.10
CA VAL A 836 -14.71 -1.29 12.28
C VAL A 836 -16.14 -0.99 11.87
N GLU A 837 -17.07 -1.73 12.48
CA GLU A 837 -18.49 -1.76 12.14
C GLU A 837 -19.31 -1.24 13.31
N ASP A 838 -20.42 -0.59 13.00
CA ASP A 838 -21.24 0.09 14.00
C ASP A 838 -21.95 -0.95 14.86
N VAL A 839 -22.89 -0.50 15.69
CA VAL A 839 -23.57 -1.40 16.61
C VAL A 839 -24.40 -2.44 15.86
N ASP A 840 -25.04 -2.04 14.76
CA ASP A 840 -25.93 -2.92 14.01
C ASP A 840 -25.22 -3.78 12.98
N SER A 841 -23.91 -3.60 12.80
CA SER A 841 -23.15 -4.29 11.75
C SER A 841 -23.74 -3.98 10.38
N GLU A 842 -24.18 -2.73 10.21
CA GLU A 842 -24.70 -2.30 8.92
C GLU A 842 -23.80 -1.30 8.21
N VAL A 843 -22.86 -0.66 8.91
CA VAL A 843 -22.00 0.35 8.32
C VAL A 843 -20.56 0.13 8.78
N ILE A 844 -19.62 0.33 7.85
CA ILE A 844 -18.20 0.19 8.13
C ILE A 844 -17.69 1.59 8.51
N LEU A 845 -17.58 1.84 9.81
CA LEU A 845 -17.10 3.15 10.26
C LEU A 845 -15.65 3.37 9.88
N HIS A 846 -14.87 2.29 9.76
CA HIS A 846 -13.49 2.45 9.28
C HIS A 846 -12.98 1.12 8.74
N HIS A 847 -12.02 1.16 7.81
CA HIS A 847 -11.48 -0.10 7.33
C HIS A 847 -10.09 0.09 6.74
N GLU A 848 -9.28 -0.96 6.83
CA GLU A 848 -7.94 -0.90 6.26
C GLU A 848 -7.36 -2.28 6.05
N TYR A 849 -6.44 -2.37 5.09
CA TYR A 849 -5.72 -3.59 4.75
C TYR A 849 -4.59 -3.82 5.76
N PHE A 850 -4.33 -5.08 6.08
CA PHE A 850 -3.33 -5.46 7.08
C PHE A 850 -2.45 -6.56 6.51
N LEU A 851 -1.13 -6.40 6.62
CA LEU A 851 -0.20 -7.38 6.06
C LEU A 851 0.68 -7.92 7.18
N LEU A 852 0.48 -9.19 7.53
CA LEU A 852 1.33 -9.89 8.48
C LEU A 852 2.47 -10.52 7.69
N LYS A 853 3.66 -9.94 7.82
CA LYS A 853 4.85 -10.42 7.14
C LYS A 853 5.51 -11.53 7.93
N ALA A 854 6.16 -12.46 7.22
CA ALA A 854 6.84 -13.55 7.90
C ALA A 854 7.95 -13.04 8.82
N LYS A 855 8.59 -11.92 8.45
CA LYS A 855 9.49 -11.24 9.39
C LYS A 855 8.89 -11.18 10.78
N TYR A 856 7.61 -10.79 10.86
CA TYR A 856 6.95 -10.39 12.10
C TYR A 856 5.81 -11.33 12.45
N ALA A 857 5.92 -12.58 11.99
CA ALA A 857 4.93 -13.59 12.35
C ALA A 857 4.77 -13.72 13.86
N GLN A 858 5.81 -13.40 14.62
CA GLN A 858 5.78 -13.60 16.06
C GLN A 858 5.60 -12.30 16.86
N ASP A 859 5.47 -11.16 16.20
CA ASP A 859 5.41 -9.88 16.91
C ASP A 859 3.99 -9.35 16.96
N GLU A 860 3.67 -8.63 18.04
CA GLU A 860 2.42 -7.90 18.10
C GLU A 860 2.50 -6.71 17.16
N HIS A 861 1.38 -6.41 16.50
CA HIS A 861 1.26 -5.23 15.67
C HIS A 861 0.27 -4.26 16.30
N LEU A 862 0.42 -2.98 15.97
CA LEU A 862 -0.36 -1.91 16.55
C LEU A 862 -1.01 -1.11 15.43
N ILE A 863 -2.32 -0.94 15.50
CA ILE A 863 -3.08 -0.17 14.53
C ILE A 863 -3.78 0.94 15.30
N THR A 864 -3.83 2.15 14.72
CA THR A 864 -4.52 3.24 15.40
C THR A 864 -5.43 3.95 14.41
N PHE A 865 -6.63 4.29 14.87
CA PHE A 865 -7.56 4.99 14.00
C PHE A 865 -8.56 5.76 14.84
N PHE A 866 -9.39 6.54 14.15
CA PHE A 866 -10.42 7.31 14.80
C PHE A 866 -11.78 6.81 14.34
N VAL A 867 -12.76 6.88 15.24
CA VAL A 867 -14.13 6.54 14.89
C VAL A 867 -15.03 7.60 15.52
N PRO A 868 -16.13 7.97 14.85
CA PRO A 868 -17.08 8.88 15.47
C PRO A 868 -17.88 8.15 16.53
N VAL A 869 -18.34 8.93 17.51
CA VAL A 869 -19.27 8.48 18.54
C VAL A 869 -20.32 9.57 18.71
N PHE A 870 -21.36 9.26 19.49
CA PHE A 870 -22.42 10.21 19.76
C PHE A 870 -22.91 10.02 21.19
N GLU A 871 -23.86 10.86 21.59
CA GLU A 871 -24.47 10.82 22.92
C GLU A 871 -25.98 10.74 22.78
N PRO A 872 -26.64 9.76 23.42
CA PRO A 872 -26.10 8.75 24.34
C PRO A 872 -25.16 7.79 23.63
N LEU A 873 -24.12 7.32 24.32
CA LEU A 873 -23.19 6.38 23.73
C LEU A 873 -23.93 5.17 23.16
N PRO A 874 -23.55 4.69 21.97
CA PRO A 874 -24.11 3.43 21.49
C PRO A 874 -23.60 2.26 22.32
N PRO A 875 -24.36 1.16 22.42
CA PRO A 875 -23.90 0.02 23.24
C PRO A 875 -22.50 -0.46 22.91
N GLN A 876 -22.16 -0.65 21.63
CA GLN A 876 -20.83 -1.11 21.29
C GLN A 876 -20.59 -0.92 19.79
N TYR A 877 -19.31 -0.97 19.42
CA TYR A 877 -18.86 -1.18 18.05
C TYR A 877 -18.23 -2.56 17.94
N PHE A 878 -17.83 -2.94 16.74
CA PHE A 878 -17.11 -4.19 16.58
C PHE A 878 -15.90 -3.97 15.69
N ILE A 879 -14.84 -4.72 15.98
CA ILE A 879 -13.66 -4.80 15.14
C ILE A 879 -13.57 -6.23 14.61
N ARG A 880 -13.68 -6.38 13.30
CA ARG A 880 -13.48 -7.66 12.64
C ARG A 880 -12.15 -7.63 11.92
N VAL A 881 -11.43 -8.74 11.98
CA VAL A 881 -10.27 -8.97 11.14
C VAL A 881 -10.52 -10.27 10.40
N VAL A 882 -10.57 -10.20 9.07
CA VAL A 882 -10.85 -11.38 8.26
C VAL A 882 -9.71 -11.59 7.27
N SER A 883 -9.32 -12.85 7.08
CA SER A 883 -8.33 -13.18 6.07
C SER A 883 -8.81 -12.74 4.69
N ASP A 884 -7.90 -12.16 3.91
CA ASP A 884 -8.28 -11.80 2.55
C ASP A 884 -8.36 -13.00 1.62
N ARG A 885 -7.67 -14.10 1.94
CA ARG A 885 -7.69 -15.28 1.09
C ARG A 885 -8.15 -16.54 1.79
N TRP A 886 -7.89 -16.71 3.09
CA TRP A 886 -8.28 -17.92 3.80
C TRP A 886 -9.77 -17.89 4.12
N LEU A 887 -10.47 -18.92 3.71
CA LEU A 887 -11.87 -19.10 4.05
C LEU A 887 -12.03 -19.36 5.56
N SER A 888 -13.18 -18.96 6.09
CA SER A 888 -13.57 -19.29 7.46
C SER A 888 -12.54 -18.84 8.49
N CYS A 889 -11.84 -17.73 8.23
CA CYS A 889 -10.72 -17.31 9.07
C CYS A 889 -10.90 -15.85 9.51
N GLU A 890 -11.53 -15.65 10.68
CA GLU A 890 -11.94 -14.32 11.13
C GLU A 890 -11.95 -14.23 12.65
N THR A 891 -11.63 -13.06 13.18
CA THR A 891 -11.79 -12.76 14.61
C THR A 891 -12.58 -11.47 14.76
N GLN A 892 -13.68 -11.52 15.51
CA GLN A 892 -14.44 -10.33 15.86
C GLN A 892 -14.30 -10.04 17.34
N LEU A 893 -14.01 -8.79 17.66
CA LEU A 893 -13.87 -8.30 19.03
C LEU A 893 -14.92 -7.23 19.28
N PRO A 894 -15.86 -7.43 20.19
CA PRO A 894 -16.84 -6.37 20.52
C PRO A 894 -16.20 -5.31 21.40
N VAL A 895 -16.29 -4.06 20.96
CA VAL A 895 -15.81 -2.92 21.73
C VAL A 895 -17.02 -2.33 22.44
N SER A 896 -17.19 -2.71 23.70
CA SER A 896 -18.29 -2.19 24.51
C SER A 896 -17.90 -0.84 25.11
N PHE A 897 -18.88 0.07 25.17
CA PHE A 897 -18.64 1.42 25.67
C PHE A 897 -19.19 1.63 27.07
N ARG A 898 -19.66 0.56 27.74
CA ARG A 898 -20.30 0.73 29.03
C ARG A 898 -19.43 1.48 30.01
N HIS A 899 -18.12 1.28 29.96
CA HIS A 899 -17.21 1.87 30.94
C HIS A 899 -16.34 2.96 30.36
N LEU A 900 -16.65 3.41 29.15
CA LEU A 900 -15.91 4.51 28.55
C LEU A 900 -16.17 5.79 29.34
N ILE A 901 -15.10 6.48 29.74
CA ILE A 901 -15.18 7.78 30.38
C ILE A 901 -14.81 8.83 29.34
N LEU A 902 -15.80 9.63 28.92
CA LEU A 902 -15.57 10.74 28.01
C LEU A 902 -15.03 11.95 28.77
N PRO A 903 -14.16 12.75 28.15
CA PRO A 903 -13.77 14.02 28.77
C PRO A 903 -14.93 15.00 28.72
N GLU A 904 -14.98 15.86 29.73
CA GLU A 904 -16.05 16.85 29.80
C GLU A 904 -15.94 17.82 28.63
N LYS A 905 -17.10 18.15 28.04
CA LYS A 905 -17.16 19.12 26.96
C LYS A 905 -16.36 20.37 27.31
N TYR A 906 -15.69 20.94 26.31
CA TYR A 906 -14.71 21.98 26.62
C TYR A 906 -15.37 23.31 26.96
N PRO A 907 -14.70 24.17 27.70
CA PRO A 907 -15.31 25.43 28.12
C PRO A 907 -15.53 26.36 26.95
N PRO A 908 -16.27 27.45 27.14
CA PRO A 908 -16.40 28.46 26.08
C PRO A 908 -15.09 29.22 25.88
N PRO A 909 -14.86 29.79 24.68
CA PRO A 909 -13.64 30.56 24.45
C PRO A 909 -13.54 31.79 25.33
N THR A 910 -12.43 32.53 25.28
CA THR A 910 -12.37 33.83 25.91
C THR A 910 -13.08 34.83 24.99
N GLU A 911 -14.08 35.53 25.53
CA GLU A 911 -14.82 36.51 24.74
C GLU A 911 -13.87 37.56 24.18
N LEU A 912 -13.89 37.73 22.87
CA LEU A 912 -13.07 38.77 22.23
C LEU A 912 -13.75 40.12 22.45
N LEU A 913 -13.18 40.94 23.32
CA LEU A 913 -13.82 42.18 23.71
C LEU A 913 -13.64 43.25 22.64
N ASP A 914 -14.64 44.12 22.51
CA ASP A 914 -14.66 45.16 21.49
C ASP A 914 -13.89 46.39 21.96
N LEU A 915 -12.65 46.19 22.39
CA LEU A 915 -11.79 47.30 22.74
C LEU A 915 -11.42 48.10 21.50
N GLN A 916 -11.12 49.38 21.70
CA GLN A 916 -10.68 50.20 20.60
C GLN A 916 -9.24 49.86 20.25
N PRO A 917 -8.89 49.84 18.97
CA PRO A 917 -7.55 49.40 18.56
C PRO A 917 -6.46 50.14 19.33
N LEU A 918 -5.54 49.37 19.91
CA LEU A 918 -4.50 49.94 20.77
C LEU A 918 -3.39 50.54 19.94
N PRO A 919 -3.10 51.84 20.08
CA PRO A 919 -2.02 52.45 19.28
C PRO A 919 -0.65 51.96 19.71
N VAL A 920 0.32 52.19 18.82
CA VAL A 920 1.71 51.93 19.18
C VAL A 920 2.14 52.83 20.35
N SER A 921 1.50 54.00 20.49
CA SER A 921 1.67 54.92 21.60
C SER A 921 1.73 54.21 22.95
N ALA A 922 0.83 53.24 23.15
CA ALA A 922 0.75 52.51 24.40
C ALA A 922 2.12 52.08 24.90
N LEU A 923 3.05 51.78 23.99
CA LEU A 923 4.37 51.35 24.43
C LEU A 923 5.05 52.37 25.32
N ARG A 924 4.61 53.64 25.26
CA ARG A 924 5.15 54.72 26.10
C ARG A 924 6.67 54.73 26.11
N ASN A 925 7.27 54.71 24.90
CA ASN A 925 8.72 54.57 24.76
C ASN A 925 9.16 54.71 23.31
N SER A 926 9.80 55.84 22.98
CA SER A 926 10.11 56.16 21.58
C SER A 926 10.96 55.06 20.93
N ALA A 927 11.99 54.59 21.64
CA ALA A 927 12.84 53.53 21.11
C ALA A 927 12.01 52.29 20.78
N PHE A 928 11.16 51.86 21.71
CA PHE A 928 10.32 50.70 21.47
C PHE A 928 9.37 50.94 20.31
N GLU A 929 8.73 52.11 20.28
CA GLU A 929 7.80 52.42 19.21
C GLU A 929 8.46 52.49 17.85
N SER A 930 9.79 52.62 17.79
CA SER A 930 10.46 52.62 16.49
C SER A 930 10.35 51.25 15.82
N LEU A 931 10.20 50.18 16.60
CA LEU A 931 10.12 48.83 16.03
C LEU A 931 8.87 48.65 15.19
N TYR A 932 7.77 49.30 15.57
CA TYR A 932 6.47 49.04 14.98
C TYR A 932 5.87 50.24 14.25
N GLN A 933 6.47 51.43 14.36
CA GLN A 933 5.85 52.62 13.80
C GLN A 933 5.74 52.54 12.28
N ASP A 934 6.85 52.27 11.59
CA ASP A 934 6.87 52.18 10.13
C ASP A 934 6.46 50.79 9.63
N LYS A 935 5.61 50.08 10.40
CA LYS A 935 4.97 48.83 9.98
C LYS A 935 3.45 48.89 10.03
N PHE A 936 2.88 49.50 11.06
CA PHE A 936 1.44 49.62 11.21
C PHE A 936 1.16 50.69 12.27
N PRO A 937 -0.08 51.20 12.32
CA PRO A 937 -0.42 52.18 13.35
C PRO A 937 -1.00 51.58 14.62
N PHE A 938 -1.77 50.49 14.51
CA PHE A 938 -2.46 49.89 15.63
C PHE A 938 -2.15 48.41 15.72
N PHE A 939 -2.46 47.81 16.87
CA PHE A 939 -2.31 46.37 17.07
C PHE A 939 -3.67 45.69 16.86
N ASN A 940 -3.62 44.42 16.46
CA ASN A 940 -4.85 43.68 16.17
C ASN A 940 -5.60 43.44 17.47
N PRO A 941 -6.88 43.03 17.39
CA PRO A 941 -7.69 42.93 18.62
C PRO A 941 -7.14 41.99 19.69
N ILE A 942 -6.49 40.90 19.32
CA ILE A 942 -5.97 39.95 20.31
C ILE A 942 -4.84 40.59 21.11
N GLN A 943 -3.85 41.15 20.41
CA GLN A 943 -2.80 41.89 21.07
C GLN A 943 -3.36 43.03 21.90
N THR A 944 -4.36 43.75 21.36
CA THR A 944 -4.99 44.85 22.09
C THR A 944 -5.61 44.37 23.39
N GLN A 945 -6.13 43.14 23.41
CA GLN A 945 -6.77 42.64 24.62
C GLN A 945 -5.76 42.15 25.64
N VAL A 946 -4.66 41.54 25.18
CA VAL A 946 -3.68 41.00 26.14
C VAL A 946 -2.63 42.01 26.58
N PHE A 947 -2.51 43.16 25.89
CA PHE A 947 -1.36 44.04 26.04
C PHE A 947 -1.08 44.41 27.48
N ASN A 948 -2.11 44.81 28.23
CA ASN A 948 -1.90 45.28 29.59
C ASN A 948 -1.38 44.16 30.49
N THR A 949 -1.87 42.94 30.28
CA THR A 949 -1.44 41.83 31.11
C THR A 949 -0.01 41.42 30.77
N VAL A 950 0.35 41.50 29.50
CA VAL A 950 1.71 41.14 29.13
C VAL A 950 2.68 42.23 29.57
N TYR A 951 2.33 43.49 29.32
CA TYR A 951 3.27 44.61 29.44
C TYR A 951 3.29 45.19 30.85
N ASN A 952 2.11 45.32 31.47
CA ASN A 952 1.98 45.91 32.81
C ASN A 952 1.76 44.85 33.88
N SER A 953 2.35 43.67 33.72
CA SER A 953 2.24 42.63 34.74
C SER A 953 3.48 41.75 34.65
N ASP A 954 3.65 40.91 35.67
CA ASP A 954 4.61 39.83 35.62
C ASP A 954 3.92 38.49 35.64
N ASP A 955 2.59 38.48 35.52
CA ASP A 955 1.84 37.23 35.52
C ASP A 955 2.35 36.30 34.42
N ASN A 956 2.29 35.00 34.69
CA ASN A 956 2.42 34.06 33.59
C ASN A 956 1.16 34.14 32.73
N VAL A 957 1.35 34.03 31.43
CA VAL A 957 0.28 34.33 30.48
C VAL A 957 0.19 33.21 29.46
N PHE A 958 -1.04 32.87 29.08
CA PHE A 958 -1.31 31.93 28.00
C PHE A 958 -2.10 32.67 26.93
N VAL A 959 -1.52 32.80 25.74
CA VAL A 959 -2.27 33.31 24.59
C VAL A 959 -2.53 32.13 23.66
N GLY A 960 -3.81 31.78 23.50
CA GLY A 960 -4.25 30.79 22.54
C GLY A 960 -5.15 31.40 21.48
N ALA A 961 -4.78 31.22 20.22
CA ALA A 961 -5.37 31.97 19.12
C ALA A 961 -4.91 31.32 17.81
N PRO A 962 -5.68 31.49 16.73
CA PRO A 962 -5.30 30.89 15.45
C PRO A 962 -3.95 31.42 14.97
N THR A 963 -3.24 30.59 14.21
CA THR A 963 -2.02 31.03 13.55
C THR A 963 -2.32 32.24 12.66
N GLY A 964 -1.38 33.16 12.59
CA GLY A 964 -1.60 34.40 11.89
C GLY A 964 -2.35 35.46 12.69
N SER A 965 -2.65 35.19 13.96
CA SER A 965 -3.20 36.20 14.85
C SER A 965 -2.12 37.12 15.40
N GLY A 966 -0.87 36.92 14.99
CA GLY A 966 0.21 37.75 15.49
C GLY A 966 0.53 37.54 16.95
N LYS A 967 0.48 36.29 17.42
CA LYS A 967 0.84 35.98 18.80
C LYS A 967 2.31 36.25 19.10
N THR A 968 3.14 36.40 18.06
CA THR A 968 4.57 36.63 18.28
C THR A 968 4.84 38.00 18.91
N ILE A 969 4.09 39.02 18.49
CA ILE A 969 4.24 40.35 19.08
C ILE A 969 3.88 40.37 20.56
N CYS A 970 3.08 39.40 21.02
CA CYS A 970 2.81 39.30 22.46
C CYS A 970 4.07 38.88 23.23
N ALA A 971 4.79 37.88 22.72
CA ALA A 971 6.10 37.57 23.29
C ALA A 971 7.01 38.79 23.24
N GLU A 972 6.91 39.59 22.18
CA GLU A 972 7.72 40.80 22.12
C GLU A 972 7.33 41.81 23.20
N PHE A 973 6.03 41.90 23.53
CA PHE A 973 5.59 42.72 24.67
C PHE A 973 6.27 42.29 25.95
N ALA A 974 6.24 40.98 26.21
CA ALA A 974 6.85 40.46 27.44
C ALA A 974 8.35 40.78 27.47
N ILE A 975 9.02 40.65 26.32
CA ILE A 975 10.43 40.98 26.26
C ILE A 975 10.66 42.47 26.54
N LEU A 976 9.87 43.35 25.94
CA LEU A 976 10.09 44.79 26.18
C LEU A 976 9.93 45.11 27.66
N ARG A 977 8.91 44.54 28.30
CA ARG A 977 8.77 44.75 29.73
C ARG A 977 10.00 44.26 30.50
N MET A 978 10.51 43.08 30.14
CA MET A 978 11.74 42.59 30.76
C MET A 978 12.88 43.59 30.60
N LEU A 979 13.06 44.11 29.37
CA LEU A 979 14.12 45.06 29.08
C LEU A 979 13.96 46.37 29.86
N LEU A 980 12.75 46.70 30.30
CA LEU A 980 12.54 47.86 31.16
C LEU A 980 12.83 47.60 32.63
N GLN A 981 13.24 46.40 33.01
CA GLN A 981 13.41 46.01 34.39
C GLN A 981 14.83 45.65 34.74
N SER A 982 15.50 44.91 33.85
CA SER A 982 16.85 44.44 34.05
C SER A 982 17.64 44.86 32.83
N SER A 983 18.57 45.81 33.00
CA SER A 983 19.43 46.20 31.89
C SER A 983 20.12 45.00 31.27
N GLU A 984 20.30 43.94 32.06
CA GLU A 984 20.91 42.69 31.63
C GLU A 984 19.97 41.52 31.84
N GLY A 985 18.70 41.70 31.50
CA GLY A 985 17.73 40.62 31.63
C GLY A 985 17.91 39.56 30.54
N ARG A 986 17.70 38.31 30.92
CA ARG A 986 17.86 37.19 29.99
C ARG A 986 16.49 36.59 29.72
N CYS A 987 16.08 36.61 28.46
CA CYS A 987 14.89 35.93 28.01
C CYS A 987 15.27 34.75 27.12
N VAL A 988 14.64 33.61 27.34
CA VAL A 988 14.78 32.44 26.48
C VAL A 988 13.45 32.20 25.77
N TYR A 989 13.51 32.10 24.45
CA TYR A 989 12.37 31.83 23.59
C TYR A 989 12.57 30.47 22.94
N ILE A 990 11.69 29.53 23.24
CA ILE A 990 11.68 28.21 22.65
C ILE A 990 10.60 28.18 21.58
N THR A 991 10.96 27.71 20.39
CA THR A 991 10.03 27.42 19.30
C THR A 991 10.31 26.01 18.83
N PRO A 992 9.28 25.25 18.43
CA PRO A 992 9.48 23.81 18.24
C PRO A 992 10.16 23.44 16.94
N MET A 993 10.09 24.29 15.92
CA MET A 993 10.65 23.99 14.60
C MET A 993 11.88 24.84 14.34
N GLU A 994 12.89 24.24 13.72
CA GLU A 994 14.13 24.96 13.48
C GLU A 994 13.96 26.10 12.48
N ALA A 995 13.11 25.92 11.47
CA ALA A 995 12.93 26.98 10.48
C ALA A 995 12.20 28.18 11.08
N LEU A 996 11.25 27.92 11.98
CA LEU A 996 10.65 28.98 12.75
C LEU A 996 11.69 29.71 13.58
N ALA A 997 12.57 28.96 14.25
CA ALA A 997 13.67 29.56 15.00
C ALA A 997 14.49 30.48 14.09
N GLU A 998 14.76 30.05 12.87
CA GLU A 998 15.57 30.89 11.99
C GLU A 998 14.84 32.18 11.59
N GLN A 999 13.55 32.09 11.26
CA GLN A 999 12.80 33.28 10.88
C GLN A 999 12.69 34.27 12.04
N VAL A 1000 12.29 33.77 13.22
CA VAL A 1000 12.23 34.58 14.43
C VAL A 1000 13.60 35.16 14.76
N TYR A 1001 14.67 34.43 14.45
CA TYR A 1001 16.01 34.94 14.71
C TYR A 1001 16.28 36.16 13.86
N MET A 1002 15.98 36.08 12.56
CA MET A 1002 16.10 37.27 11.71
C MET A 1002 15.30 38.44 12.29
N ASP A 1003 14.00 38.24 12.53
CA ASP A 1003 13.15 39.35 12.92
C ASP A 1003 13.57 39.97 14.25
N TRP A 1004 13.93 39.13 15.23
CA TRP A 1004 14.26 39.64 16.55
C TRP A 1004 15.68 40.15 16.64
N TYR A 1005 16.58 39.66 15.80
CA TYR A 1005 17.89 40.29 15.67
C TYR A 1005 17.74 41.71 15.14
N GLU A 1006 16.90 41.89 14.10
CA GLU A 1006 16.70 43.22 13.54
C GLU A 1006 15.99 44.15 14.53
N LYS A 1007 15.05 43.62 15.32
CA LYS A 1007 14.32 44.48 16.25
C LYS A 1007 15.15 44.81 17.50
N PHE A 1008 15.63 43.79 18.20
CA PHE A 1008 16.16 44.00 19.54
C PHE A 1008 17.65 44.27 19.57
N GLN A 1009 18.40 43.85 18.55
CA GLN A 1009 19.83 44.14 18.48
C GLN A 1009 20.12 45.34 17.59
N ASP A 1010 19.66 45.30 16.33
CA ASP A 1010 19.93 46.42 15.44
C ASP A 1010 19.30 47.70 15.96
N ARG A 1011 18.04 47.63 16.40
CA ARG A 1011 17.35 48.82 16.88
C ARG A 1011 17.62 49.09 18.37
N LEU A 1012 17.34 48.12 19.23
CA LEU A 1012 17.42 48.33 20.68
C LEU A 1012 18.77 47.99 21.29
N ASN A 1013 19.68 47.40 20.51
CA ASN A 1013 21.08 47.22 20.91
C ASN A 1013 21.27 46.21 22.04
N LYS A 1014 20.42 45.19 22.09
CA LYS A 1014 20.63 44.05 22.97
C LYS A 1014 21.29 42.92 22.17
N LYS A 1015 21.59 41.81 22.84
CA LYS A 1015 22.21 40.66 22.20
C LYS A 1015 21.15 39.60 21.91
N VAL A 1016 20.79 39.45 20.65
CA VAL A 1016 19.96 38.34 20.21
C VAL A 1016 20.88 37.23 19.70
N VAL A 1017 20.63 36.00 20.15
CA VAL A 1017 21.46 34.86 19.80
C VAL A 1017 20.55 33.68 19.47
N LEU A 1018 21.06 32.78 18.61
CA LEU A 1018 20.36 31.56 18.22
C LEU A 1018 21.19 30.33 18.58
N LEU A 1019 20.73 29.56 19.57
CA LEU A 1019 21.48 28.37 20.00
C LEU A 1019 21.77 27.44 18.82
N THR A 1020 22.96 26.87 18.83
CA THR A 1020 23.44 26.07 17.70
C THR A 1020 23.49 24.59 17.98
N GLY A 1021 23.44 24.17 19.24
CA GLY A 1021 23.52 22.79 19.62
C GLY A 1021 24.83 22.40 20.25
N GLU A 1022 25.88 23.20 20.08
CA GLU A 1022 27.18 22.96 20.69
C GLU A 1022 27.19 23.64 22.05
N THR A 1023 27.25 22.86 23.13
CA THR A 1023 27.02 23.42 24.45
C THR A 1023 28.10 24.41 24.86
N SER A 1024 29.27 24.40 24.23
CA SER A 1024 30.28 25.41 24.52
C SER A 1024 29.84 26.77 23.98
N THR A 1025 29.65 26.87 22.66
CA THR A 1025 29.12 28.10 22.08
C THR A 1025 27.76 28.44 22.66
N ASP A 1026 26.93 27.42 22.95
CA ASP A 1026 25.60 27.72 23.44
C ASP A 1026 25.63 28.30 24.85
N LEU A 1027 26.52 27.78 25.71
CA LEU A 1027 26.66 28.36 27.04
C LEU A 1027 27.19 29.78 26.96
N LYS A 1028 28.14 30.04 26.06
CA LYS A 1028 28.62 31.40 25.94
C LYS A 1028 27.55 32.33 25.38
N LEU A 1029 26.68 31.82 24.51
CA LEU A 1029 25.58 32.63 24.01
C LEU A 1029 24.58 32.94 25.12
N LEU A 1030 24.19 31.92 25.88
CA LEU A 1030 23.28 32.12 26.99
C LEU A 1030 23.84 33.13 27.98
N GLY A 1031 25.15 33.09 28.24
CA GLY A 1031 25.75 34.09 29.08
C GLY A 1031 25.71 35.48 28.46
N LYS A 1032 25.90 35.57 27.14
CA LYS A 1032 26.01 36.82 26.41
C LYS A 1032 24.66 37.44 26.03
N GLY A 1033 23.66 36.65 25.65
CA GLY A 1033 22.45 37.18 25.02
C GLY A 1033 21.36 37.61 26.00
N ASN A 1034 20.61 38.64 25.58
CA ASN A 1034 19.40 39.07 26.29
C ASN A 1034 18.15 38.43 25.72
N ILE A 1035 18.15 38.11 24.42
CA ILE A 1035 17.17 37.22 23.81
C ILE A 1035 17.93 36.01 23.26
N ILE A 1036 17.60 34.83 23.76
CA ILE A 1036 18.18 33.58 23.30
C ILE A 1036 17.07 32.75 22.66
N ILE A 1037 17.22 32.44 21.39
CA ILE A 1037 16.26 31.63 20.64
C ILE A 1037 16.78 30.20 20.56
N SER A 1038 15.89 29.23 20.76
CA SER A 1038 16.34 27.84 20.73
C SER A 1038 15.19 26.90 20.41
N THR A 1039 15.53 25.73 19.84
CA THR A 1039 14.57 24.64 19.76
C THR A 1039 14.60 23.79 21.02
N PRO A 1040 13.55 23.00 21.27
CA PRO A 1040 13.45 22.28 22.55
C PRO A 1040 14.65 21.46 22.99
N GLU A 1041 15.24 20.64 22.11
CA GLU A 1041 16.29 19.75 22.59
C GLU A 1041 17.57 20.51 22.90
N LYS A 1042 17.88 21.55 22.11
CA LYS A 1042 19.02 22.40 22.44
C LYS A 1042 18.88 22.99 23.83
N TRP A 1043 17.65 23.32 24.23
CA TRP A 1043 17.43 23.83 25.57
C TRP A 1043 17.42 22.71 26.61
N ASP A 1044 16.99 21.52 26.22
CA ASP A 1044 16.94 20.41 27.16
C ASP A 1044 18.33 20.04 27.62
N ILE A 1045 19.26 19.92 26.67
CA ILE A 1045 20.62 19.50 27.01
C ILE A 1045 21.30 20.54 27.91
N LEU A 1046 21.07 21.84 27.64
CA LEU A 1046 21.57 22.89 28.51
C LEU A 1046 20.94 22.80 29.90
N SER A 1047 19.61 22.93 29.96
CA SER A 1047 18.93 23.11 31.23
C SER A 1047 18.87 21.84 32.10
N ARG A 1048 19.26 20.68 31.57
CA ARG A 1048 19.41 19.53 32.46
C ARG A 1048 20.40 19.80 33.57
N ARG A 1049 21.47 20.56 33.27
CA ARG A 1049 22.48 20.91 34.25
C ARG A 1049 22.22 22.26 34.91
N TRP A 1050 20.95 22.59 35.20
CA TRP A 1050 20.63 23.91 35.74
C TRP A 1050 21.24 24.15 37.10
N LYS A 1051 21.47 23.09 37.88
CA LYS A 1051 22.05 23.27 39.20
C LYS A 1051 23.52 23.67 39.12
N GLN A 1052 24.21 23.28 38.06
CA GLN A 1052 25.59 23.69 37.82
C GLN A 1052 25.70 24.74 36.73
N ARG A 1053 24.58 25.33 36.31
CA ARG A 1053 24.53 26.37 35.29
C ARG A 1053 23.74 27.54 35.85
N LYS A 1054 24.44 28.56 36.35
CA LYS A 1054 23.74 29.67 36.97
C LYS A 1054 22.93 30.47 35.96
N ASN A 1055 23.45 30.60 34.72
CA ASN A 1055 22.73 31.34 33.69
C ASN A 1055 21.31 30.81 33.51
N VAL A 1056 21.13 29.50 33.60
CA VAL A 1056 19.82 28.86 33.39
C VAL A 1056 18.84 29.22 34.51
N GLN A 1057 19.33 29.42 35.73
CA GLN A 1057 18.45 29.94 36.77
C GLN A 1057 18.17 31.43 36.57
N ASN A 1058 19.16 32.18 36.10
CA ASN A 1058 19.07 33.63 36.00
C ASN A 1058 18.02 34.10 34.99
N ILE A 1059 17.41 33.18 34.25
CA ILE A 1059 16.44 33.55 33.24
C ILE A 1059 15.30 34.34 33.86
N ASN A 1060 15.02 35.52 33.28
CA ASN A 1060 13.94 36.37 33.76
C ASN A 1060 12.63 36.08 33.05
N LEU A 1061 12.71 35.73 31.77
CA LEU A 1061 11.55 35.49 30.92
C LEU A 1061 11.74 34.20 30.16
N PHE A 1062 10.70 33.36 30.14
CA PHE A 1062 10.69 32.12 29.39
C PHE A 1062 9.43 32.10 28.53
N VAL A 1063 9.60 32.29 27.23
CA VAL A 1063 8.50 32.23 26.28
C VAL A 1063 8.61 30.95 25.50
N VAL A 1064 7.48 30.27 25.33
CA VAL A 1064 7.41 29.03 24.57
C VAL A 1064 6.30 29.18 23.53
N ASP A 1065 6.66 29.05 22.26
CA ASP A 1065 5.74 29.27 21.15
C ASP A 1065 5.25 27.94 20.56
N GLU A 1066 4.03 27.97 20.00
CA GLU A 1066 3.37 26.79 19.45
C GLU A 1066 3.36 25.64 20.46
N VAL A 1067 2.86 25.95 21.65
CA VAL A 1067 2.86 24.99 22.75
C VAL A 1067 1.96 23.80 22.45
N HIS A 1068 0.91 23.99 21.64
CA HIS A 1068 0.04 22.87 21.32
C HIS A 1068 0.80 21.72 20.70
N LEU A 1069 1.97 21.97 20.12
CA LEU A 1069 2.74 20.85 19.59
C LEU A 1069 3.21 19.90 20.70
N ILE A 1070 2.83 20.09 21.98
CA ILE A 1070 3.07 19.03 22.95
C ILE A 1070 2.33 17.79 22.53
N GLY A 1071 1.19 17.95 21.84
CA GLY A 1071 0.37 16.82 21.42
C GLY A 1071 1.02 15.99 20.33
N GLY A 1072 1.90 16.59 19.54
CA GLY A 1072 2.51 15.90 18.42
C GLY A 1072 3.66 14.99 18.81
N GLU A 1073 4.42 14.60 17.78
CA GLU A 1073 5.38 13.52 17.95
C GLU A 1073 6.54 13.92 18.83
N ASN A 1074 6.98 15.19 18.75
CA ASN A 1074 8.11 15.66 19.53
C ASN A 1074 7.69 16.40 20.79
N GLY A 1075 6.42 16.27 21.18
CA GLY A 1075 5.93 16.87 22.38
C GLY A 1075 6.64 16.59 23.71
N PRO A 1076 7.17 15.38 23.92
CA PRO A 1076 7.70 15.09 25.28
C PRO A 1076 8.85 16.00 25.71
N VAL A 1077 9.84 16.25 24.82
CA VAL A 1077 10.96 17.12 25.19
C VAL A 1077 10.46 18.52 25.56
N LEU A 1078 9.46 19.02 24.82
CA LEU A 1078 8.91 20.34 25.10
C LEU A 1078 8.26 20.37 26.47
N GLU A 1079 7.38 19.40 26.73
CA GLU A 1079 6.74 19.29 28.03
C GLU A 1079 7.79 19.23 29.15
N VAL A 1080 8.89 18.51 28.91
CA VAL A 1080 9.89 18.31 29.95
C VAL A 1080 10.64 19.61 30.23
N ILE A 1081 11.06 20.34 29.20
CA ILE A 1081 11.79 21.56 29.48
C ILE A 1081 10.89 22.59 30.15
N CYS A 1082 9.62 22.67 29.76
CA CYS A 1082 8.70 23.59 30.44
C CYS A 1082 8.48 23.19 31.90
N SER A 1083 8.30 21.89 32.16
CA SER A 1083 8.18 21.41 33.54
C SER A 1083 9.42 21.74 34.35
N ARG A 1084 10.59 21.66 33.72
CA ARG A 1084 11.84 21.97 34.40
C ARG A 1084 11.91 23.44 34.76
N MET A 1085 11.45 24.31 33.84
CA MET A 1085 11.48 25.75 34.12
C MET A 1085 10.55 26.10 35.27
N ARG A 1086 9.41 25.41 35.38
CA ARG A 1086 8.54 25.70 36.50
C ARG A 1086 9.12 25.19 37.82
N TYR A 1087 9.72 23.99 37.80
CA TYR A 1087 10.41 23.51 39.00
C TYR A 1087 11.53 24.46 39.44
N ILE A 1088 12.40 24.86 38.49
CA ILE A 1088 13.47 25.79 38.82
C ILE A 1088 12.91 27.04 39.45
N SER A 1089 11.90 27.65 38.82
CA SER A 1089 11.35 28.89 39.35
C SER A 1089 10.84 28.70 40.77
N SER A 1090 10.18 27.57 41.04
CA SER A 1090 9.73 27.28 42.40
C SER A 1090 10.90 27.15 43.39
N GLN A 1091 12.11 26.83 42.91
CA GLN A 1091 13.26 26.77 43.82
C GLN A 1091 13.90 28.14 44.03
N ILE A 1092 14.03 28.96 42.97
CA ILE A 1092 14.76 30.23 43.05
C ILE A 1092 13.98 31.24 43.91
N GLU A 1093 14.72 32.23 44.43
CA GLU A 1093 14.09 33.38 45.06
C GLU A 1093 13.31 34.22 44.06
N ARG A 1094 13.78 34.29 42.81
CA ARG A 1094 13.11 35.06 41.78
C ARG A 1094 12.33 34.13 40.86
N PRO A 1095 11.01 34.24 40.78
CA PRO A 1095 10.25 33.38 39.87
C PRO A 1095 10.50 33.76 38.42
N ILE A 1096 10.60 32.75 37.56
CA ILE A 1096 10.79 33.01 36.13
C ILE A 1096 9.42 33.19 35.52
N ARG A 1097 9.20 34.34 34.88
CA ARG A 1097 7.92 34.55 34.21
C ARG A 1097 7.83 33.64 33.00
N ILE A 1098 6.65 33.04 32.81
CA ILE A 1098 6.41 32.17 31.67
C ILE A 1098 5.28 32.75 30.85
N VAL A 1099 5.53 32.89 29.55
CA VAL A 1099 4.49 33.19 28.58
C VAL A 1099 4.47 32.11 27.52
N ALA A 1100 3.29 31.54 27.29
CA ALA A 1100 3.10 30.46 26.33
C ALA A 1100 2.14 30.90 25.26
N LEU A 1101 2.49 30.63 24.00
CA LEU A 1101 1.68 30.96 22.84
C LEU A 1101 1.23 29.66 22.20
N SER A 1102 0.02 29.67 21.63
CA SER A 1102 -0.55 28.39 21.25
C SER A 1102 -1.64 28.58 20.20
N SER A 1103 -1.82 27.54 19.40
CA SER A 1103 -2.99 27.44 18.55
C SER A 1103 -4.23 27.28 19.44
N SER A 1104 -5.41 27.55 18.87
CA SER A 1104 -6.64 27.40 19.64
C SER A 1104 -6.76 26.00 20.26
N LEU A 1105 -6.92 25.96 21.57
CA LEU A 1105 -6.96 24.75 22.38
C LEU A 1105 -8.31 24.62 23.06
N SER A 1106 -8.93 23.45 22.95
CA SER A 1106 -10.14 23.21 23.72
C SER A 1106 -9.83 23.14 25.21
N ASN A 1107 -8.72 22.50 25.57
CA ASN A 1107 -8.31 22.30 26.96
C ASN A 1107 -7.17 23.23 27.34
N ALA A 1108 -7.33 24.51 27.03
CA ALA A 1108 -6.30 25.48 27.38
C ALA A 1108 -6.11 25.58 28.88
N LYS A 1109 -7.20 25.50 29.64
CA LYS A 1109 -7.14 25.68 31.10
C LYS A 1109 -6.17 24.70 31.75
N ASP A 1110 -6.10 23.47 31.24
CA ASP A 1110 -5.11 22.51 31.72
C ASP A 1110 -3.70 23.00 31.46
N VAL A 1111 -3.43 23.49 30.24
CA VAL A 1111 -2.10 23.99 29.93
C VAL A 1111 -1.73 25.11 30.88
N ALA A 1112 -2.68 26.02 31.11
CA ALA A 1112 -2.42 27.18 31.97
C ALA A 1112 -2.16 26.74 33.41
N HIS A 1113 -3.00 25.86 33.94
CA HIS A 1113 -2.81 25.36 35.30
C HIS A 1113 -1.48 24.65 35.45
N TRP A 1114 -1.06 23.93 34.40
CA TRP A 1114 0.25 23.30 34.40
C TRP A 1114 1.38 24.33 34.42
N LEU A 1115 1.27 25.36 33.59
CA LEU A 1115 2.26 26.42 33.50
C LEU A 1115 2.03 27.55 34.50
N GLY A 1116 0.99 27.45 35.33
CA GLY A 1116 0.77 28.42 36.37
C GLY A 1116 0.33 29.76 35.83
N CYS A 1117 -0.79 29.77 35.10
CA CYS A 1117 -1.39 30.99 34.59
C CYS A 1117 -2.71 31.25 35.31
N SER A 1118 -2.85 32.45 35.88
CA SER A 1118 -4.11 32.85 36.47
C SER A 1118 -5.22 32.69 35.44
N ALA A 1119 -6.43 32.42 35.93
CA ALA A 1119 -7.59 32.39 35.05
C ALA A 1119 -7.66 33.67 34.23
N THR A 1120 -7.42 34.82 34.86
CA THR A 1120 -7.60 36.10 34.20
C THR A 1120 -6.48 36.42 33.21
N SER A 1121 -5.34 35.72 33.30
CA SER A 1121 -4.26 35.88 32.32
C SER A 1121 -4.12 34.65 31.43
N THR A 1122 -5.19 33.87 31.27
CA THR A 1122 -5.28 32.79 30.28
C THR A 1122 -6.22 33.25 29.19
N PHE A 1123 -5.67 33.52 28.01
CA PHE A 1123 -6.44 34.02 26.89
C PHE A 1123 -6.57 32.88 25.87
N ASN A 1124 -7.69 32.16 25.92
CA ASN A 1124 -7.93 31.12 24.91
C ASN A 1124 -9.02 31.58 23.95
N PHE A 1125 -8.60 32.02 22.77
CA PHE A 1125 -9.51 32.45 21.73
C PHE A 1125 -9.73 31.29 20.76
N HIS A 1126 -10.98 31.15 20.29
CA HIS A 1126 -11.32 30.03 19.42
C HIS A 1126 -11.33 30.50 17.96
N PRO A 1127 -11.02 29.60 17.00
CA PRO A 1127 -10.51 30.04 15.70
C PRO A 1127 -11.33 31.08 14.95
N ASN A 1128 -12.56 31.34 15.38
CA ASN A 1128 -13.39 32.32 14.68
C ASN A 1128 -13.02 33.76 15.01
N VAL A 1129 -11.92 33.99 15.71
CA VAL A 1129 -11.50 35.34 16.05
C VAL A 1129 -10.19 35.72 15.35
N ARG A 1130 -9.83 35.00 14.30
CA ARG A 1130 -8.63 35.36 13.56
C ARG A 1130 -8.77 36.80 13.07
N PRO A 1131 -7.75 37.64 13.24
CA PRO A 1131 -7.83 39.02 12.73
C PRO A 1131 -8.30 39.09 11.29
N VAL A 1132 -7.57 38.47 10.37
CA VAL A 1132 -8.05 38.35 9.01
C VAL A 1132 -9.01 37.18 8.96
N PRO A 1133 -10.29 37.39 8.65
CA PRO A 1133 -11.26 36.29 8.72
C PRO A 1133 -10.91 35.19 7.71
N LEU A 1134 -11.03 33.95 8.14
CA LEU A 1134 -10.72 32.81 7.27
C LEU A 1134 -12.01 32.18 6.75
N GLU A 1135 -12.09 31.99 5.43
CA GLU A 1135 -13.14 31.22 4.80
C GLU A 1135 -12.55 29.87 4.41
N LEU A 1136 -13.06 28.80 5.04
CA LEU A 1136 -12.48 27.46 4.95
C LEU A 1136 -13.46 26.51 4.29
N HIS A 1137 -13.12 26.00 3.12
CA HIS A 1137 -13.92 25.00 2.44
C HIS A 1137 -13.19 23.67 2.46
N ILE A 1138 -13.94 22.58 2.65
CA ILE A 1138 -13.38 21.25 2.69
C ILE A 1138 -14.09 20.43 1.62
N GLN A 1139 -13.37 20.05 0.57
CA GLN A 1139 -13.90 19.24 -0.52
C GLN A 1139 -13.56 17.78 -0.28
N GLY A 1140 -14.59 16.94 -0.18
CA GLY A 1140 -14.41 15.51 -0.11
C GLY A 1140 -14.33 14.90 -1.50
N PHE A 1141 -13.44 13.91 -1.64
CA PHE A 1141 -13.29 13.13 -2.87
C PHE A 1141 -13.40 11.66 -2.49
N ASN A 1142 -14.47 11.01 -2.96
CA ASN A 1142 -14.72 9.60 -2.67
C ASN A 1142 -14.02 8.71 -3.69
N ILE A 1143 -12.70 8.79 -3.67
CA ILE A 1143 -11.85 7.95 -4.51
C ILE A 1143 -10.78 7.43 -3.59
N SER A 1144 -10.83 6.14 -3.30
CA SER A 1144 -9.91 5.56 -2.32
C SER A 1144 -8.58 5.15 -2.93
N HIS A 1145 -8.28 5.55 -4.16
CA HIS A 1145 -7.00 5.25 -4.79
C HIS A 1145 -6.26 6.56 -4.98
N THR A 1146 -5.06 6.64 -4.39
CA THR A 1146 -4.41 7.95 -4.22
C THR A 1146 -4.19 8.66 -5.55
N GLN A 1147 -3.60 7.97 -6.53
CA GLN A 1147 -3.26 8.63 -7.79
C GLN A 1147 -4.52 9.09 -8.52
N THR A 1148 -5.56 8.26 -8.51
CA THR A 1148 -6.81 8.64 -9.15
C THR A 1148 -7.47 9.78 -8.40
N ARG A 1149 -7.35 9.81 -7.07
CA ARG A 1149 -7.92 10.91 -6.30
C ARG A 1149 -7.23 12.23 -6.65
N LEU A 1150 -5.89 12.20 -6.71
CA LEU A 1150 -5.14 13.39 -7.10
C LEU A 1150 -5.51 13.83 -8.52
N LEU A 1151 -5.61 12.86 -9.43
CA LEU A 1151 -6.07 13.18 -10.78
C LEU A 1151 -7.41 13.90 -10.74
N SER A 1152 -8.37 13.34 -10.00
CA SER A 1152 -9.71 13.92 -9.91
C SER A 1152 -9.72 15.28 -9.22
N MET A 1153 -8.70 15.60 -8.40
CA MET A 1153 -8.68 16.94 -7.83
C MET A 1153 -7.86 17.95 -8.63
N ALA A 1154 -7.17 17.54 -9.69
CA ALA A 1154 -6.41 18.48 -10.53
C ALA A 1154 -7.26 19.65 -11.04
N LYS A 1155 -8.29 19.39 -11.87
CA LYS A 1155 -9.12 20.50 -12.33
C LYS A 1155 -9.83 21.24 -11.21
N PRO A 1156 -10.35 20.57 -10.16
CA PRO A 1156 -10.83 21.32 -8.98
C PRO A 1156 -9.81 22.33 -8.46
N VAL A 1157 -8.51 22.00 -8.46
CA VAL A 1157 -7.51 22.96 -7.99
C VAL A 1157 -7.57 24.23 -8.84
N TYR A 1158 -7.59 24.07 -10.17
CA TYR A 1158 -7.63 25.24 -11.05
C TYR A 1158 -8.93 26.03 -10.87
N HIS A 1159 -10.07 25.33 -10.82
CA HIS A 1159 -11.34 26.02 -10.63
C HIS A 1159 -11.38 26.74 -9.29
N ALA A 1160 -10.72 26.17 -8.27
CA ALA A 1160 -10.66 26.83 -6.98
C ALA A 1160 -9.88 28.12 -7.09
N ILE A 1161 -8.74 28.09 -7.78
CA ILE A 1161 -7.96 29.30 -8.01
C ILE A 1161 -8.82 30.36 -8.66
N THR A 1162 -9.48 30.01 -9.77
CA THR A 1162 -10.25 31.04 -10.48
C THR A 1162 -11.52 31.45 -9.73
N LYS A 1163 -12.03 30.65 -8.79
CA LYS A 1163 -13.23 31.05 -8.06
C LYS A 1163 -12.91 31.90 -6.83
N HIS A 1164 -11.87 31.55 -6.09
CA HIS A 1164 -11.63 32.19 -4.80
C HIS A 1164 -10.51 33.21 -4.81
N SER A 1165 -9.63 33.17 -5.79
CA SER A 1165 -8.54 34.13 -5.85
C SER A 1165 -8.01 34.23 -7.27
N PRO A 1166 -8.82 34.72 -8.21
CA PRO A 1166 -8.37 34.82 -9.60
C PRO A 1166 -7.32 35.90 -9.82
N LYS A 1167 -7.21 36.88 -8.91
CA LYS A 1167 -6.27 37.97 -9.07
C LYS A 1167 -5.24 38.09 -7.94
N LYS A 1168 -5.45 37.43 -6.81
CA LYS A 1168 -4.55 37.50 -5.67
C LYS A 1168 -3.70 36.24 -5.54
N PRO A 1169 -2.58 36.29 -4.79
CA PRO A 1169 -1.63 35.17 -4.80
C PRO A 1169 -2.16 33.93 -4.08
N VAL A 1170 -1.75 32.76 -4.59
CA VAL A 1170 -2.19 31.48 -4.04
C VAL A 1170 -1.00 30.55 -3.87
N ILE A 1171 -1.11 29.71 -2.83
CA ILE A 1171 -0.16 28.64 -2.56
C ILE A 1171 -0.93 27.34 -2.65
N VAL A 1172 -0.40 26.37 -3.38
CA VAL A 1172 -0.94 25.02 -3.44
C VAL A 1172 0.04 24.10 -2.74
N PHE A 1173 -0.40 23.48 -1.66
CA PHE A 1173 0.38 22.43 -1.02
C PHE A 1173 0.06 21.06 -1.64
N VAL A 1174 1.10 20.30 -1.94
CA VAL A 1174 0.91 18.97 -2.53
C VAL A 1174 1.74 17.97 -1.72
N PRO A 1175 1.43 16.67 -1.82
CA PRO A 1175 2.02 15.71 -0.88
C PRO A 1175 3.49 15.43 -1.10
N SER A 1176 4.04 15.69 -2.29
CA SER A 1176 5.39 15.23 -2.59
C SER A 1176 6.10 16.23 -3.49
N ARG A 1177 7.38 15.94 -3.74
CA ARG A 1177 8.18 16.76 -4.65
C ARG A 1177 7.73 16.61 -6.10
N LYS A 1178 7.58 15.37 -6.56
CA LYS A 1178 7.10 15.15 -7.93
C LYS A 1178 5.85 15.98 -8.21
N GLN A 1179 4.94 16.01 -7.24
CA GLN A 1179 3.65 16.62 -7.45
C GLN A 1179 3.73 18.12 -7.68
N THR A 1180 4.75 18.78 -7.12
CA THR A 1180 4.88 20.22 -7.33
C THR A 1180 5.06 20.55 -8.81
N ARG A 1181 6.06 19.94 -9.45
CA ARG A 1181 6.25 20.13 -10.88
C ARG A 1181 5.01 19.69 -11.66
N LEU A 1182 4.47 18.51 -11.34
CA LEU A 1182 3.33 17.98 -12.10
C LEU A 1182 2.12 18.90 -12.02
N THR A 1183 1.84 19.44 -10.85
CA THR A 1183 0.67 20.27 -10.65
C THR A 1183 0.87 21.70 -11.16
N ALA A 1184 2.09 22.24 -11.08
CA ALA A 1184 2.36 23.49 -11.79
C ALA A 1184 2.07 23.34 -13.27
N ILE A 1185 2.58 22.26 -13.87
CA ILE A 1185 2.31 22.02 -15.28
C ILE A 1185 0.81 21.85 -15.50
N ASP A 1186 0.12 21.22 -14.55
CA ASP A 1186 -1.30 20.91 -14.79
C ASP A 1186 -2.16 22.18 -14.72
N ILE A 1187 -1.93 23.01 -13.71
CA ILE A 1187 -2.51 24.35 -13.65
C ILE A 1187 -2.26 25.10 -14.94
N LEU A 1188 -1.03 25.05 -15.46
CA LEU A 1188 -0.70 25.79 -16.68
C LEU A 1188 -1.49 25.26 -17.89
N THR A 1189 -1.57 23.94 -18.02
CA THR A 1189 -2.31 23.36 -19.13
C THR A 1189 -3.78 23.71 -19.04
N THR A 1190 -4.37 23.63 -17.86
CA THR A 1190 -5.77 23.99 -17.71
C THR A 1190 -5.98 25.47 -18.01
N CYS A 1191 -4.97 26.31 -17.70
CA CYS A 1191 -5.04 27.73 -18.00
C CYS A 1191 -4.99 28.00 -19.50
N ALA A 1192 -4.14 27.27 -20.22
CA ALA A 1192 -4.07 27.42 -21.68
C ALA A 1192 -5.40 27.06 -22.34
N ALA A 1193 -5.96 25.90 -21.98
CA ALA A 1193 -7.23 25.47 -22.57
C ALA A 1193 -8.39 26.39 -22.22
N ASP A 1194 -8.21 27.30 -21.27
CA ASP A 1194 -9.29 28.15 -20.81
C ASP A 1194 -9.49 29.34 -21.76
N ILE A 1195 -10.75 29.60 -22.09
CA ILE A 1195 -11.09 30.69 -22.99
C ILE A 1195 -11.14 32.02 -22.25
N GLN A 1196 -11.89 32.07 -21.13
CA GLN A 1196 -11.80 33.18 -20.20
C GLN A 1196 -10.62 32.93 -19.26
N ARG A 1197 -9.43 32.95 -19.86
CA ARG A 1197 -8.20 32.52 -19.23
C ARG A 1197 -7.70 33.56 -18.23
N GLN A 1198 -7.21 33.08 -17.09
CA GLN A 1198 -6.67 33.92 -16.02
C GLN A 1198 -5.15 33.77 -15.99
N ARG A 1199 -4.42 34.78 -16.44
CA ARG A 1199 -2.98 34.72 -16.46
C ARG A 1199 -2.40 35.03 -15.08
N PHE A 1200 -1.36 34.29 -14.71
CA PHE A 1200 -0.69 34.47 -13.43
C PHE A 1200 0.65 35.16 -13.57
N LEU A 1201 1.02 35.59 -14.78
CA LEU A 1201 2.24 36.39 -14.98
C LEU A 1201 1.86 37.86 -14.81
N HIS A 1202 2.15 38.42 -13.64
CA HIS A 1202 1.77 39.78 -13.29
C HIS A 1202 2.92 40.77 -13.40
N CYS A 1203 4.03 40.35 -14.02
CA CYS A 1203 5.13 41.26 -14.32
C CYS A 1203 5.41 41.09 -15.82
N THR A 1204 6.55 41.60 -16.27
CA THR A 1204 6.95 41.54 -17.66
C THR A 1204 7.97 40.43 -17.85
N GLU A 1205 7.87 39.71 -18.97
CA GLU A 1205 8.86 38.70 -19.29
C GLU A 1205 10.26 39.31 -19.40
N LYS A 1206 10.34 40.58 -19.78
CA LYS A 1206 11.64 41.24 -19.87
C LYS A 1206 12.26 41.46 -18.49
N ASP A 1207 11.44 41.75 -17.48
CA ASP A 1207 11.96 41.89 -16.13
C ASP A 1207 12.40 40.56 -15.54
N LEU A 1208 11.93 39.44 -16.11
CA LEU A 1208 12.07 38.14 -15.49
C LEU A 1208 13.33 37.40 -15.91
N ILE A 1209 13.92 37.75 -17.06
CA ILE A 1209 15.12 37.06 -17.53
C ILE A 1209 16.29 37.20 -16.56
N PRO A 1210 16.58 38.38 -15.98
CA PRO A 1210 17.63 38.43 -14.95
C PRO A 1210 17.44 37.41 -13.83
N TYR A 1211 16.21 37.29 -13.31
CA TYR A 1211 15.96 36.29 -12.28
C TYR A 1211 15.91 34.88 -12.85
N LEU A 1212 15.49 34.73 -14.10
CA LEU A 1212 15.17 33.40 -14.63
C LEU A 1212 16.43 32.61 -14.93
N GLU A 1213 17.37 33.19 -15.68
CA GLU A 1213 18.50 32.43 -16.15
C GLU A 1213 19.42 31.96 -15.04
N LYS A 1214 19.25 32.46 -13.81
CA LYS A 1214 20.04 32.03 -12.67
C LYS A 1214 19.58 30.68 -12.11
N LEU A 1215 18.58 30.05 -12.71
CA LEU A 1215 18.08 28.77 -12.24
C LEU A 1215 18.67 27.63 -13.05
N SER A 1216 18.54 26.42 -12.51
CA SER A 1216 19.09 25.22 -13.13
C SER A 1216 18.01 24.24 -13.59
N ASP A 1217 16.75 24.55 -13.33
CA ASP A 1217 15.63 23.65 -13.59
C ASP A 1217 14.87 24.17 -14.82
N SER A 1218 14.97 23.45 -15.93
CA SER A 1218 14.34 23.88 -17.16
C SER A 1218 12.83 24.04 -16.98
N THR A 1219 12.15 23.01 -16.49
CA THR A 1219 10.71 23.09 -16.28
C THR A 1219 10.33 24.21 -15.34
N LEU A 1220 11.15 24.50 -14.32
CA LEU A 1220 10.80 25.53 -13.36
C LEU A 1220 10.74 26.90 -14.00
N LYS A 1221 11.70 27.20 -14.89
CA LYS A 1221 11.67 28.48 -15.59
C LYS A 1221 10.61 28.49 -16.69
N GLU A 1222 10.35 27.35 -17.35
CA GLU A 1222 9.20 27.27 -18.25
C GLU A 1222 7.92 27.70 -17.55
N THR A 1223 7.68 27.14 -16.35
CA THR A 1223 6.43 27.44 -15.63
C THR A 1223 6.43 28.86 -15.07
N LEU A 1224 7.58 29.33 -14.58
CA LEU A 1224 7.66 30.69 -14.06
C LEU A 1224 7.37 31.72 -15.14
N LEU A 1225 7.76 31.42 -16.38
CA LEU A 1225 7.39 32.27 -17.51
C LEU A 1225 5.88 32.51 -17.57
N ASN A 1226 5.08 31.49 -17.25
CA ASN A 1226 3.63 31.60 -17.29
C ASN A 1226 3.05 31.93 -15.91
N GLY A 1227 3.87 32.35 -14.96
CA GLY A 1227 3.39 32.92 -13.73
C GLY A 1227 3.17 31.94 -12.60
N VAL A 1228 3.74 30.73 -12.70
CA VAL A 1228 3.53 29.70 -11.71
C VAL A 1228 4.87 29.13 -11.29
N GLY A 1229 5.20 29.26 -10.00
CA GLY A 1229 6.40 28.68 -9.46
C GLY A 1229 6.12 27.40 -8.68
N TYR A 1230 7.21 26.79 -8.23
CA TYR A 1230 7.05 25.68 -7.30
C TYR A 1230 8.28 25.57 -6.40
N LEU A 1231 8.05 25.06 -5.20
CA LEU A 1231 9.09 24.82 -4.20
C LEU A 1231 9.00 23.39 -3.74
N HIS A 1232 10.15 22.72 -3.71
CA HIS A 1232 10.29 21.40 -3.13
C HIS A 1232 11.68 21.29 -2.52
N GLU A 1233 11.88 20.21 -1.78
CA GLU A 1233 13.11 20.01 -1.01
C GLU A 1233 14.34 19.81 -1.90
N GLY A 1234 14.17 19.67 -3.21
CA GLY A 1234 15.28 19.37 -4.10
C GLY A 1234 15.90 20.56 -4.80
N LEU A 1235 15.25 21.72 -4.73
CA LEU A 1235 15.80 22.90 -5.36
C LEU A 1235 16.97 23.44 -4.56
N SER A 1236 17.86 24.17 -5.25
CA SER A 1236 18.93 24.88 -4.58
C SER A 1236 18.34 25.92 -3.63
N PRO A 1237 19.06 26.28 -2.56
CA PRO A 1237 18.51 27.28 -1.62
C PRO A 1237 18.26 28.63 -2.26
N MET A 1238 19.08 29.02 -3.23
CA MET A 1238 18.85 30.27 -3.93
C MET A 1238 17.70 30.16 -4.93
N GLU A 1239 17.56 29.01 -5.59
CA GLU A 1239 16.37 28.77 -6.41
C GLU A 1239 15.11 29.01 -5.59
N ARG A 1240 15.02 28.38 -4.43
CA ARG A 1240 13.88 28.57 -3.54
C ARG A 1240 13.75 30.03 -3.13
N ARG A 1241 14.86 30.68 -2.74
CA ARG A 1241 14.79 32.05 -2.28
C ARG A 1241 14.27 32.99 -3.37
N LEU A 1242 14.72 32.79 -4.61
CA LEU A 1242 14.33 33.71 -5.68
C LEU A 1242 12.92 33.42 -6.18
N VAL A 1243 12.50 32.15 -6.19
CA VAL A 1243 11.09 31.86 -6.45
C VAL A 1243 10.21 32.47 -5.38
N GLU A 1244 10.65 32.39 -4.11
CA GLU A 1244 9.90 33.03 -3.03
C GLU A 1244 9.77 34.52 -3.24
N GLN A 1245 10.87 35.18 -3.63
CA GLN A 1245 10.82 36.62 -3.82
C GLN A 1245 9.96 37.00 -5.02
N LEU A 1246 10.01 36.21 -6.09
CA LEU A 1246 9.09 36.38 -7.20
C LEU A 1246 7.64 36.32 -6.73
N PHE A 1247 7.33 35.36 -5.85
CA PHE A 1247 6.00 35.29 -5.26
C PHE A 1247 5.70 36.53 -4.41
N SER A 1248 6.65 36.92 -3.57
CA SER A 1248 6.51 38.15 -2.80
C SER A 1248 6.29 39.35 -3.72
N SER A 1249 7.12 39.47 -4.76
CA SER A 1249 7.06 40.59 -5.70
C SER A 1249 5.67 40.86 -6.23
N GLY A 1250 4.79 39.86 -6.23
CA GLY A 1250 3.61 39.92 -7.04
C GLY A 1250 3.84 39.48 -8.47
N ALA A 1251 5.09 39.17 -8.84
CA ALA A 1251 5.38 38.79 -10.21
C ALA A 1251 4.60 37.55 -10.61
N ILE A 1252 4.65 36.51 -9.78
CA ILE A 1252 3.93 35.26 -10.03
C ILE A 1252 2.79 35.16 -9.03
N GLN A 1253 1.72 34.50 -9.45
CA GLN A 1253 0.49 34.46 -8.66
C GLN A 1253 0.28 33.12 -7.97
N VAL A 1254 0.87 32.04 -8.49
CA VAL A 1254 0.71 30.73 -7.90
C VAL A 1254 2.08 30.16 -7.57
N VAL A 1255 2.17 29.49 -6.42
CA VAL A 1255 3.34 28.67 -6.12
C VAL A 1255 2.86 27.32 -5.59
N VAL A 1256 3.42 26.24 -6.12
CA VAL A 1256 3.10 24.89 -5.68
C VAL A 1256 4.21 24.40 -4.76
N ALA A 1257 3.93 24.22 -3.47
CA ALA A 1257 4.92 23.83 -2.48
C ALA A 1257 4.69 22.42 -1.97
N SER A 1258 5.80 21.73 -1.72
CA SER A 1258 5.75 20.42 -1.07
C SER A 1258 5.35 20.57 0.40
N ARG A 1259 4.49 19.65 0.85
CA ARG A 1259 4.05 19.60 2.25
C ARG A 1259 5.19 19.73 3.26
N SER A 1260 6.37 19.21 2.90
CA SER A 1260 7.49 19.22 3.83
C SER A 1260 8.01 20.63 4.10
N LEU A 1261 7.67 21.61 3.26
CA LEU A 1261 8.14 22.98 3.47
C LEU A 1261 7.09 23.86 4.15
N CYS A 1262 6.10 23.30 4.83
CA CYS A 1262 5.06 24.17 5.37
C CYS A 1262 5.48 24.86 6.67
N TRP A 1263 6.64 24.50 7.21
CA TRP A 1263 7.13 25.15 8.42
C TRP A 1263 8.24 26.16 8.17
N GLY A 1264 8.87 26.12 7.00
CA GLY A 1264 9.93 27.05 6.71
C GLY A 1264 9.68 27.91 5.50
N MET A 1265 8.42 28.27 5.25
CA MET A 1265 8.12 29.07 4.08
C MET A 1265 7.95 30.52 4.46
N ASN A 1266 8.65 31.39 3.75
CA ASN A 1266 8.78 32.79 4.10
C ASN A 1266 7.79 33.65 3.33
N VAL A 1267 6.82 33.02 2.67
CA VAL A 1267 5.78 33.71 1.91
C VAL A 1267 4.43 33.37 2.51
N ALA A 1268 3.43 34.18 2.16
CA ALA A 1268 2.04 33.96 2.54
C ALA A 1268 1.17 34.30 1.35
N ALA A 1269 -0.12 34.03 1.45
CA ALA A 1269 -0.97 34.06 0.27
C ALA A 1269 -2.40 34.40 0.65
N HIS A 1270 -3.15 34.84 -0.37
CA HIS A 1270 -4.59 35.08 -0.21
C HIS A 1270 -5.36 33.77 -0.11
N LEU A 1271 -4.91 32.75 -0.83
CA LEU A 1271 -5.63 31.48 -0.95
C LEU A 1271 -4.65 30.33 -0.81
N VAL A 1272 -4.87 29.49 0.19
CA VAL A 1272 -4.15 28.23 0.30
C VAL A 1272 -5.07 27.10 -0.15
N ILE A 1273 -4.59 26.29 -1.09
CA ILE A 1273 -5.27 25.05 -1.48
C ILE A 1273 -4.39 23.91 -0.99
N ILE A 1274 -4.96 23.04 -0.15
CA ILE A 1274 -4.27 21.86 0.34
C ILE A 1274 -4.73 20.67 -0.51
N MET A 1275 -3.86 20.17 -1.38
CA MET A 1275 -4.34 19.30 -2.44
C MET A 1275 -4.77 17.95 -1.89
N ASP A 1276 -3.88 17.15 -1.38
CA ASP A 1276 -4.33 15.99 -0.63
C ASP A 1276 -3.95 16.17 0.84
N THR A 1277 -4.25 15.15 1.66
CA THR A 1277 -3.91 15.19 3.08
C THR A 1277 -3.20 13.93 3.53
N GLN A 1278 -2.57 13.19 2.60
CA GLN A 1278 -1.76 12.04 2.95
C GLN A 1278 -0.53 12.04 2.06
N TYR A 1279 0.56 11.49 2.59
CA TYR A 1279 1.76 11.30 1.80
C TYR A 1279 2.24 9.87 1.99
N TYR A 1280 3.01 9.38 1.02
CA TYR A 1280 3.40 7.98 1.01
C TYR A 1280 4.74 7.84 1.74
N ASN A 1281 4.70 7.33 2.96
CA ASN A 1281 5.92 6.94 3.66
C ASN A 1281 6.46 5.67 3.03
N GLY A 1282 7.71 5.76 2.56
CA GLY A 1282 8.41 4.72 1.84
C GLY A 1282 9.24 3.78 2.66
N LYS A 1283 9.16 3.82 3.99
CA LYS A 1283 9.77 2.75 4.78
C LYS A 1283 8.74 1.86 5.47
N ILE A 1284 7.54 2.38 5.77
CA ILE A 1284 6.42 1.48 6.06
C ILE A 1284 5.64 1.13 4.80
N HIS A 1285 6.01 1.71 3.65
CA HIS A 1285 5.36 1.44 2.37
C HIS A 1285 3.85 1.59 2.46
N ALA A 1286 3.41 2.77 2.94
CA ALA A 1286 1.98 3.04 3.04
C ALA A 1286 1.77 4.53 3.20
N TYR A 1287 0.53 4.95 2.96
CA TYR A 1287 0.20 6.37 3.09
C TYR A 1287 -0.06 6.71 4.54
N VAL A 1288 0.19 7.98 4.86
CA VAL A 1288 0.16 8.50 6.22
C VAL A 1288 -0.57 9.82 6.18
N ASP A 1289 -1.46 10.04 7.15
CA ASP A 1289 -2.19 11.29 7.24
C ASP A 1289 -1.28 12.42 7.71
N TYR A 1290 -1.43 13.58 7.06
CA TYR A 1290 -0.83 14.80 7.56
C TYR A 1290 -1.17 14.96 9.04
N PRO A 1291 -0.20 15.26 9.90
CA PRO A 1291 -0.53 15.69 11.27
C PRO A 1291 -1.47 16.91 11.23
N ILE A 1292 -2.37 16.97 12.21
CA ILE A 1292 -3.27 18.12 12.27
C ILE A 1292 -2.49 19.44 12.43
N TYR A 1293 -1.29 19.37 13.00
CA TYR A 1293 -0.47 20.57 13.19
C TYR A 1293 0.04 21.09 11.87
N ASP A 1294 0.46 20.20 10.97
CA ASP A 1294 0.84 20.63 9.63
C ASP A 1294 -0.34 21.25 8.89
N VAL A 1295 -1.55 20.74 9.10
CA VAL A 1295 -2.69 21.32 8.43
C VAL A 1295 -2.99 22.71 8.98
N LEU A 1296 -2.96 22.87 10.32
CA LEU A 1296 -3.19 24.19 10.90
C LEU A 1296 -2.13 25.18 10.44
N GLN A 1297 -0.88 24.73 10.37
CA GLN A 1297 0.22 25.54 9.85
C GLN A 1297 -0.01 25.93 8.39
N MET A 1298 -0.41 24.97 7.54
CA MET A 1298 -0.69 25.28 6.14
C MET A 1298 -1.82 26.29 6.01
N VAL A 1299 -2.92 26.07 6.74
CA VAL A 1299 -4.04 27.00 6.70
C VAL A 1299 -3.61 28.37 7.19
N GLY A 1300 -2.59 28.43 8.05
CA GLY A 1300 -2.08 29.71 8.51
C GLY A 1300 -1.48 30.57 7.41
N HIS A 1301 -0.99 29.95 6.34
CA HIS A 1301 -0.40 30.69 5.24
C HIS A 1301 -1.42 31.53 4.47
N ALA A 1302 -2.71 31.32 4.66
CA ALA A 1302 -3.73 32.07 3.93
C ALA A 1302 -4.14 33.27 4.76
N ASN A 1303 -3.21 34.23 4.84
CA ASN A 1303 -3.30 35.29 5.83
C ASN A 1303 -2.38 36.43 5.42
N ARG A 1304 -2.97 37.59 5.15
CA ARG A 1304 -2.23 38.77 4.70
C ARG A 1304 -2.90 40.00 5.30
N PRO A 1305 -2.58 40.34 6.55
CA PRO A 1305 -3.29 41.45 7.21
C PRO A 1305 -3.21 42.75 6.44
N LEU A 1306 -2.02 43.15 6.01
CA LEU A 1306 -1.84 44.45 5.38
C LEU A 1306 -2.31 44.47 3.93
N GLN A 1307 -2.96 43.42 3.44
CA GLN A 1307 -3.30 43.37 2.01
C GLN A 1307 -4.66 42.77 1.67
N ASP A 1308 -5.28 41.95 2.53
CA ASP A 1308 -6.50 41.25 2.15
C ASP A 1308 -7.58 41.42 3.21
N ASP A 1309 -8.83 41.54 2.75
CA ASP A 1309 -9.94 41.62 3.70
C ASP A 1309 -10.25 40.28 4.36
N GLU A 1310 -9.67 39.19 3.84
CA GLU A 1310 -9.92 37.84 4.35
C GLU A 1310 -8.89 36.89 3.72
N GLY A 1311 -8.79 35.70 4.29
CA GLY A 1311 -8.04 34.61 3.70
C GLY A 1311 -8.98 33.50 3.31
N ARG A 1312 -8.59 32.73 2.28
CA ARG A 1312 -9.41 31.64 1.76
C ARG A 1312 -8.58 30.37 1.68
N CYS A 1313 -9.11 29.28 2.21
CA CYS A 1313 -8.44 28.01 2.12
C CYS A 1313 -9.42 26.93 1.68
N VAL A 1314 -8.99 26.11 0.73
CA VAL A 1314 -9.75 24.96 0.25
C VAL A 1314 -8.92 23.71 0.51
N ILE A 1315 -9.43 22.83 1.36
CA ILE A 1315 -8.74 21.60 1.74
C ILE A 1315 -9.42 20.44 1.03
N MET A 1316 -8.70 19.80 0.12
CA MET A 1316 -9.22 18.68 -0.64
C MET A 1316 -8.74 17.38 -0.01
N CYS A 1317 -9.66 16.48 0.30
CA CYS A 1317 -9.29 15.31 1.08
C CYS A 1317 -10.18 14.14 0.70
N GLN A 1318 -9.65 12.94 0.94
CA GLN A 1318 -10.47 11.75 0.80
C GLN A 1318 -11.72 11.91 1.64
N GLY A 1319 -12.86 11.52 1.08
CA GLY A 1319 -14.12 11.73 1.78
C GLY A 1319 -14.09 11.21 3.20
N SER A 1320 -13.41 10.09 3.41
CA SER A 1320 -13.36 9.45 4.71
C SER A 1320 -12.68 10.32 5.76
N LYS A 1321 -12.11 11.46 5.36
CA LYS A 1321 -11.47 12.36 6.31
C LYS A 1321 -12.21 13.68 6.49
N LYS A 1322 -13.18 13.99 5.62
CA LYS A 1322 -13.86 15.28 5.66
C LYS A 1322 -14.37 15.61 7.06
N ASP A 1323 -15.19 14.73 7.63
CA ASP A 1323 -15.77 15.01 8.95
C ASP A 1323 -14.71 15.36 9.98
N PHE A 1324 -13.61 14.59 10.02
CA PHE A 1324 -12.58 14.85 11.03
C PHE A 1324 -12.03 16.26 10.90
N PHE A 1325 -11.76 16.70 9.67
CA PHE A 1325 -11.29 18.07 9.51
C PHE A 1325 -12.33 19.07 10.00
N LYS A 1326 -13.60 18.86 9.65
CA LYS A 1326 -14.63 19.77 10.13
C LYS A 1326 -14.68 19.79 11.65
N LYS A 1327 -14.33 18.67 12.30
CA LYS A 1327 -14.37 18.68 13.76
C LYS A 1327 -13.14 19.34 14.33
N PHE A 1328 -12.00 19.27 13.66
CA PHE A 1328 -10.79 19.73 14.32
C PHE A 1328 -10.19 21.00 13.72
N LEU A 1329 -10.80 21.59 12.69
CA LEU A 1329 -10.41 22.91 12.22
C LEU A 1329 -11.38 24.00 12.63
N TYR A 1330 -12.70 23.73 12.64
CA TYR A 1330 -13.68 24.75 13.01
C TYR A 1330 -13.76 24.96 14.52
N GLU A 1331 -13.31 24.00 15.32
CA GLU A 1331 -13.29 24.12 16.77
C GLU A 1331 -11.86 24.03 17.30
N PRO A 1332 -11.63 24.45 18.54
CA PRO A 1332 -10.27 24.35 19.10
C PRO A 1332 -9.84 22.91 19.30
N LEU A 1333 -8.57 22.73 19.55
CA LEU A 1333 -7.91 21.44 19.50
C LEU A 1333 -7.77 20.85 20.89
N PRO A 1334 -8.13 19.60 21.11
CA PRO A 1334 -7.73 18.95 22.36
C PRO A 1334 -6.37 18.33 22.24
N VAL A 1335 -5.44 18.67 23.13
CA VAL A 1335 -4.09 18.13 23.09
C VAL A 1335 -3.82 17.35 24.37
N GLU A 1336 -3.09 16.24 24.23
CA GLU A 1336 -2.71 15.34 25.31
C GLU A 1336 -1.19 15.23 25.38
N SER A 1337 -0.72 14.55 26.41
CA SER A 1337 0.70 14.31 26.60
C SER A 1337 1.06 12.88 26.21
N HIS A 1338 2.26 12.70 25.65
CA HIS A 1338 2.75 11.38 25.30
C HIS A 1338 4.11 11.10 25.94
N LEU A 1339 4.37 11.79 27.04
CA LEU A 1339 5.60 11.63 27.81
C LEU A 1339 5.72 10.25 28.42
N ASP A 1340 4.59 9.60 28.71
CA ASP A 1340 4.64 8.23 29.25
C ASP A 1340 5.28 7.24 28.27
N HIS A 1341 5.28 7.55 26.97
CA HIS A 1341 5.98 6.74 25.98
C HIS A 1341 7.37 7.27 25.67
N CYS A 1342 7.93 8.12 26.54
CA CYS A 1342 9.19 8.78 26.20
C CYS A 1342 9.93 9.26 27.44
N MET A 1343 10.00 8.43 28.47
CA MET A 1343 10.48 8.88 29.76
C MET A 1343 11.89 8.41 30.11
N HIS A 1344 12.41 7.39 29.43
CA HIS A 1344 13.66 6.80 29.86
C HIS A 1344 14.80 7.81 29.85
N ASP A 1345 14.97 8.54 28.73
CA ASP A 1345 16.13 9.42 28.63
C ASP A 1345 16.02 10.58 29.61
N HIS A 1346 14.83 11.12 29.80
CA HIS A 1346 14.64 12.18 30.78
C HIS A 1346 14.90 11.67 32.19
N PHE A 1347 14.30 10.53 32.56
CA PHE A 1347 14.53 9.92 33.87
C PHE A 1347 16.03 9.66 34.10
N ASN A 1348 16.72 9.18 33.08
CA ASN A 1348 18.15 8.92 33.21
C ASN A 1348 18.92 10.21 33.48
N ALA A 1349 18.63 11.26 32.72
CA ALA A 1349 19.32 12.52 32.95
C ALA A 1349 19.01 13.06 34.34
N GLU A 1350 17.76 12.91 34.80
CA GLU A 1350 17.40 13.38 36.14
C GLU A 1350 18.08 12.58 37.23
N ILE A 1351 18.43 11.32 36.95
CA ILE A 1351 19.19 10.54 37.93
C ILE A 1351 20.66 10.95 37.91
N VAL A 1352 21.20 11.30 36.75
CA VAL A 1352 22.57 11.79 36.70
C VAL A 1352 22.71 13.09 37.48
N THR A 1353 21.71 13.98 37.38
CA THR A 1353 21.76 15.26 38.07
C THR A 1353 21.30 15.18 39.51
N LYS A 1354 21.21 14.00 40.09
CA LYS A 1354 20.80 13.81 41.48
C LYS A 1354 19.48 14.51 41.78
N THR A 1355 18.62 14.65 40.78
CA THR A 1355 17.28 15.18 41.03
C THR A 1355 16.31 14.10 41.45
N ILE A 1356 16.34 12.94 40.78
CA ILE A 1356 15.58 11.77 41.17
C ILE A 1356 16.56 10.78 41.79
N GLU A 1357 16.39 10.50 43.09
CA GLU A 1357 17.29 9.60 43.81
C GLU A 1357 16.61 8.35 44.34
N ASN A 1358 15.28 8.32 44.35
CA ASN A 1358 14.51 7.14 44.72
C ASN A 1358 13.31 7.08 43.79
N LYS A 1359 12.40 6.16 44.07
CA LYS A 1359 11.19 6.07 43.26
C LYS A 1359 10.18 7.14 43.64
N GLN A 1360 10.12 7.51 44.93
CA GLN A 1360 9.25 8.60 45.34
C GLN A 1360 9.64 9.89 44.63
N ASP A 1361 10.94 10.09 44.42
CA ASP A 1361 11.37 11.27 43.69
C ASP A 1361 10.83 11.26 42.27
N ALA A 1362 10.74 10.08 41.65
CA ALA A 1362 10.20 9.98 40.30
C ALA A 1362 8.71 10.26 40.27
N VAL A 1363 7.97 9.80 41.28
CA VAL A 1363 6.54 10.14 41.35
C VAL A 1363 6.36 11.65 41.46
N ASP A 1364 7.08 12.26 42.40
CA ASP A 1364 6.93 13.70 42.59
C ASP A 1364 7.36 14.45 41.33
N TYR A 1365 8.40 13.98 40.66
CA TYR A 1365 8.80 14.56 39.38
C TYR A 1365 7.62 14.58 38.42
N LEU A 1366 7.02 13.41 38.20
CA LEU A 1366 5.91 13.30 37.26
C LEU A 1366 4.78 14.26 37.60
N THR A 1367 4.57 14.56 38.88
CA THR A 1367 3.45 15.44 39.21
C THR A 1367 3.60 16.84 38.60
N TRP A 1368 4.81 17.26 38.22
CA TRP A 1368 5.05 18.56 37.63
C TRP A 1368 4.72 18.64 36.13
N THR A 1369 4.23 17.57 35.54
CA THR A 1369 4.10 17.45 34.10
C THR A 1369 2.69 17.78 33.65
N PHE A 1370 2.56 18.04 32.34
CA PHE A 1370 1.23 18.18 31.75
C PHE A 1370 0.52 16.84 31.69
N LEU A 1371 1.29 15.77 31.49
CA LEU A 1371 0.77 14.41 31.60
C LEU A 1371 -0.06 14.23 32.86
N TYR A 1372 0.50 14.59 34.01
CA TYR A 1372 -0.20 14.34 35.27
C TYR A 1372 -1.44 15.20 35.41
N ARG A 1373 -1.46 16.41 34.83
CA ARG A 1373 -2.67 17.20 34.88
C ARG A 1373 -3.75 16.58 34.01
N ARG A 1374 -3.37 16.09 32.83
CA ARG A 1374 -4.30 15.51 31.88
C ARG A 1374 -4.76 14.11 32.25
N MET A 1375 -4.07 13.43 33.17
CA MET A 1375 -4.52 12.11 33.59
C MET A 1375 -5.80 12.17 34.41
N THR A 1376 -6.00 13.24 35.17
CA THR A 1376 -7.24 13.37 35.94
C THR A 1376 -8.39 13.93 35.10
N GLN A 1377 -8.11 14.47 33.91
CA GLN A 1377 -9.12 15.09 33.07
C GLN A 1377 -9.60 14.18 31.93
N ASN A 1378 -8.81 13.20 31.50
CA ASN A 1378 -9.20 12.31 30.41
C ASN A 1378 -8.57 10.93 30.63
N PRO A 1379 -9.01 10.20 31.66
CA PRO A 1379 -8.20 9.06 32.14
C PRO A 1379 -8.02 7.94 31.14
N ASN A 1380 -9.08 7.54 30.42
CA ASN A 1380 -8.96 6.40 29.50
C ASN A 1380 -7.91 6.64 28.43
N TYR A 1381 -7.63 7.91 28.10
CA TYR A 1381 -6.60 8.22 27.12
C TYR A 1381 -5.24 7.75 27.60
N TYR A 1382 -4.97 7.91 28.89
CA TYR A 1382 -3.72 7.50 29.51
C TYR A 1382 -3.85 6.15 30.16
N ASN A 1383 -4.94 5.44 29.88
CA ASN A 1383 -5.16 4.06 30.29
C ASN A 1383 -5.41 3.94 31.79
N LEU A 1384 -6.01 4.96 32.40
CA LEU A 1384 -6.53 4.89 33.76
C LEU A 1384 -8.03 4.66 33.72
N GLN A 1385 -8.54 4.03 34.77
CA GLN A 1385 -9.97 3.75 34.88
C GLN A 1385 -10.63 4.51 36.02
N GLY A 1386 -9.94 5.47 36.62
CA GLY A 1386 -10.54 6.35 37.60
C GLY A 1386 -9.59 7.48 37.93
N ILE A 1387 -10.14 8.55 38.47
CA ILE A 1387 -9.34 9.74 38.78
C ILE A 1387 -9.15 9.90 40.29
N SER A 1388 -9.32 8.83 41.07
CA SER A 1388 -9.04 8.90 42.50
C SER A 1388 -7.54 9.05 42.74
N HIS A 1389 -7.20 9.54 43.93
CA HIS A 1389 -5.80 9.75 44.26
C HIS A 1389 -5.03 8.44 44.30
N ARG A 1390 -5.70 7.35 44.67
CA ARG A 1390 -5.05 6.05 44.68
C ARG A 1390 -4.89 5.49 43.27
N HIS A 1391 -5.90 5.65 42.42
CA HIS A 1391 -5.72 5.40 40.99
C HIS A 1391 -4.46 6.11 40.48
N LEU A 1392 -4.40 7.42 40.68
CA LEU A 1392 -3.29 8.22 40.17
C LEU A 1392 -1.96 7.71 40.69
N SER A 1393 -1.84 7.58 42.02
CA SER A 1393 -0.57 7.18 42.59
C SER A 1393 -0.17 5.76 42.16
N ASP A 1394 -1.13 4.85 42.00
CA ASP A 1394 -0.80 3.52 41.51
C ASP A 1394 -0.31 3.57 40.07
N HIS A 1395 -1.06 4.26 39.21
CA HIS A 1395 -0.69 4.37 37.81
C HIS A 1395 0.70 5.00 37.66
N LEU A 1396 0.98 6.02 38.47
CA LEU A 1396 2.29 6.67 38.44
C LEU A 1396 3.38 5.75 38.93
N SER A 1397 3.12 5.01 40.02
CA SER A 1397 4.10 4.05 40.52
C SER A 1397 4.42 3.01 39.47
N GLU A 1398 3.41 2.53 38.75
CA GLU A 1398 3.65 1.59 37.66
C GLU A 1398 4.54 2.20 36.60
N LEU A 1399 4.18 3.39 36.12
CA LEU A 1399 4.98 4.08 35.11
C LEU A 1399 6.44 4.20 35.53
N VAL A 1400 6.64 4.65 36.77
CA VAL A 1400 7.98 4.82 37.32
C VAL A 1400 8.70 3.48 37.37
N GLU A 1401 8.02 2.45 37.87
CA GLU A 1401 8.62 1.14 38.06
C GLU A 1401 9.09 0.59 36.73
N GLN A 1402 8.24 0.66 35.72
CA GLN A 1402 8.58 0.17 34.39
C GLN A 1402 9.79 0.90 33.83
N THR A 1403 9.80 2.24 33.93
CA THR A 1403 10.90 3.01 33.34
C THR A 1403 12.22 2.75 34.06
N LEU A 1404 12.19 2.70 35.39
CA LEU A 1404 13.41 2.45 36.15
C LEU A 1404 13.91 1.03 35.90
N SER A 1405 13.01 0.07 35.78
CA SER A 1405 13.41 -1.30 35.48
C SER A 1405 14.12 -1.37 34.14
N ASP A 1406 13.56 -0.70 33.12
CA ASP A 1406 14.20 -0.68 31.82
C ASP A 1406 15.58 -0.06 31.89
N LEU A 1407 15.71 1.09 32.57
CA LEU A 1407 17.02 1.70 32.72
C LEU A 1407 17.99 0.75 33.43
N GLU A 1408 17.50 -0.01 34.40
CA GLU A 1408 18.38 -0.86 35.18
C GLU A 1408 18.86 -2.05 34.35
N GLN A 1409 17.97 -2.65 33.56
CA GLN A 1409 18.39 -3.72 32.66
C GLN A 1409 19.46 -3.25 31.69
N SER A 1410 19.34 -2.02 31.19
CA SER A 1410 20.31 -1.47 30.24
C SER A 1410 21.64 -1.10 30.87
N LYS A 1411 21.81 -1.33 32.17
CA LYS A 1411 23.04 -1.00 32.88
C LYS A 1411 23.34 0.50 32.83
N CYS A 1412 22.28 1.31 32.85
CA CYS A 1412 22.39 2.77 32.92
C CYS A 1412 22.25 3.29 34.34
N ILE A 1413 21.33 2.71 35.12
CA ILE A 1413 21.19 3.04 36.53
C ILE A 1413 21.28 1.77 37.35
N SER A 1414 21.48 1.96 38.65
CA SER A 1414 21.46 0.88 39.63
C SER A 1414 20.27 1.12 40.56
N ILE A 1415 19.63 0.03 40.96
CA ILE A 1415 18.51 0.06 41.89
C ILE A 1415 18.94 -0.76 43.10
N GLU A 1416 19.20 -0.08 44.21
CA GLU A 1416 19.57 -0.71 45.47
C GLU A 1416 18.38 -0.70 46.42
N ASP A 1417 18.15 -1.85 47.06
CA ASP A 1417 17.05 -2.08 48.02
C ASP A 1417 15.68 -1.83 47.41
N GLU A 1418 15.58 -1.96 46.08
CA GLU A 1418 14.35 -1.70 45.33
C GLU A 1418 13.96 -0.22 45.32
N MET A 1419 14.30 0.53 46.37
CA MET A 1419 13.84 1.91 46.47
C MET A 1419 14.81 2.92 45.89
N ASP A 1420 16.12 2.76 46.10
CA ASP A 1420 17.07 3.82 45.77
C ASP A 1420 17.68 3.59 44.40
N VAL A 1421 17.86 4.68 43.64
CA VAL A 1421 18.43 4.62 42.31
C VAL A 1421 19.66 5.52 42.24
N ALA A 1422 20.62 5.12 41.41
CA ALA A 1422 21.86 5.85 41.26
C ALA A 1422 22.35 5.73 39.83
N PRO A 1423 23.06 6.74 39.32
CA PRO A 1423 23.50 6.69 37.92
C PRO A 1423 24.79 5.90 37.73
N LEU A 1424 24.85 5.19 36.60
CA LEU A 1424 26.01 4.39 36.23
C LEU A 1424 26.72 5.03 35.04
N ASN A 1425 27.84 4.41 34.67
CA ASN A 1425 28.70 4.88 33.59
C ASN A 1425 27.89 5.19 32.32
N LEU A 1426 27.21 4.19 31.78
CA LEU A 1426 26.46 4.38 30.55
C LEU A 1426 25.38 5.45 30.70
N GLY A 1427 24.64 5.43 31.80
CA GLY A 1427 23.64 6.46 32.01
C GLY A 1427 24.25 7.85 32.00
N MET A 1428 25.45 7.98 32.58
CA MET A 1428 26.15 9.26 32.56
C MET A 1428 26.56 9.66 31.15
N ILE A 1429 27.05 8.70 30.35
CA ILE A 1429 27.46 9.03 28.98
C ILE A 1429 26.25 9.44 28.14
N ALA A 1430 25.14 8.71 28.28
CA ALA A 1430 23.93 9.07 27.56
C ALA A 1430 23.44 10.46 27.95
N ALA A 1431 23.38 10.72 29.26
CA ALA A 1431 22.93 12.03 29.74
C ALA A 1431 23.83 13.15 29.25
N TYR A 1432 25.15 12.94 29.31
CA TYR A 1432 26.08 13.99 28.92
C TYR A 1432 25.94 14.31 27.43
N TYR A 1433 26.15 13.31 26.57
CA TYR A 1433 26.12 13.56 25.13
C TYR A 1433 24.70 13.62 24.56
N TYR A 1434 23.68 13.52 25.42
CA TYR A 1434 22.27 13.63 25.02
C TYR A 1434 21.96 12.58 23.95
N ILE A 1435 22.07 11.33 24.35
CA ILE A 1435 21.97 10.19 23.44
C ILE A 1435 20.96 9.19 23.97
N ASN A 1436 20.10 8.69 23.06
CA ASN A 1436 19.11 7.70 23.41
C ASN A 1436 19.74 6.57 24.18
N TYR A 1437 19.11 6.18 25.29
CA TYR A 1437 19.72 5.14 26.11
C TYR A 1437 19.78 3.82 25.35
N THR A 1438 18.85 3.58 24.41
CA THR A 1438 18.96 2.38 23.58
C THR A 1438 20.19 2.45 22.69
N THR A 1439 20.48 3.63 22.12
CA THR A 1439 21.67 3.79 21.29
C THR A 1439 22.91 3.36 22.06
N ILE A 1440 23.06 3.81 23.30
CA ILE A 1440 24.29 3.53 24.02
C ILE A 1440 24.30 2.11 24.58
N GLU A 1441 23.14 1.55 24.95
CA GLU A 1441 23.12 0.14 25.34
C GLU A 1441 23.57 -0.73 24.17
N LEU A 1442 22.97 -0.52 22.99
CA LEU A 1442 23.39 -1.24 21.79
C LEU A 1442 24.87 -1.03 21.49
N PHE A 1443 25.36 0.20 21.65
CA PHE A 1443 26.79 0.45 21.53
C PHE A 1443 27.58 -0.47 22.44
N SER A 1444 27.14 -0.58 23.70
CA SER A 1444 27.86 -1.40 24.68
C SER A 1444 27.98 -2.84 24.21
N MET A 1445 26.90 -3.41 23.71
CA MET A 1445 26.88 -4.80 23.27
C MET A 1445 27.24 -4.97 21.80
N SER A 1446 27.88 -3.96 21.19
CA SER A 1446 28.39 -4.06 19.82
C SER A 1446 29.88 -3.82 19.71
N LEU A 1447 30.49 -3.20 20.70
CA LEU A 1447 31.88 -2.78 20.62
C LEU A 1447 32.77 -3.82 21.31
N ASN A 1448 33.74 -4.34 20.57
CA ASN A 1448 34.84 -5.11 21.12
C ASN A 1448 36.13 -4.38 20.80
N ALA A 1449 37.22 -4.80 21.45
CA ALA A 1449 38.51 -4.16 21.20
C ALA A 1449 38.99 -4.34 19.77
N LYS A 1450 38.34 -5.20 18.99
CA LYS A 1450 38.73 -5.48 17.61
C LYS A 1450 37.97 -4.66 16.58
N THR A 1451 36.90 -3.96 16.97
CA THR A 1451 36.15 -3.15 16.02
C THR A 1451 37.02 -2.03 15.46
N LYS A 1452 36.94 -1.83 14.15
CA LYS A 1452 37.73 -0.85 13.44
C LYS A 1452 36.83 0.28 12.93
N VAL A 1453 37.41 1.14 12.09
CA VAL A 1453 36.67 2.31 11.58
C VAL A 1453 35.39 1.86 10.87
N ARG A 1454 35.47 0.77 10.10
CA ARG A 1454 34.28 0.27 9.41
C ARG A 1454 33.21 -0.15 10.42
N GLY A 1455 33.60 -0.92 11.44
CA GLY A 1455 32.65 -1.33 12.46
C GLY A 1455 32.12 -0.15 13.24
N LEU A 1456 32.94 0.88 13.43
CA LEU A 1456 32.46 2.09 14.10
C LEU A 1456 31.38 2.77 13.28
N ILE A 1457 31.64 2.97 11.99
CA ILE A 1457 30.65 3.62 11.13
C ILE A 1457 29.36 2.81 11.11
N GLU A 1458 29.48 1.49 11.10
CA GLU A 1458 28.28 0.65 11.13
C GLU A 1458 27.52 0.81 12.45
N ILE A 1459 28.22 0.61 13.56
CA ILE A 1459 27.61 0.69 14.89
C ILE A 1459 26.88 2.01 15.06
N ILE A 1460 27.58 3.13 14.82
CA ILE A 1460 26.93 4.42 14.94
C ILE A 1460 25.85 4.62 13.87
N SER A 1461 25.91 3.88 12.76
CA SER A 1461 24.83 3.98 11.78
C SER A 1461 23.57 3.34 12.29
N ASN A 1462 23.68 2.39 13.21
CA ASN A 1462 22.50 1.75 13.77
C ASN A 1462 21.95 2.47 15.00
N ALA A 1463 22.46 3.66 15.30
CA ALA A 1463 21.96 4.43 16.43
C ALA A 1463 20.46 4.73 16.27
N ALA A 1464 19.77 4.82 17.41
CA ALA A 1464 18.38 5.22 17.42
C ALA A 1464 18.20 6.63 16.84
N GLU A 1465 19.19 7.51 17.03
CA GLU A 1465 19.07 8.89 16.55
C GLU A 1465 18.94 8.99 15.04
N TYR A 1466 19.10 7.90 14.31
CA TYR A 1466 19.08 7.92 12.85
C TYR A 1466 17.84 7.26 12.26
N GLU A 1467 16.96 6.69 13.09
CA GLU A 1467 15.78 6.00 12.58
C GLU A 1467 14.87 6.94 11.80
N ASN A 1468 14.83 8.22 12.16
CA ASN A 1468 13.91 9.15 11.54
C ASN A 1468 14.49 9.81 10.28
N ILE A 1469 15.64 9.35 9.80
CA ILE A 1469 16.21 9.93 8.58
C ILE A 1469 15.30 9.61 7.40
N PRO A 1470 15.07 10.54 6.46
CA PRO A 1470 14.07 10.31 5.41
C PRO A 1470 14.48 9.21 4.44
N ILE A 1471 13.50 8.74 3.66
CA ILE A 1471 13.67 7.61 2.76
C ILE A 1471 13.17 7.99 1.37
N ARG A 1472 13.96 7.67 0.34
CA ARG A 1472 13.55 7.89 -1.05
C ARG A 1472 14.00 6.75 -1.97
N HIS A 1473 15.19 6.21 -1.73
CA HIS A 1473 15.74 5.03 -2.43
C HIS A 1473 16.16 5.32 -3.87
N HIS A 1474 16.52 4.26 -4.60
CA HIS A 1474 17.05 4.23 -5.96
C HIS A 1474 18.51 4.62 -6.02
N GLU A 1475 18.80 5.94 -5.94
CA GLU A 1475 20.18 6.40 -5.97
C GLU A 1475 21.01 5.77 -4.86
N ASP A 1476 20.38 5.27 -3.80
CA ASP A 1476 21.10 4.47 -2.82
C ASP A 1476 21.48 3.11 -3.40
N ASN A 1477 20.55 2.47 -4.12
CA ASN A 1477 20.89 1.27 -4.87
C ASN A 1477 22.04 1.53 -5.82
N LEU A 1478 22.18 2.76 -6.31
CA LEU A 1478 23.30 3.09 -7.19
C LEU A 1478 24.58 3.29 -6.39
N LEU A 1479 24.53 4.08 -5.32
CA LEU A 1479 25.70 4.36 -4.49
C LEU A 1479 26.28 3.09 -3.87
N ARG A 1480 25.47 2.03 -3.75
CA ARG A 1480 26.00 0.77 -3.24
C ARG A 1480 27.16 0.26 -4.10
N GLN A 1481 27.19 0.65 -5.38
CA GLN A 1481 28.18 0.09 -6.30
C GLN A 1481 29.61 0.36 -5.84
N LEU A 1482 29.84 1.48 -5.15
CA LEU A 1482 31.16 1.80 -4.66
C LEU A 1482 31.52 1.03 -3.39
N ALA A 1483 30.67 0.12 -2.92
CA ALA A 1483 30.98 -0.66 -1.71
C ALA A 1483 32.17 -1.59 -1.91
N GLN A 1484 32.51 -1.91 -3.15
CA GLN A 1484 33.75 -2.61 -3.44
C GLN A 1484 34.97 -1.70 -3.33
N LYS A 1485 34.81 -0.41 -3.66
CA LYS A 1485 35.88 0.57 -3.57
C LYS A 1485 35.76 1.46 -2.35
N VAL A 1486 34.85 1.16 -1.43
CA VAL A 1486 34.68 1.89 -0.18
C VAL A 1486 35.45 1.16 0.91
N PRO A 1487 36.41 1.80 1.60
CA PRO A 1487 37.11 1.14 2.71
C PRO A 1487 36.20 0.89 3.92
N HIS A 1488 35.20 0.03 3.75
CA HIS A 1488 34.25 -0.31 4.81
C HIS A 1488 33.59 -1.62 4.46
N LYS A 1489 33.65 -2.58 5.39
CA LYS A 1489 33.17 -3.95 5.18
C LYS A 1489 32.03 -4.24 6.14
N LEU A 1490 30.85 -4.55 5.60
CA LEU A 1490 29.68 -4.96 6.39
C LEU A 1490 29.11 -6.28 5.93
N ASN A 1491 29.11 -6.55 4.62
CA ASN A 1491 28.64 -7.81 4.05
C ASN A 1491 27.16 -8.06 4.36
N ASN A 1492 26.35 -7.02 4.28
CA ASN A 1492 24.92 -7.13 4.51
C ASN A 1492 24.18 -6.41 3.40
N PRO A 1493 23.30 -7.06 2.66
CA PRO A 1493 22.50 -6.36 1.67
C PRO A 1493 21.16 -5.91 2.26
N LYS A 1494 21.01 -4.61 2.51
CA LYS A 1494 19.76 -4.06 3.00
C LYS A 1494 19.45 -2.79 2.21
N PHE A 1495 18.16 -2.52 2.02
CA PHE A 1495 17.74 -1.30 1.34
C PHE A 1495 16.46 -0.81 1.99
N ASN A 1496 16.08 0.42 1.60
CA ASN A 1496 14.85 1.05 2.10
C ASN A 1496 14.86 1.17 3.63
N ASP A 1497 16.06 1.25 4.20
CA ASP A 1497 16.29 1.30 5.64
C ASP A 1497 17.02 2.59 6.00
N PRO A 1498 16.59 3.29 7.05
CA PRO A 1498 17.26 4.57 7.37
C PRO A 1498 18.70 4.40 7.82
N HIS A 1499 18.99 3.35 8.61
CA HIS A 1499 20.35 3.15 9.09
C HIS A 1499 21.30 2.87 7.94
N VAL A 1500 20.84 2.15 6.92
CA VAL A 1500 21.70 1.86 5.77
C VAL A 1500 21.90 3.11 4.92
N LYS A 1501 20.87 3.93 4.78
CA LYS A 1501 21.03 5.23 4.13
C LYS A 1501 22.09 6.06 4.86
N THR A 1502 22.06 6.04 6.20
CA THR A 1502 23.04 6.78 6.98
C THR A 1502 24.46 6.25 6.75
N ASN A 1503 24.62 4.92 6.76
CA ASN A 1503 25.91 4.30 6.48
C ASN A 1503 26.46 4.72 5.12
N LEU A 1504 25.62 4.60 4.09
CA LEU A 1504 25.99 5.02 2.74
C LEU A 1504 26.39 6.49 2.72
N LEU A 1505 25.55 7.36 3.29
CA LEU A 1505 25.83 8.80 3.22
C LEU A 1505 27.05 9.17 4.03
N LEU A 1506 27.39 8.39 5.05
CA LEU A 1506 28.61 8.62 5.81
C LEU A 1506 29.84 8.31 4.95
N GLN A 1507 29.83 7.17 4.27
CA GLN A 1507 30.95 6.88 3.37
C GLN A 1507 31.02 7.91 2.25
N ALA A 1508 29.86 8.29 1.71
CA ALA A 1508 29.80 9.33 0.69
C ALA A 1508 30.47 10.61 1.17
N HIS A 1509 30.20 11.00 2.41
CA HIS A 1509 30.85 12.20 2.96
C HIS A 1509 32.35 12.00 3.12
N LEU A 1510 32.76 10.84 3.64
CA LEU A 1510 34.17 10.58 3.82
C LEU A 1510 34.93 10.45 2.51
N SER A 1511 34.23 10.39 1.38
CA SER A 1511 34.90 10.42 0.08
C SER A 1511 34.37 11.53 -0.82
N ARG A 1512 33.79 12.57 -0.23
CA ARG A 1512 33.34 13.78 -0.91
C ARG A 1512 32.68 13.48 -2.27
N MET A 1513 31.63 12.67 -2.21
CA MET A 1513 30.88 12.34 -3.43
C MET A 1513 30.17 13.56 -4.00
N GLN A 1514 29.57 14.37 -3.12
CA GLN A 1514 29.02 15.69 -3.45
C GLN A 1514 28.25 15.67 -4.77
N LEU A 1515 27.27 14.78 -4.84
CA LEU A 1515 26.50 14.58 -6.06
C LEU A 1515 25.06 15.04 -5.89
N SER A 1516 24.27 14.38 -5.07
CA SER A 1516 22.84 14.67 -5.01
C SER A 1516 22.56 15.82 -4.04
N ALA A 1517 21.30 16.27 -4.07
CA ALA A 1517 20.89 17.49 -3.39
C ALA A 1517 20.15 17.22 -2.08
N GLU A 1518 18.96 16.60 -2.17
CA GLU A 1518 18.21 16.30 -0.96
C GLU A 1518 18.98 15.31 -0.09
N LEU A 1519 19.66 14.35 -0.71
CA LEU A 1519 20.55 13.47 0.02
C LEU A 1519 21.67 14.25 0.69
N GLN A 1520 22.02 15.43 0.18
CA GLN A 1520 23.03 16.22 0.86
C GLN A 1520 22.50 16.78 2.19
N SER A 1521 21.26 17.26 2.20
CA SER A 1521 20.64 17.67 3.45
C SER A 1521 20.54 16.49 4.42
N ASP A 1522 20.24 15.30 3.89
CA ASP A 1522 20.24 14.11 4.75
C ASP A 1522 21.63 13.85 5.34
N THR A 1523 22.68 14.02 4.54
CA THR A 1523 24.04 13.87 5.06
C THR A 1523 24.32 14.87 6.16
N GLU A 1524 23.85 16.10 5.99
CA GLU A 1524 24.09 17.14 6.99
C GLU A 1524 23.36 16.83 8.29
N GLU A 1525 22.16 16.25 8.20
CA GLU A 1525 21.47 15.77 9.40
C GLU A 1525 22.27 14.65 10.08
N ILE A 1526 22.85 13.74 9.29
CA ILE A 1526 23.72 12.70 9.85
C ILE A 1526 24.86 13.34 10.64
N LEU A 1527 25.52 14.33 10.03
CA LEU A 1527 26.71 14.94 10.60
C LEU A 1527 26.39 15.81 11.81
N SER A 1528 25.16 16.33 11.92
CA SER A 1528 24.74 17.06 13.11
C SER A 1528 24.73 16.19 14.38
N LYS A 1529 24.89 14.86 14.27
CA LYS A 1529 24.92 13.95 15.42
C LYS A 1529 26.12 13.01 15.41
N ALA A 1530 26.83 12.88 14.28
CA ALA A 1530 27.96 11.96 14.19
C ALA A 1530 29.02 12.22 15.26
N ILE A 1531 29.26 13.48 15.61
CA ILE A 1531 30.38 13.79 16.52
C ILE A 1531 30.03 13.40 17.96
N ARG A 1532 28.80 13.67 18.39
CA ARG A 1532 28.35 13.21 19.70
C ARG A 1532 28.36 11.70 19.79
N LEU A 1533 27.93 11.01 18.72
CA LEU A 1533 27.95 9.55 18.77
C LEU A 1533 29.38 9.01 18.81
N ILE A 1534 30.30 9.65 18.08
CA ILE A 1534 31.70 9.24 18.12
C ILE A 1534 32.29 9.43 19.51
N GLN A 1535 31.97 10.57 20.14
CA GLN A 1535 32.51 10.83 21.46
C GLN A 1535 31.97 9.85 22.49
N ALA A 1536 30.67 9.53 22.42
CA ALA A 1536 30.13 8.50 23.29
C ALA A 1536 30.82 7.16 23.06
N CYS A 1537 31.15 6.86 21.80
CA CYS A 1537 31.89 5.65 21.48
C CYS A 1537 33.26 5.65 22.18
N VAL A 1538 33.97 6.77 22.11
CA VAL A 1538 35.31 6.78 22.71
C VAL A 1538 35.20 6.69 24.23
N ASP A 1539 34.14 7.26 24.82
CA ASP A 1539 33.96 7.14 26.27
C ASP A 1539 33.67 5.69 26.67
N VAL A 1540 32.85 5.00 25.87
CA VAL A 1540 32.59 3.59 26.13
C VAL A 1540 33.88 2.78 26.02
N LEU A 1541 34.59 2.91 24.89
CA LEU A 1541 35.82 2.15 24.67
C LEU A 1541 36.91 2.52 25.68
N SER A 1542 36.85 3.73 26.25
CA SER A 1542 37.77 4.09 27.32
C SER A 1542 37.39 3.40 28.62
N SER A 1543 36.08 3.33 28.93
CA SER A 1543 35.66 2.53 30.07
C SER A 1543 36.14 1.09 29.93
N ASN A 1544 36.17 0.56 28.71
CA ASN A 1544 36.78 -0.74 28.45
C ASN A 1544 38.30 -0.71 28.52
N GLY A 1545 38.91 0.47 28.56
CA GLY A 1545 40.35 0.59 28.64
C GLY A 1545 41.12 0.21 27.40
N TRP A 1546 40.44 -0.18 26.32
CA TRP A 1546 41.14 -0.64 25.12
C TRP A 1546 41.70 0.54 24.34
N LEU A 1547 42.80 0.28 23.62
CA LEU A 1547 43.54 1.30 22.89
C LEU A 1547 43.20 1.34 21.41
N SER A 1548 43.13 0.18 20.74
CA SER A 1548 42.90 0.16 19.31
C SER A 1548 41.59 0.85 18.93
N PRO A 1549 40.41 0.40 19.39
CA PRO A 1549 39.18 1.05 18.94
C PRO A 1549 38.99 2.45 19.50
N ALA A 1550 39.50 2.73 20.71
CA ALA A 1550 39.33 4.05 21.29
C ALA A 1550 39.98 5.13 20.44
N LEU A 1551 41.27 4.97 20.11
CA LEU A 1551 41.91 5.94 19.24
C LEU A 1551 41.46 5.80 17.79
N ALA A 1552 40.95 4.62 17.39
CA ALA A 1552 40.32 4.53 16.08
C ALA A 1552 39.15 5.49 15.96
N ALA A 1553 38.30 5.54 16.99
CA ALA A 1553 37.17 6.48 16.97
C ALA A 1553 37.62 7.92 17.23
N MET A 1554 38.67 8.11 18.02
CA MET A 1554 39.25 9.44 18.19
C MET A 1554 39.80 9.98 16.88
N GLU A 1555 40.22 9.10 15.96
CA GLU A 1555 40.58 9.54 14.62
C GLU A 1555 39.35 9.70 13.75
N LEU A 1556 38.36 8.80 13.88
CA LEU A 1556 37.15 8.88 13.06
C LEU A 1556 36.40 10.19 13.30
N ALA A 1557 36.52 10.75 14.50
CA ALA A 1557 35.98 12.09 14.75
C ALA A 1557 36.56 13.10 13.76
N GLN A 1558 37.89 13.20 13.71
CA GLN A 1558 38.51 14.16 12.79
C GLN A 1558 38.30 13.75 11.33
N MET A 1559 38.17 12.45 11.06
CA MET A 1559 37.84 12.01 9.72
C MET A 1559 36.50 12.58 9.26
N VAL A 1560 35.45 12.38 10.07
CA VAL A 1560 34.14 12.86 9.65
C VAL A 1560 34.10 14.38 9.65
N THR A 1561 34.92 15.05 10.46
CA THR A 1561 34.96 16.51 10.38
C THR A 1561 35.59 16.98 9.07
N GLN A 1562 36.77 16.44 8.73
CA GLN A 1562 37.53 16.89 7.57
C GLN A 1562 37.17 16.15 6.29
N ALA A 1563 36.27 15.17 6.35
CA ALA A 1563 35.84 14.40 5.18
C ALA A 1563 37.03 13.72 4.50
N MET A 1564 37.66 12.81 5.24
CA MET A 1564 38.79 12.04 4.75
C MET A 1564 38.78 10.66 5.38
N TRP A 1565 39.30 9.68 4.64
CA TRP A 1565 39.52 8.37 5.22
C TRP A 1565 40.86 8.38 5.95
N SER A 1566 41.40 7.21 6.26
CA SER A 1566 42.74 7.15 6.83
C SER A 1566 43.82 6.96 5.76
N LYS A 1567 43.46 6.44 4.59
CA LYS A 1567 44.43 6.32 3.50
C LYS A 1567 44.70 7.67 2.86
N ASP A 1568 43.69 8.52 2.73
CA ASP A 1568 43.89 9.86 2.23
C ASP A 1568 44.88 10.61 3.13
N SER A 1569 45.93 11.16 2.51
CA SER A 1569 46.91 11.87 3.31
C SER A 1569 46.43 13.29 3.60
N TYR A 1570 47.12 13.95 4.52
CA TYR A 1570 46.61 15.14 5.19
C TYR A 1570 46.44 16.33 4.27
N LEU A 1571 47.11 16.32 3.11
CA LEU A 1571 47.14 17.50 2.25
C LEU A 1571 45.74 17.92 1.81
N LYS A 1572 44.80 16.98 1.71
CA LYS A 1572 43.43 17.28 1.30
C LYS A 1572 42.70 18.21 2.24
N GLN A 1573 43.28 18.53 3.41
CA GLN A 1573 42.64 19.45 4.34
C GLN A 1573 42.74 20.90 3.90
N LEU A 1574 43.63 21.22 3.01
CA LEU A 1574 43.88 22.60 2.63
C LEU A 1574 42.90 23.04 1.53
N PRO A 1575 42.49 24.31 1.55
CA PRO A 1575 41.53 24.78 0.54
C PRO A 1575 42.13 24.78 -0.86
N HIS A 1576 41.25 24.66 -1.84
CA HIS A 1576 41.60 24.73 -3.27
C HIS A 1576 42.66 23.70 -3.66
N PHE A 1577 42.62 22.52 -3.03
CA PHE A 1577 43.60 21.46 -3.25
C PHE A 1577 43.02 20.36 -4.11
N THR A 1578 43.87 19.76 -4.95
CA THR A 1578 43.48 18.68 -5.85
C THR A 1578 44.44 17.51 -5.68
N SER A 1579 44.04 16.34 -6.18
CA SER A 1579 44.88 15.15 -6.10
C SER A 1579 46.20 15.35 -6.83
N GLU A 1580 46.18 16.08 -7.95
CA GLU A 1580 47.42 16.41 -8.64
C GLU A 1580 48.32 17.26 -7.76
N HIS A 1581 47.74 18.21 -7.02
CA HIS A 1581 48.52 18.95 -6.03
C HIS A 1581 49.14 18.01 -5.00
N ILE A 1582 48.41 16.96 -4.61
CA ILE A 1582 48.95 16.01 -3.64
C ILE A 1582 50.13 15.26 -4.22
N LYS A 1583 50.00 14.80 -5.47
CA LYS A 1583 51.12 14.13 -6.12
C LYS A 1583 52.32 15.07 -6.24
N ARG A 1584 52.07 16.34 -6.50
CA ARG A 1584 53.17 17.32 -6.58
C ARG A 1584 53.86 17.49 -5.23
N CYS A 1585 53.06 17.72 -4.17
CA CYS A 1585 53.63 17.97 -2.85
C CYS A 1585 54.25 16.72 -2.24
N THR A 1586 53.90 15.53 -2.74
CA THR A 1586 54.64 14.34 -2.38
C THR A 1586 55.89 14.18 -3.22
N ASP A 1587 55.88 14.70 -4.45
CA ASP A 1587 57.05 14.63 -5.32
C ASP A 1587 58.18 15.51 -4.78
N LYS A 1588 57.89 16.81 -4.59
CA LYS A 1588 58.92 17.77 -4.22
C LYS A 1588 59.33 17.71 -2.74
N GLY A 1589 58.61 16.94 -1.93
CA GLY A 1589 58.96 16.85 -0.52
C GLY A 1589 58.00 15.95 0.20
N VAL A 1590 58.15 15.91 1.53
CA VAL A 1590 57.26 15.15 2.39
C VAL A 1590 55.94 15.88 2.50
N GLU A 1591 54.91 15.20 3.00
CA GLU A 1591 53.52 15.64 2.90
C GLU A 1591 52.97 15.96 4.29
N SER A 1592 53.06 17.24 4.67
CA SER A 1592 52.48 17.74 5.91
C SER A 1592 51.98 19.16 5.68
N VAL A 1593 51.01 19.58 6.50
CA VAL A 1593 50.58 20.98 6.46
C VAL A 1593 51.69 21.88 6.96
N PHE A 1594 52.38 21.47 8.02
CA PHE A 1594 53.55 22.21 8.47
C PHE A 1594 54.62 22.25 7.38
N ASP A 1595 54.72 21.19 6.56
CA ASP A 1595 55.69 21.21 5.47
C ASP A 1595 55.31 22.22 4.40
N ILE A 1596 54.00 22.40 4.15
CA ILE A 1596 53.55 23.50 3.31
C ILE A 1596 53.98 24.83 3.92
N MET A 1597 53.87 24.95 5.25
CA MET A 1597 54.29 26.18 5.91
C MET A 1597 55.80 26.38 5.84
N GLU A 1598 56.56 25.30 5.76
CA GLU A 1598 58.01 25.36 5.75
C GLU A 1598 58.56 25.73 4.38
N MET A 1599 57.74 25.61 3.34
CA MET A 1599 58.15 25.94 1.99
C MET A 1599 58.50 27.40 1.90
N GLU A 1600 59.55 27.71 1.14
CA GLU A 1600 59.80 29.09 0.73
C GLU A 1600 58.56 29.62 0.03
N ASP A 1601 58.13 30.83 0.42
CA ASP A 1601 56.90 31.39 -0.12
C ASP A 1601 56.87 31.34 -1.64
N GLU A 1602 57.98 31.69 -2.28
CA GLU A 1602 58.05 31.62 -3.74
C GLU A 1602 58.08 30.19 -4.23
N GLU A 1603 58.80 29.31 -3.51
CA GLU A 1603 58.76 27.89 -3.85
C GLU A 1603 57.37 27.32 -3.61
N ARG A 1604 56.70 27.76 -2.54
CA ARG A 1604 55.31 27.41 -2.33
C ARG A 1604 54.47 27.75 -3.54
N ASN A 1605 54.60 28.99 -4.05
CA ASN A 1605 53.79 29.43 -5.18
C ASN A 1605 54.13 28.66 -6.45
N ALA A 1606 55.42 28.42 -6.70
CA ALA A 1606 55.82 27.66 -7.88
C ALA A 1606 55.31 26.22 -7.84
N LEU A 1607 55.20 25.65 -6.63
CA LEU A 1607 54.61 24.33 -6.46
C LEU A 1607 53.08 24.36 -6.41
N LEU A 1608 52.48 25.54 -6.26
CA LEU A 1608 51.03 25.59 -6.12
C LEU A 1608 50.30 25.64 -7.47
N GLN A 1609 50.67 26.58 -8.34
CA GLN A 1609 49.86 26.92 -9.50
C GLN A 1609 48.42 27.26 -9.06
N LEU A 1610 48.33 28.38 -8.34
CA LEU A 1610 47.11 28.71 -7.62
C LEU A 1610 46.92 30.22 -7.58
N THR A 1611 45.65 30.63 -7.60
CA THR A 1611 45.26 32.04 -7.55
C THR A 1611 45.79 32.68 -6.27
N ASP A 1612 45.72 34.01 -6.24
CA ASP A 1612 46.14 34.74 -5.05
C ASP A 1612 45.13 34.61 -3.91
N SER A 1613 43.84 34.67 -4.23
CA SER A 1613 42.83 34.54 -3.19
C SER A 1613 42.67 33.09 -2.74
N GLN A 1614 42.95 32.14 -3.62
CA GLN A 1614 42.98 30.74 -3.21
C GLN A 1614 44.12 30.49 -2.22
N ILE A 1615 45.29 31.11 -2.46
CA ILE A 1615 46.38 31.06 -1.50
C ILE A 1615 46.03 31.81 -0.22
N ALA A 1616 45.20 32.86 -0.31
CA ALA A 1616 44.73 33.54 0.88
C ALA A 1616 43.85 32.61 1.73
N ASP A 1617 43.01 31.80 1.07
CA ASP A 1617 42.24 30.80 1.80
C ASP A 1617 43.14 29.73 2.42
N VAL A 1618 44.16 29.29 1.68
CA VAL A 1618 45.12 28.32 2.21
C VAL A 1618 45.82 28.88 3.44
N ALA A 1619 46.19 30.17 3.41
CA ALA A 1619 46.85 30.79 4.54
C ALA A 1619 45.90 30.98 5.72
N ARG A 1620 44.65 31.34 5.43
CA ARG A 1620 43.62 31.40 6.46
C ARG A 1620 43.54 30.08 7.21
N PHE A 1621 43.52 28.96 6.47
CA PHE A 1621 43.50 27.66 7.12
C PHE A 1621 44.79 27.39 7.90
N CYS A 1622 45.95 27.71 7.29
CA CYS A 1622 47.22 27.39 7.93
C CYS A 1622 47.42 28.18 9.23
N ASN A 1623 46.81 29.36 9.36
CA ASN A 1623 46.92 30.11 10.61
C ASN A 1623 45.96 29.59 11.68
N ARG A 1624 44.80 29.09 11.26
CA ARG A 1624 43.87 28.44 12.19
C ARG A 1624 44.14 26.96 12.37
N TYR A 1625 45.27 26.46 11.88
CA TYR A 1625 45.67 25.07 12.03
C TYR A 1625 46.43 24.88 13.33
N PRO A 1626 46.14 23.84 14.11
CA PRO A 1626 46.81 23.68 15.40
C PRO A 1626 48.32 23.58 15.26
N ASN A 1627 49.02 24.42 16.03
CA ASN A 1627 50.49 24.49 16.06
C ASN A 1627 50.85 24.55 17.54
N ILE A 1628 51.09 23.38 18.14
CA ILE A 1628 51.14 23.26 19.59
C ILE A 1628 52.14 22.18 19.98
N GLU A 1629 52.88 22.44 21.06
CA GLU A 1629 53.74 21.43 21.66
C GLU A 1629 53.44 21.31 23.14
N LEU A 1630 53.56 20.08 23.64
CA LEU A 1630 53.28 19.77 25.05
C LEU A 1630 54.56 19.37 25.76
N SER A 1631 54.41 19.15 27.07
CA SER A 1631 55.50 18.67 27.91
C SER A 1631 54.99 17.55 28.82
N TYR A 1632 55.44 16.32 28.56
CA TYR A 1632 55.19 15.24 29.51
C TYR A 1632 56.00 15.48 30.77
N GLU A 1633 55.35 15.36 31.93
CA GLU A 1633 56.02 15.58 33.21
C GLU A 1633 55.33 14.74 34.28
N VAL A 1634 56.12 14.10 35.14
CA VAL A 1634 55.62 13.23 36.19
C VAL A 1634 56.18 13.73 37.52
N VAL A 1635 55.31 14.25 38.39
CA VAL A 1635 55.75 14.56 39.75
C VAL A 1635 56.00 13.25 40.50
N ASP A 1636 56.97 13.28 41.42
CA ASP A 1636 57.45 12.09 42.12
C ASP A 1636 57.87 11.01 41.11
N LYS A 1637 58.94 11.34 40.37
CA LYS A 1637 59.37 10.52 39.24
C LYS A 1637 59.70 9.10 39.69
N ASP A 1638 60.47 8.95 40.77
CA ASP A 1638 60.88 7.65 41.27
C ASP A 1638 60.19 7.24 42.57
N SER A 1639 59.75 8.19 43.39
CA SER A 1639 59.27 7.91 44.73
C SER A 1639 57.83 7.37 44.76
N ILE A 1640 57.32 6.81 43.66
CA ILE A 1640 55.98 6.24 43.68
C ILE A 1640 56.05 4.78 44.11
N ARG A 1641 54.92 4.26 44.57
CA ARG A 1641 54.80 2.88 45.01
C ARG A 1641 53.61 2.24 44.30
N SER A 1642 53.61 0.92 44.24
CA SER A 1642 52.57 0.19 43.53
C SER A 1642 51.19 0.53 44.10
N GLY A 1643 50.20 0.52 43.23
CA GLY A 1643 48.85 0.91 43.62
C GLY A 1643 48.73 2.35 44.06
N GLY A 1644 49.65 3.21 43.64
CA GLY A 1644 49.74 4.56 44.19
C GLY A 1644 49.59 5.66 43.16
N PRO A 1645 49.64 6.91 43.61
CA PRO A 1645 49.33 8.04 42.72
C PRO A 1645 50.42 8.36 41.71
N VAL A 1646 50.12 8.11 40.44
CA VAL A 1646 50.91 8.58 39.32
C VAL A 1646 50.21 9.83 38.78
N VAL A 1647 50.80 11.00 39.02
CA VAL A 1647 50.20 12.27 38.63
C VAL A 1647 51.05 12.84 37.50
N VAL A 1648 50.53 12.76 36.27
CA VAL A 1648 51.20 13.29 35.09
C VAL A 1648 50.54 14.61 34.75
N LEU A 1649 51.27 15.71 34.88
CA LEU A 1649 50.80 17.02 34.45
C LEU A 1649 51.43 17.35 33.11
N VAL A 1650 50.60 17.51 32.08
CA VAL A 1650 51.06 17.88 30.76
C VAL A 1650 50.58 19.30 30.46
N GLN A 1651 51.50 20.16 30.06
CA GLN A 1651 51.14 21.51 29.65
C GLN A 1651 51.25 21.62 28.14
N LEU A 1652 50.38 22.46 27.58
CA LEU A 1652 50.24 22.66 26.15
C LEU A 1652 50.47 24.13 25.83
N GLU A 1653 51.50 24.40 25.01
CA GLU A 1653 51.78 25.72 24.45
C GLU A 1653 51.26 25.76 23.02
N ARG A 1654 50.36 26.69 22.75
CA ARG A 1654 49.91 26.98 21.39
C ARG A 1654 50.66 28.19 20.87
N GLU A 1655 51.22 28.08 19.66
CA GLU A 1655 52.11 29.12 19.16
C GLU A 1655 51.40 30.46 18.97
N GLU A 1656 50.10 30.44 18.72
CA GLU A 1656 49.35 31.68 18.56
C GLU A 1656 47.99 31.55 19.24
N GLU A 1657 47.45 32.70 19.61
CA GLU A 1657 46.12 32.75 20.21
C GLU A 1657 45.06 32.32 19.19
N VAL A 1658 43.94 31.84 19.70
CA VAL A 1658 42.90 31.26 18.84
C VAL A 1658 42.28 32.34 17.97
N THR A 1659 42.37 32.15 16.65
CA THR A 1659 41.80 33.11 15.71
C THR A 1659 40.29 32.99 15.61
N GLY A 1660 39.76 31.77 15.57
CA GLY A 1660 38.34 31.56 15.48
C GLY A 1660 37.95 30.10 15.55
N PRO A 1661 36.69 29.81 15.20
CA PRO A 1661 36.21 28.43 15.21
C PRO A 1661 37.02 27.49 14.31
N VAL A 1662 36.69 26.21 14.32
CA VAL A 1662 37.40 25.24 13.49
C VAL A 1662 37.09 25.51 12.03
N ILE A 1663 38.14 25.63 11.21
CA ILE A 1663 37.98 25.72 9.78
C ILE A 1663 37.68 24.30 9.28
N ALA A 1664 36.46 24.10 8.81
CA ALA A 1664 35.98 22.81 8.31
C ALA A 1664 34.76 23.09 7.45
N PRO A 1665 34.94 23.36 6.15
CA PRO A 1665 33.79 23.70 5.30
C PRO A 1665 32.97 22.49 4.87
N LEU A 1666 33.52 21.29 4.97
CA LEU A 1666 32.77 20.08 4.67
C LEU A 1666 31.90 19.64 5.86
N PHE A 1667 31.75 20.49 6.88
CA PHE A 1667 30.99 20.14 8.07
C PHE A 1667 29.98 21.24 8.37
N PRO A 1668 28.72 20.89 8.67
CA PRO A 1668 27.67 21.90 8.76
C PRO A 1668 27.74 22.79 9.99
N GLN A 1669 27.94 22.19 11.16
CA GLN A 1669 28.01 22.97 12.39
C GLN A 1669 29.42 23.56 12.56
N LYS A 1670 29.48 24.79 13.04
CA LYS A 1670 30.76 25.36 13.42
C LYS A 1670 31.24 24.73 14.71
N ARG A 1671 32.46 24.19 14.70
CA ARG A 1671 33.02 23.48 15.83
C ARG A 1671 34.13 24.31 16.47
N GLU A 1672 34.62 23.82 17.61
CA GLU A 1672 35.78 24.39 18.27
C GLU A 1672 36.72 23.27 18.68
N GLU A 1673 38.02 23.53 18.58
CA GLU A 1673 39.05 22.49 18.70
C GLU A 1673 38.99 21.80 20.05
N GLY A 1674 38.76 20.49 20.03
CA GLY A 1674 38.75 19.68 21.23
C GLY A 1674 39.86 18.63 21.16
N TRP A 1675 40.39 18.28 22.33
CA TRP A 1675 41.55 17.41 22.41
C TRP A 1675 41.32 16.33 23.46
N TRP A 1676 42.01 15.21 23.29
CA TRP A 1676 42.09 14.16 24.30
C TRP A 1676 43.56 13.94 24.63
N VAL A 1677 43.84 13.85 25.93
CA VAL A 1677 45.13 13.35 26.42
C VAL A 1677 44.90 11.92 26.90
N VAL A 1678 45.69 10.99 26.36
CA VAL A 1678 45.46 9.55 26.50
C VAL A 1678 46.78 8.90 26.88
N ILE A 1679 46.89 8.44 28.12
CA ILE A 1679 48.00 7.59 28.55
C ILE A 1679 47.48 6.16 28.51
N GLY A 1680 48.05 5.34 27.62
CA GLY A 1680 47.67 3.95 27.53
C GLY A 1680 48.75 3.10 26.89
N ASP A 1681 49.13 1.99 27.54
CA ASP A 1681 50.23 1.18 27.04
C ASP A 1681 49.84 0.49 25.74
N ALA A 1682 50.71 0.60 24.72
CA ALA A 1682 50.36 0.13 23.38
C ALA A 1682 50.32 -1.39 23.32
N LYS A 1683 51.36 -2.06 23.84
CA LYS A 1683 51.42 -3.51 23.77
C LYS A 1683 50.32 -4.17 24.60
N SER A 1684 49.88 -3.51 25.66
CA SER A 1684 48.90 -4.09 26.58
C SER A 1684 47.46 -3.77 26.19
N ASN A 1685 47.24 -2.78 25.32
CA ASN A 1685 45.90 -2.29 24.99
C ASN A 1685 45.16 -1.84 26.25
N SER A 1686 45.89 -1.36 27.24
CA SER A 1686 45.34 -0.97 28.54
C SER A 1686 45.48 0.54 28.70
N LEU A 1687 44.33 1.23 28.67
CA LEU A 1687 44.31 2.67 28.87
C LEU A 1687 44.50 2.99 30.34
N ILE A 1688 45.42 3.91 30.63
CA ILE A 1688 45.76 4.29 31.99
C ILE A 1688 45.01 5.54 32.44
N SER A 1689 44.94 6.56 31.59
CA SER A 1689 44.31 7.81 31.97
C SER A 1689 43.83 8.54 30.73
N ILE A 1690 42.75 9.29 30.89
CA ILE A 1690 42.20 10.08 29.79
C ILE A 1690 41.72 11.41 30.34
N LYS A 1691 41.73 12.42 29.48
CA LYS A 1691 41.04 13.66 29.81
C LYS A 1691 40.75 14.45 28.54
N ARG A 1692 39.54 14.98 28.46
CA ARG A 1692 39.09 15.78 27.34
C ARG A 1692 39.24 17.27 27.68
N LEU A 1693 39.71 18.06 26.72
CA LEU A 1693 40.11 19.43 27.03
C LEU A 1693 39.91 20.36 25.85
N THR A 1694 39.68 21.63 26.17
CA THR A 1694 39.66 22.72 25.21
C THR A 1694 40.77 23.69 25.58
N LEU A 1695 41.53 24.13 24.58
CA LEU A 1695 42.74 24.91 24.77
C LEU A 1695 42.67 26.21 23.98
N GLN A 1696 43.14 27.30 24.59
CA GLN A 1696 43.26 28.58 23.90
C GLN A 1696 44.70 28.86 23.48
N GLN A 1697 45.64 28.88 24.43
CA GLN A 1697 47.03 29.06 24.07
C GLN A 1697 47.95 28.25 24.98
N LYS A 1698 47.70 28.31 26.28
CA LYS A 1698 48.51 27.57 27.25
C LYS A 1698 47.58 26.94 28.27
N ALA A 1699 47.64 25.62 28.39
CA ALA A 1699 46.75 24.92 29.33
C ALA A 1699 47.47 23.77 29.98
N LYS A 1700 47.34 23.69 31.31
CA LYS A 1700 47.91 22.62 32.11
C LYS A 1700 46.80 21.63 32.44
N VAL A 1701 47.05 20.35 32.15
CA VAL A 1701 46.09 19.28 32.39
C VAL A 1701 46.75 18.19 33.20
N LYS A 1702 46.20 17.91 34.38
CA LYS A 1702 46.70 16.86 35.27
C LYS A 1702 45.87 15.60 35.07
N LEU A 1703 46.57 14.45 35.06
CA LEU A 1703 45.95 13.14 35.06
C LEU A 1703 46.50 12.37 36.25
N ASP A 1704 45.66 11.54 36.87
CA ASP A 1704 46.08 10.70 37.98
C ASP A 1704 45.80 9.25 37.67
N PHE A 1705 46.62 8.36 38.24
CA PHE A 1705 46.56 6.94 37.94
C PHE A 1705 47.03 6.15 39.14
N VAL A 1706 46.68 4.87 39.18
CA VAL A 1706 47.05 3.96 40.25
C VAL A 1706 47.97 2.88 39.67
N ALA A 1707 49.21 2.84 40.15
CA ALA A 1707 50.26 2.05 39.52
C ALA A 1707 49.93 0.56 39.54
N PRO A 1708 50.44 -0.22 38.55
CA PRO A 1708 50.15 -1.67 38.51
C PRO A 1708 51.10 -2.53 39.30
N ALA A 1709 52.40 -2.19 39.34
CA ALA A 1709 53.39 -3.01 40.03
C ALA A 1709 54.65 -2.19 40.24
N THR A 1710 55.54 -2.71 41.10
CA THR A 1710 56.83 -2.05 41.34
C THR A 1710 57.73 -2.07 40.11
N GLY A 1711 57.43 -2.94 39.13
CA GLY A 1711 58.21 -3.01 37.91
C GLY A 1711 58.27 -1.68 37.20
N ALA A 1712 59.48 -1.11 37.10
CA ALA A 1712 59.67 0.16 36.44
C ALA A 1712 59.41 0.01 34.94
N HIS A 1713 58.46 0.79 34.41
CA HIS A 1713 58.04 0.64 33.02
C HIS A 1713 57.76 2.00 32.41
N ASN A 1714 57.67 2.02 31.08
CA ASN A 1714 57.34 3.24 30.35
C ASN A 1714 55.93 3.15 29.79
N TYR A 1715 55.35 4.32 29.53
CA TYR A 1715 54.03 4.44 28.95
C TYR A 1715 54.10 5.36 27.74
N THR A 1716 53.40 4.96 26.68
CA THR A 1716 53.28 5.78 25.47
C THR A 1716 52.12 6.76 25.64
N LEU A 1717 52.35 8.00 25.25
CA LEU A 1717 51.39 9.07 25.42
C LEU A 1717 50.75 9.41 24.08
N TYR A 1718 49.52 9.91 24.15
CA TYR A 1718 48.78 10.32 22.96
C TYR A 1718 48.09 11.64 23.23
N PHE A 1719 48.15 12.54 22.23
CA PHE A 1719 47.49 13.84 22.29
C PHE A 1719 46.76 14.00 20.96
N MET A 1720 45.45 13.75 20.95
CA MET A 1720 44.76 13.64 19.67
C MET A 1720 43.52 14.53 19.61
N SER A 1721 43.33 15.16 18.47
CA SER A 1721 42.21 16.07 18.26
C SER A 1721 40.97 15.31 17.85
N ASP A 1722 39.83 15.95 18.09
CA ASP A 1722 38.56 15.54 17.53
C ASP A 1722 38.27 16.19 16.19
N ALA A 1723 39.10 17.16 15.77
CA ALA A 1723 38.78 18.00 14.62
C ALA A 1723 39.84 17.93 13.52
N TYR A 1724 41.09 18.29 13.83
CA TYR A 1724 42.12 18.45 12.81
C TYR A 1724 42.93 17.17 12.69
N MET A 1725 43.00 16.62 11.47
CA MET A 1725 43.81 15.45 11.20
C MET A 1725 45.26 15.87 10.95
N GLY A 1726 46.20 15.09 11.51
CA GLY A 1726 47.61 15.36 11.38
C GLY A 1726 48.25 15.97 12.62
N CYS A 1727 47.48 16.72 13.41
CA CYS A 1727 48.04 17.42 14.56
C CYS A 1727 48.36 16.48 15.72
N ASP A 1728 47.97 15.22 15.65
CA ASP A 1728 48.15 14.33 16.78
C ASP A 1728 49.62 14.00 16.98
N GLN A 1729 50.04 13.96 18.24
CA GLN A 1729 51.40 13.61 18.61
C GLN A 1729 51.38 12.32 19.42
N GLU A 1730 52.55 11.67 19.52
CA GLU A 1730 52.69 10.44 20.29
C GLU A 1730 54.09 10.39 20.88
N TYR A 1731 54.20 10.75 22.17
CA TYR A 1731 55.46 10.72 22.89
C TYR A 1731 55.53 9.46 23.75
N LYS A 1732 56.58 9.33 24.55
CA LYS A 1732 56.72 8.25 25.52
C LYS A 1732 57.41 8.78 26.76
N PHE A 1733 57.24 8.07 27.88
CA PHE A 1733 57.89 8.49 29.12
C PHE A 1733 57.94 7.32 30.09
N SER A 1734 59.03 7.23 30.84
CA SER A 1734 59.25 6.13 31.77
C SER A 1734 58.90 6.55 33.20
N VAL A 1735 58.53 5.56 34.01
CA VAL A 1735 58.18 5.74 35.42
C VAL A 1735 58.74 4.56 36.20
N ASP A 1736 59.43 4.85 37.30
CA ASP A 1736 60.02 3.85 38.19
C ASP A 1736 59.33 3.92 39.55
N VAL A 1737 58.93 2.76 40.07
CA VAL A 1737 58.29 2.70 41.37
C VAL A 1737 59.31 2.83 42.50
N GLY B 1 -57.73 -41.27 -21.94
CA GLY B 1 -56.80 -42.40 -21.83
C GLY B 1 -55.46 -42.17 -22.51
N PRO B 2 -54.53 -41.54 -21.79
CA PRO B 2 -53.27 -41.11 -22.42
C PRO B 2 -52.03 -41.80 -21.89
N LEU B 3 -52.18 -42.81 -21.05
CA LEU B 3 -51.02 -43.52 -20.51
C LEU B 3 -50.17 -44.06 -21.66
N GLY B 4 -48.95 -43.56 -21.76
CA GLY B 4 -48.07 -43.88 -22.89
C GLY B 4 -48.15 -42.87 -24.02
N SER B 5 -49.38 -42.47 -24.38
CA SER B 5 -49.55 -41.40 -25.36
C SER B 5 -49.07 -40.06 -24.82
N MET B 6 -49.58 -39.66 -23.65
CA MET B 6 -49.22 -38.41 -23.00
C MET B 6 -48.50 -38.73 -21.70
N THR B 7 -47.25 -38.32 -21.58
CA THR B 7 -46.42 -38.64 -20.42
C THR B 7 -45.59 -37.43 -20.05
N GLN B 8 -45.76 -36.94 -18.82
CA GLN B 8 -44.95 -35.87 -18.26
C GLN B 8 -44.23 -36.40 -17.03
N THR B 9 -43.18 -35.68 -16.62
CA THR B 9 -42.31 -36.09 -15.53
C THR B 9 -42.26 -35.02 -14.44
N PHE B 10 -42.34 -35.43 -13.18
CA PHE B 10 -42.36 -34.47 -12.08
C PHE B 10 -40.97 -33.89 -11.84
N SER B 11 -40.92 -32.59 -11.57
CA SER B 11 -39.69 -31.89 -11.22
C SER B 11 -39.83 -31.35 -9.81
N SER B 12 -38.88 -31.71 -8.96
CA SER B 12 -38.90 -31.29 -7.55
C SER B 12 -38.97 -29.77 -7.44
N LYS B 13 -39.71 -29.29 -6.43
CA LYS B 13 -39.84 -27.86 -6.16
C LYS B 13 -39.76 -27.66 -4.64
N THR B 14 -38.57 -27.89 -4.09
CA THR B 14 -38.39 -27.96 -2.64
C THR B 14 -38.88 -26.70 -1.95
N GLU B 15 -39.47 -26.89 -0.77
CA GLU B 15 -40.36 -25.89 -0.18
C GLU B 15 -39.61 -24.62 0.21
N TRP B 16 -38.42 -24.77 0.81
CA TRP B 16 -37.78 -23.68 1.53
C TRP B 16 -37.16 -22.66 0.58
N ARG B 17 -36.93 -23.00 -0.68
CA ARG B 17 -36.29 -22.05 -1.60
C ARG B 17 -37.19 -20.85 -1.86
N VAL B 18 -38.50 -21.07 -1.97
CA VAL B 18 -39.43 -19.95 -2.12
C VAL B 18 -39.45 -19.10 -0.87
N ARG B 19 -39.51 -19.75 0.30
CA ARG B 19 -39.50 -19.00 1.55
C ARG B 19 -38.21 -18.20 1.70
N ALA B 20 -37.09 -18.74 1.21
CA ALA B 20 -35.82 -18.03 1.25
C ALA B 20 -35.85 -16.80 0.36
N ILE B 21 -36.30 -16.98 -0.90
CA ILE B 21 -36.44 -15.84 -1.80
C ILE B 21 -37.32 -14.76 -1.17
N SER B 22 -38.34 -15.17 -0.42
CA SER B 22 -39.25 -14.23 0.23
C SER B 22 -38.56 -13.52 1.39
N ALA B 23 -37.86 -14.28 2.23
CA ALA B 23 -37.19 -13.70 3.40
C ALA B 23 -36.12 -12.70 3.00
N ALA B 24 -35.53 -12.87 1.81
CA ALA B 24 -34.53 -11.92 1.36
C ALA B 24 -35.08 -10.50 1.24
N ASN B 25 -36.41 -10.32 1.19
CA ASN B 25 -37.00 -9.00 1.01
C ASN B 25 -37.62 -8.43 2.27
N LEU B 26 -37.51 -9.10 3.41
CA LEU B 26 -38.15 -8.63 4.63
C LEU B 26 -37.77 -7.20 4.99
N HIS B 27 -36.57 -6.75 4.58
CA HIS B 27 -36.12 -5.41 4.94
C HIS B 27 -37.09 -4.34 4.48
N LEU B 28 -37.83 -4.60 3.39
CA LEU B 28 -38.84 -3.63 2.94
C LEU B 28 -39.90 -3.40 4.01
N ARG B 29 -40.26 -4.46 4.74
CA ARG B 29 -41.29 -4.36 5.78
C ARG B 29 -40.87 -3.49 6.95
N THR B 30 -39.59 -3.19 7.10
CA THR B 30 -39.13 -2.44 8.26
C THR B 30 -39.27 -0.94 8.11
N ASN B 31 -39.76 -0.44 6.97
CA ASN B 31 -40.04 0.97 6.84
C ASN B 31 -41.49 1.31 7.18
N HIS B 32 -42.32 0.30 7.39
CA HIS B 32 -43.74 0.47 7.71
C HIS B 32 -44.06 -0.44 8.90
N ILE B 33 -43.59 -0.03 10.08
CA ILE B 33 -43.88 -0.73 11.32
C ILE B 33 -44.90 0.08 12.09
N TYR B 34 -45.98 -0.58 12.52
CA TYR B 34 -47.06 0.07 13.25
C TYR B 34 -47.31 -0.66 14.56
N VAL B 35 -47.54 0.12 15.62
CA VAL B 35 -47.90 -0.39 16.94
C VAL B 35 -49.39 -0.24 17.14
N SER B 36 -50.05 -1.29 17.64
CA SER B 36 -51.50 -1.27 17.87
C SER B 36 -51.92 -0.09 18.72
N SER B 37 -51.25 0.13 19.85
CA SER B 37 -51.33 1.40 20.60
C SER B 37 -52.76 1.70 21.08
N ASP B 38 -53.58 0.67 21.26
CA ASP B 38 -54.91 0.87 21.81
C ASP B 38 -54.81 1.35 23.25
N ASP B 39 -55.76 2.19 23.65
CA ASP B 39 -55.71 2.86 24.95
C ASP B 39 -55.99 1.86 26.07
N ILE B 40 -55.06 0.93 26.27
CA ILE B 40 -55.20 -0.14 27.24
C ILE B 40 -54.17 0.07 28.35
N LYS B 41 -54.64 0.06 29.60
CA LYS B 41 -53.77 0.18 30.77
C LYS B 41 -52.87 1.41 30.69
N GLU B 42 -53.49 2.57 30.92
CA GLU B 42 -52.72 3.82 30.96
C GLU B 42 -51.84 3.92 32.19
N THR B 43 -52.01 3.03 33.16
CA THR B 43 -51.33 3.09 34.44
C THR B 43 -50.33 1.94 34.65
N GLY B 44 -50.40 0.88 33.86
CA GLY B 44 -49.38 -0.14 33.91
C GLY B 44 -48.06 0.39 33.41
N TYR B 45 -47.06 -0.48 33.40
CA TYR B 45 -45.77 -0.09 32.87
C TYR B 45 -45.88 0.23 31.38
N THR B 46 -45.04 1.13 30.92
CA THR B 46 -44.89 1.40 29.50
C THR B 46 -43.57 0.79 29.02
N TYR B 47 -43.56 0.31 27.78
CA TYR B 47 -42.43 -0.40 27.22
C TYR B 47 -41.94 0.31 25.97
N ILE B 48 -40.70 0.76 26.01
CA ILE B 48 -40.07 1.41 24.85
C ILE B 48 -39.16 0.39 24.18
N LEU B 49 -39.44 0.12 22.90
CA LEU B 49 -38.62 -0.78 22.09
C LEU B 49 -37.77 0.04 21.14
N PRO B 50 -36.43 -0.04 21.22
CA PRO B 50 -35.59 0.67 20.26
C PRO B 50 -35.80 0.14 18.85
N LYS B 51 -35.83 1.04 17.87
CA LYS B 51 -36.15 0.63 16.51
C LYS B 51 -35.04 -0.23 15.91
N ASN B 52 -33.78 -0.02 16.30
CA ASN B 52 -32.70 -0.70 15.59
C ASN B 52 -32.79 -2.22 15.74
N VAL B 53 -32.91 -2.70 16.98
CA VAL B 53 -33.00 -4.14 17.16
C VAL B 53 -34.32 -4.71 16.64
N LEU B 54 -35.39 -3.90 16.59
CA LEU B 54 -36.61 -4.41 16.00
C LEU B 54 -36.46 -4.62 14.50
N LYS B 55 -35.85 -3.65 13.82
CA LYS B 55 -35.63 -3.86 12.39
C LYS B 55 -34.78 -5.09 12.18
N LYS B 56 -33.69 -5.22 12.96
CA LYS B 56 -32.85 -6.40 12.87
C LYS B 56 -33.65 -7.68 13.09
N PHE B 57 -34.50 -7.70 14.11
CA PHE B 57 -35.28 -8.87 14.46
C PHE B 57 -36.21 -9.27 13.32
N ILE B 58 -36.91 -8.30 12.75
CA ILE B 58 -37.73 -8.55 11.57
C ILE B 58 -36.88 -9.16 10.44
N CYS B 59 -35.69 -8.60 10.22
CA CYS B 59 -34.90 -8.98 9.04
C CYS B 59 -34.31 -10.37 9.16
N ILE B 60 -34.05 -10.85 10.38
CA ILE B 60 -33.45 -12.16 10.54
C ILE B 60 -34.48 -13.30 10.58
N SER B 61 -35.77 -12.99 10.40
CA SER B 61 -36.85 -13.96 10.62
C SER B 61 -37.30 -14.59 9.32
N ASP B 62 -38.26 -15.50 9.46
CA ASP B 62 -38.93 -16.19 8.37
C ASP B 62 -40.39 -15.78 8.34
N LEU B 63 -41.03 -15.96 7.19
CA LEU B 63 -42.42 -15.54 7.04
C LEU B 63 -43.43 -16.60 7.47
N ARG B 64 -42.98 -17.80 7.86
CA ARG B 64 -43.91 -18.81 8.37
C ARG B 64 -43.42 -19.36 9.71
N ALA B 65 -42.16 -19.75 9.82
CA ALA B 65 -41.62 -20.18 11.10
C ALA B 65 -41.43 -18.99 12.03
N GLN B 66 -41.90 -19.12 13.26
CA GLN B 66 -41.74 -18.04 14.22
C GLN B 66 -40.33 -18.05 14.80
N ILE B 67 -39.78 -16.86 15.00
CA ILE B 67 -38.57 -16.72 15.81
C ILE B 67 -38.92 -15.91 17.05
N ALA B 68 -38.13 -16.11 18.10
CA ALA B 68 -38.36 -15.43 19.37
C ALA B 68 -37.06 -14.87 19.91
N GLY B 69 -37.17 -13.76 20.62
CA GLY B 69 -36.07 -13.24 21.38
C GLY B 69 -36.50 -12.91 22.79
N TYR B 70 -35.55 -13.02 23.72
CA TYR B 70 -35.78 -12.58 25.09
C TYR B 70 -35.46 -11.09 25.24
N LEU B 71 -36.28 -10.39 26.01
CA LEU B 71 -36.15 -8.95 26.17
C LEU B 71 -35.53 -8.64 27.53
N TYR B 72 -34.44 -7.86 27.52
CA TYR B 72 -33.85 -7.34 28.75
C TYR B 72 -33.80 -5.82 28.70
N GLY B 73 -34.00 -5.20 29.85
CA GLY B 73 -34.02 -3.75 29.90
C GLY B 73 -33.97 -3.24 31.32
N VAL B 74 -34.30 -1.96 31.46
CA VAL B 74 -34.11 -1.25 32.72
C VAL B 74 -35.07 -0.07 32.74
N SER B 75 -35.40 0.40 33.95
CA SER B 75 -36.23 1.59 34.02
C SER B 75 -35.37 2.83 33.96
N PRO B 76 -35.81 3.86 33.24
CA PRO B 76 -35.05 5.10 33.17
C PRO B 76 -34.96 5.72 34.54
N PRO B 77 -33.81 6.28 34.91
CA PRO B 77 -33.66 6.92 36.23
C PRO B 77 -34.84 7.79 36.65
N ASP B 78 -35.16 7.76 37.95
CA ASP B 78 -36.28 8.45 38.58
C ASP B 78 -37.58 8.42 37.75
N ASN B 79 -37.75 7.42 36.89
CA ASN B 79 -39.02 7.18 36.19
C ASN B 79 -39.29 5.69 36.14
N PRO B 80 -39.65 5.07 37.27
CA PRO B 80 -39.77 3.61 37.32
C PRO B 80 -40.96 3.02 36.56
N GLN B 81 -41.93 3.81 36.12
CA GLN B 81 -43.05 3.26 35.39
C GLN B 81 -42.78 3.14 33.89
N VAL B 82 -41.52 3.17 33.49
CA VAL B 82 -41.11 2.96 32.11
C VAL B 82 -40.10 1.82 32.08
N LYS B 83 -40.25 0.92 31.11
CA LYS B 83 -39.29 -0.15 30.88
C LYS B 83 -38.70 0.04 29.48
N GLU B 84 -37.46 0.53 29.44
CA GLU B 84 -36.74 0.63 28.18
C GLU B 84 -36.13 -0.72 27.85
N ILE B 85 -36.49 -1.27 26.71
CA ILE B 85 -35.90 -2.53 26.27
C ILE B 85 -34.51 -2.23 25.74
N ARG B 86 -33.50 -2.81 26.38
CA ARG B 86 -32.12 -2.51 26.03
C ARG B 86 -31.47 -3.60 25.19
N CYS B 87 -31.92 -4.84 25.30
CA CYS B 87 -31.23 -5.97 24.70
C CYS B 87 -32.24 -7.02 24.27
N ILE B 88 -31.95 -7.69 23.14
CA ILE B 88 -32.73 -8.84 22.71
C ILE B 88 -31.78 -10.01 22.54
N VAL B 89 -32.05 -11.09 23.25
CA VAL B 89 -31.20 -12.25 23.29
C VAL B 89 -31.79 -13.33 22.40
N MET B 90 -30.98 -13.82 21.47
CA MET B 90 -31.37 -14.89 20.56
C MET B 90 -30.69 -16.17 21.03
N VAL B 91 -31.48 -17.21 21.25
CA VAL B 91 -31.00 -18.46 21.83
C VAL B 91 -31.33 -19.56 20.82
N PRO B 92 -30.67 -20.73 20.92
CA PRO B 92 -30.96 -21.82 19.99
C PRO B 92 -32.42 -22.23 20.02
N GLN B 93 -33.06 -22.22 18.85
CA GLN B 93 -34.51 -22.30 18.81
C GLN B 93 -34.98 -22.91 17.49
N TRP B 94 -36.20 -23.43 17.51
CA TRP B 94 -36.89 -23.75 16.26
C TRP B 94 -38.33 -23.30 16.40
N GLY B 95 -39.06 -23.33 15.28
CA GLY B 95 -40.42 -22.83 15.31
C GLY B 95 -41.31 -23.45 14.25
N THR B 96 -42.60 -23.42 14.55
CA THR B 96 -43.66 -23.65 13.59
C THR B 96 -44.36 -22.32 13.32
N HIS B 97 -45.50 -22.39 12.64
CA HIS B 97 -46.24 -21.18 12.34
C HIS B 97 -47.14 -20.73 13.48
N GLN B 98 -47.25 -21.52 14.55
CA GLN B 98 -48.10 -21.19 15.70
C GLN B 98 -47.35 -21.01 17.00
N THR B 99 -46.14 -21.54 17.13
CA THR B 99 -45.45 -21.59 18.40
C THR B 99 -43.95 -21.48 18.13
N VAL B 100 -43.19 -21.24 19.20
CA VAL B 100 -41.73 -21.30 19.15
C VAL B 100 -41.26 -22.28 20.21
N HIS B 101 -40.12 -22.93 19.94
CA HIS B 101 -39.53 -23.93 20.83
C HIS B 101 -38.14 -23.47 21.23
N LEU B 102 -37.97 -23.21 22.51
CA LEU B 102 -36.77 -22.67 23.13
C LEU B 102 -36.18 -23.65 24.14
N PRO B 103 -34.92 -23.47 24.52
CA PRO B 103 -34.39 -24.25 25.64
C PRO B 103 -34.98 -23.72 26.95
N GLY B 104 -35.24 -24.63 27.87
CA GLY B 104 -35.77 -24.21 29.14
C GLY B 104 -34.83 -23.33 29.93
N GLN B 105 -33.53 -23.38 29.62
CA GLN B 105 -32.55 -22.57 30.33
C GLN B 105 -32.58 -21.14 29.81
N LEU B 106 -32.83 -20.19 30.71
CA LEU B 106 -32.83 -18.80 30.34
C LEU B 106 -31.41 -18.29 30.09
N PRO B 107 -31.27 -17.16 29.41
CA PRO B 107 -29.93 -16.60 29.18
C PRO B 107 -29.26 -16.22 30.49
N GLN B 108 -27.94 -16.40 30.51
CA GLN B 108 -27.12 -15.99 31.64
C GLN B 108 -25.83 -15.38 31.08
N HIS B 109 -25.52 -14.17 31.51
CA HIS B 109 -24.30 -13.48 31.07
C HIS B 109 -24.08 -12.23 31.91
N GLU B 110 -22.80 -11.92 32.15
CA GLU B 110 -22.44 -10.74 32.94
C GLU B 110 -23.09 -9.47 32.39
N TYR B 111 -23.01 -9.28 31.06
CA TYR B 111 -23.63 -8.10 30.44
C TYR B 111 -25.08 -7.94 30.87
N LEU B 112 -25.78 -9.05 31.12
CA LEU B 112 -27.19 -9.02 31.45
C LEU B 112 -27.45 -8.77 32.94
N LYS B 113 -26.44 -8.95 33.80
CA LYS B 113 -26.64 -8.96 35.24
C LYS B 113 -27.18 -7.64 35.79
N GLU B 114 -27.03 -6.53 35.07
CA GLU B 114 -27.57 -5.26 35.52
C GLU B 114 -29.00 -5.01 35.06
N MET B 115 -29.53 -5.82 34.15
CA MET B 115 -30.84 -5.55 33.56
C MET B 115 -31.89 -6.48 34.14
N GLU B 116 -33.13 -6.13 33.92
CA GLU B 116 -34.15 -7.05 34.36
C GLU B 116 -34.81 -7.70 33.15
N PRO B 117 -35.21 -8.96 33.25
CA PRO B 117 -35.89 -9.60 32.12
C PRO B 117 -37.30 -9.03 31.98
N LEU B 118 -37.70 -8.78 30.72
CA LEU B 118 -38.97 -8.12 30.43
C LEU B 118 -39.90 -8.98 29.60
N GLY B 119 -39.60 -10.28 29.46
CA GLY B 119 -40.44 -11.17 28.69
C GLY B 119 -39.84 -11.48 27.34
N TRP B 120 -40.67 -11.48 26.28
CA TRP B 120 -40.14 -11.92 25.00
C TRP B 120 -40.94 -11.32 23.85
N ILE B 121 -40.31 -11.34 22.68
CA ILE B 121 -40.89 -10.91 21.41
C ILE B 121 -40.86 -12.10 20.47
N HIS B 122 -41.88 -12.22 19.62
CA HIS B 122 -41.86 -13.27 18.60
C HIS B 122 -42.67 -12.83 17.39
N THR B 123 -42.31 -13.39 16.23
CA THR B 123 -43.01 -13.11 15.01
C THR B 123 -44.10 -14.15 14.78
N GLN B 124 -45.15 -13.73 14.07
CA GLN B 124 -46.22 -14.64 13.69
C GLN B 124 -46.75 -14.20 12.34
N PRO B 125 -47.35 -15.13 11.57
CA PRO B 125 -47.72 -14.82 10.18
C PRO B 125 -48.88 -13.84 10.04
N ASN B 126 -49.84 -13.82 10.97
CA ASN B 126 -51.01 -12.99 10.76
C ASN B 126 -51.36 -12.25 12.04
N GLU B 127 -52.25 -11.27 11.88
CA GLU B 127 -52.60 -10.33 12.95
C GLU B 127 -53.86 -10.83 13.65
N SER B 128 -53.68 -11.85 14.49
CA SER B 128 -54.78 -12.29 15.34
C SER B 128 -55.13 -11.18 16.32
N PRO B 129 -56.40 -11.08 16.74
CA PRO B 129 -56.78 -10.00 17.66
C PRO B 129 -56.45 -10.34 19.10
N GLN B 130 -56.52 -11.62 19.45
CA GLN B 130 -56.23 -12.08 20.80
C GLN B 130 -54.84 -12.70 20.87
N LEU B 131 -54.30 -12.73 22.08
CA LEU B 131 -53.03 -13.39 22.32
C LEU B 131 -53.21 -14.90 22.27
N SER B 132 -52.26 -15.57 21.61
CA SER B 132 -52.37 -17.01 21.37
C SER B 132 -52.52 -17.77 22.69
N PRO B 133 -53.26 -18.89 22.68
CA PRO B 133 -53.17 -19.81 23.82
C PRO B 133 -51.80 -20.46 23.93
N GLN B 134 -51.12 -20.68 22.80
CA GLN B 134 -49.74 -21.14 22.86
C GLN B 134 -48.84 -20.11 23.53
N ASP B 135 -49.07 -18.83 23.25
CA ASP B 135 -48.30 -17.79 23.92
C ASP B 135 -48.59 -17.74 25.41
N VAL B 136 -49.86 -17.78 25.81
CA VAL B 136 -50.19 -17.73 27.23
C VAL B 136 -49.58 -18.93 27.95
N THR B 137 -49.66 -20.11 27.32
CA THR B 137 -49.06 -21.30 27.94
C THR B 137 -47.56 -21.19 28.03
N THR B 138 -46.88 -20.76 26.95
CA THR B 138 -45.43 -20.62 26.96
C THR B 138 -44.98 -19.66 28.06
N HIS B 139 -45.61 -18.49 28.12
CA HIS B 139 -45.25 -17.48 29.11
C HIS B 139 -45.47 -18.01 30.52
N ALA B 140 -46.57 -18.75 30.73
CA ALA B 140 -46.85 -19.23 32.08
C ALA B 140 -45.89 -20.34 32.50
N LYS B 141 -45.59 -21.29 31.61
CA LYS B 141 -44.59 -22.29 31.94
C LYS B 141 -43.25 -21.63 32.27
N ILE B 142 -42.84 -20.65 31.46
CA ILE B 142 -41.57 -19.97 31.72
C ILE B 142 -41.60 -19.34 33.10
N MET B 143 -42.69 -18.64 33.42
CA MET B 143 -42.81 -17.97 34.72
C MET B 143 -42.72 -18.98 35.86
N ALA B 144 -43.48 -20.08 35.75
CA ALA B 144 -43.47 -21.10 36.78
C ALA B 144 -42.06 -21.66 37.00
N ASP B 145 -41.24 -21.72 35.95
CA ASP B 145 -39.90 -22.27 36.12
C ASP B 145 -38.86 -21.25 36.54
N ASN B 146 -39.09 -19.97 36.30
CA ASN B 146 -38.08 -18.94 36.56
C ASN B 146 -38.68 -17.82 37.40
N PRO B 147 -38.40 -17.79 38.71
CA PRO B 147 -39.02 -16.75 39.57
C PRO B 147 -38.61 -15.33 39.22
N SER B 148 -37.59 -15.15 38.39
CA SER B 148 -37.14 -13.82 37.99
C SER B 148 -38.06 -13.16 36.97
N TRP B 149 -39.15 -13.82 36.58
CA TRP B 149 -40.10 -13.25 35.63
C TRP B 149 -41.32 -12.80 36.43
N ASP B 150 -41.39 -11.50 36.71
CA ASP B 150 -42.58 -10.97 37.35
C ASP B 150 -43.74 -10.95 36.38
N GLY B 151 -44.84 -11.63 36.74
CA GLY B 151 -46.04 -11.57 35.93
C GLY B 151 -46.56 -10.16 35.73
N GLU B 152 -46.17 -9.25 36.61
CA GLU B 152 -46.56 -7.86 36.45
C GLU B 152 -45.53 -7.04 35.67
N LYS B 153 -44.37 -7.61 35.37
CA LYS B 153 -43.32 -6.87 34.68
C LYS B 153 -42.88 -7.46 33.35
N THR B 154 -43.16 -8.73 33.08
CA THR B 154 -42.76 -9.38 31.84
C THR B 154 -43.93 -9.41 30.87
N ILE B 155 -43.66 -9.20 29.59
CA ILE B 155 -44.69 -9.09 28.58
C ILE B 155 -44.37 -9.95 27.37
N ILE B 156 -45.33 -10.01 26.45
CA ILE B 156 -45.22 -10.77 25.21
C ILE B 156 -45.54 -9.81 24.07
N ILE B 157 -44.54 -9.49 23.25
CA ILE B 157 -44.75 -8.67 22.06
C ILE B 157 -44.87 -9.61 20.87
N THR B 158 -46.02 -9.60 20.20
CA THR B 158 -46.17 -10.29 18.92
C THR B 158 -45.97 -9.29 17.79
N CYS B 159 -45.17 -9.72 16.82
CA CYS B 159 -44.83 -8.98 15.61
C CYS B 159 -45.49 -9.76 14.47
N SER B 160 -46.59 -9.24 13.95
CA SER B 160 -47.37 -9.95 12.94
C SER B 160 -47.14 -9.34 11.57
N PHE B 161 -47.08 -10.22 10.57
CA PHE B 161 -46.78 -9.83 9.19
C PHE B 161 -48.10 -9.45 8.50
N THR B 162 -48.51 -8.23 8.76
CA THR B 162 -49.52 -7.60 7.93
C THR B 162 -48.93 -7.30 6.56
N PRO B 163 -49.74 -7.39 5.50
CA PRO B 163 -49.22 -7.27 4.13
C PRO B 163 -48.40 -6.01 3.91
N GLY B 164 -47.18 -6.20 3.40
CA GLY B 164 -46.27 -5.10 3.12
C GLY B 164 -45.67 -4.41 4.32
N SER B 165 -46.10 -4.76 5.54
CA SER B 165 -45.76 -3.98 6.72
C SER B 165 -45.52 -4.94 7.89
N CYS B 166 -45.67 -4.41 9.11
CA CYS B 166 -45.39 -5.16 10.33
C CYS B 166 -46.14 -4.50 11.47
N THR B 167 -47.10 -5.20 12.08
CA THR B 167 -47.85 -4.62 13.18
C THR B 167 -47.41 -5.27 14.49
N LEU B 168 -47.24 -4.45 15.52
CA LEU B 168 -46.76 -4.89 16.82
C LEU B 168 -47.83 -4.72 17.87
N THR B 169 -48.03 -5.74 18.69
CA THR B 169 -48.88 -5.58 19.86
C THR B 169 -48.19 -6.22 21.06
N ALA B 170 -48.45 -5.68 22.25
CA ALA B 170 -47.81 -6.10 23.48
C ALA B 170 -48.86 -6.46 24.52
N TYR B 171 -48.79 -7.68 25.05
CA TYR B 171 -49.70 -8.19 26.04
C TYR B 171 -48.94 -8.51 27.32
N LYS B 172 -49.68 -8.83 28.37
CA LYS B 172 -49.13 -9.43 29.58
C LYS B 172 -50.17 -10.38 30.16
N LEU B 173 -49.70 -11.30 31.01
CA LEU B 173 -50.60 -12.29 31.60
C LEU B 173 -51.36 -11.73 32.79
N THR B 174 -52.58 -12.18 32.94
CA THR B 174 -53.30 -11.88 34.17
C THR B 174 -53.07 -13.00 35.15
N PRO B 175 -53.38 -12.78 36.44
CA PRO B 175 -53.25 -13.88 37.41
C PRO B 175 -53.96 -15.16 36.97
N SER B 176 -55.23 -15.05 36.56
CA SER B 176 -55.94 -16.21 36.01
C SER B 176 -55.24 -16.73 34.77
N GLY B 177 -54.65 -15.82 33.98
CA GLY B 177 -53.87 -16.23 32.83
C GLY B 177 -52.69 -17.11 33.21
N TYR B 178 -51.91 -16.67 34.21
CA TYR B 178 -50.77 -17.46 34.64
C TYR B 178 -51.23 -18.82 35.16
N GLU B 179 -52.28 -18.81 35.98
CA GLU B 179 -52.71 -20.04 36.63
C GLU B 179 -53.22 -21.05 35.62
N TRP B 180 -53.90 -20.57 34.57
CA TRP B 180 -54.37 -21.50 33.54
C TRP B 180 -53.23 -21.94 32.63
N GLY B 181 -52.34 -21.01 32.26
CA GLY B 181 -51.30 -21.35 31.32
C GLY B 181 -50.33 -22.38 31.86
N ARG B 182 -50.09 -22.37 33.17
CA ARG B 182 -49.10 -23.30 33.67
C ARG B 182 -49.61 -24.73 33.72
N GLN B 183 -50.93 -24.93 33.66
CA GLN B 183 -51.50 -26.27 33.74
C GLN B 183 -52.10 -26.73 32.42
N ASN B 184 -51.64 -26.18 31.30
CA ASN B 184 -52.22 -26.49 30.00
C ASN B 184 -51.28 -27.42 29.22
N THR B 185 -51.79 -28.60 28.87
CA THR B 185 -51.04 -29.53 28.03
C THR B 185 -51.62 -29.63 26.63
N ASP B 186 -52.70 -28.92 26.34
CA ASP B 186 -53.36 -28.98 25.04
C ASP B 186 -52.65 -28.01 24.11
N LYS B 187 -51.70 -28.53 23.33
CA LYS B 187 -50.96 -27.72 22.37
C LYS B 187 -51.82 -27.23 21.21
N GLY B 188 -53.08 -27.65 21.13
CA GLY B 188 -53.96 -27.22 20.07
C GLY B 188 -54.26 -25.74 20.13
N ASN B 189 -55.12 -25.31 19.20
CA ASN B 189 -55.50 -23.91 19.10
C ASN B 189 -56.75 -23.55 19.90
N ASN B 190 -57.51 -24.54 20.35
CA ASN B 190 -58.65 -24.30 21.24
C ASN B 190 -58.55 -25.26 22.42
N PRO B 191 -57.58 -25.04 23.32
CA PRO B 191 -57.43 -25.92 24.47
C PRO B 191 -58.52 -25.67 25.50
N LYS B 192 -58.66 -26.61 26.43
CA LYS B 192 -59.68 -26.49 27.46
C LYS B 192 -59.30 -25.40 28.46
N GLY B 193 -60.26 -24.52 28.74
CA GLY B 193 -60.13 -23.53 29.79
C GLY B 193 -59.60 -22.18 29.36
N TYR B 194 -59.08 -22.07 28.14
CA TYR B 194 -58.50 -20.82 27.67
C TYR B 194 -59.54 -19.70 27.69
N LEU B 195 -59.11 -18.52 28.09
CA LEU B 195 -60.00 -17.39 28.29
C LEU B 195 -59.34 -16.09 27.84
N PRO B 196 -60.11 -15.19 27.23
CA PRO B 196 -59.54 -13.88 26.87
C PRO B 196 -59.22 -13.00 28.06
N SER B 197 -59.71 -13.34 29.26
CA SER B 197 -59.37 -12.63 30.48
C SER B 197 -57.99 -13.00 31.02
N HIS B 198 -57.22 -13.76 30.25
CA HIS B 198 -55.93 -14.27 30.68
C HIS B 198 -54.78 -13.34 30.36
N TYR B 199 -55.07 -12.21 29.72
CA TYR B 199 -54.04 -11.31 29.25
C TYR B 199 -54.65 -9.94 29.08
N GLU B 200 -53.80 -8.93 29.06
CA GLU B 200 -54.25 -7.55 28.87
C GLU B 200 -53.17 -6.81 28.11
N ARG B 201 -53.58 -5.94 27.20
CA ARG B 201 -52.64 -5.16 26.43
C ARG B 201 -51.90 -4.19 27.33
N VAL B 202 -50.61 -4.01 27.07
CA VAL B 202 -49.77 -3.04 27.76
C VAL B 202 -49.30 -2.04 26.73
N GLN B 203 -49.09 -0.80 27.14
CA GLN B 203 -48.68 0.22 26.19
C GLN B 203 -47.25 -0.05 25.73
N MET B 204 -46.99 0.25 24.45
CA MET B 204 -45.69 0.05 23.85
C MET B 204 -45.38 1.16 22.86
N LEU B 205 -44.14 1.64 22.87
CA LEU B 205 -43.72 2.72 21.97
C LEU B 205 -42.46 2.31 21.22
N LEU B 206 -42.35 2.73 19.96
CA LEU B 206 -41.12 2.58 19.20
C LEU B 206 -40.33 3.87 19.31
N SER B 207 -39.07 3.77 19.72
CA SER B 207 -38.24 4.95 19.92
C SER B 207 -37.08 5.02 18.93
N ASP B 208 -36.38 6.15 18.99
CA ASP B 208 -35.11 6.36 18.32
C ASP B 208 -34.07 7.02 19.21
N ARG B 209 -34.43 7.43 20.43
CA ARG B 209 -33.51 8.20 21.27
C ARG B 209 -32.35 7.36 21.76
N PHE B 210 -32.48 6.03 21.75
CA PHE B 210 -31.42 5.14 22.19
C PHE B 210 -31.40 3.90 21.30
N LEU B 211 -30.41 3.05 21.55
CA LEU B 211 -30.18 1.86 20.73
C LEU B 211 -30.10 0.62 21.62
N GLY B 212 -30.73 -0.48 21.15
CA GLY B 212 -30.55 -1.78 21.74
C GLY B 212 -29.32 -2.49 21.18
N PHE B 213 -29.04 -3.67 21.72
CA PHE B 213 -28.02 -4.54 21.16
C PHE B 213 -28.53 -5.99 21.24
N PHE B 214 -27.82 -6.90 20.57
CA PHE B 214 -28.16 -8.31 20.58
C PHE B 214 -27.07 -9.12 21.28
N MET B 215 -27.48 -10.12 22.04
CA MET B 215 -26.61 -11.21 22.41
C MET B 215 -27.07 -12.46 21.69
N VAL B 216 -26.10 -13.25 21.22
CA VAL B 216 -26.33 -14.45 20.43
C VAL B 216 -25.60 -15.61 21.10
N PRO B 217 -25.86 -16.87 20.72
CA PRO B 217 -25.12 -17.98 21.33
C PRO B 217 -23.62 -17.91 21.00
N ALA B 218 -22.82 -18.54 21.86
CA ALA B 218 -21.36 -18.42 21.75
C ALA B 218 -20.77 -19.39 20.73
N GLN B 219 -21.21 -20.64 20.74
CA GLN B 219 -20.59 -21.67 19.89
C GLN B 219 -21.45 -22.08 18.70
N SER B 220 -22.62 -21.46 18.52
CA SER B 220 -23.42 -21.80 17.36
C SER B 220 -24.11 -20.57 16.80
N SER B 221 -25.28 -20.78 16.22
CA SER B 221 -26.19 -19.69 15.96
C SER B 221 -27.51 -19.99 16.66
N TRP B 222 -28.48 -19.13 16.43
CA TRP B 222 -29.78 -19.28 17.08
C TRP B 222 -30.74 -20.16 16.30
N ASN B 223 -30.61 -20.21 14.97
CA ASN B 223 -31.57 -20.92 14.15
C ASN B 223 -31.26 -22.40 14.12
N TYR B 224 -32.26 -23.21 14.49
CA TYR B 224 -32.18 -24.67 14.42
C TYR B 224 -33.31 -25.25 13.59
N ASN B 225 -34.01 -24.43 12.82
CA ASN B 225 -35.11 -24.91 11.99
C ASN B 225 -34.64 -25.77 10.83
N PHE B 226 -33.33 -25.88 10.60
CA PHE B 226 -32.82 -26.85 9.65
C PHE B 226 -32.04 -27.96 10.34
N MET B 227 -31.97 -27.91 11.67
CA MET B 227 -31.23 -28.88 12.46
C MET B 227 -32.05 -29.34 13.67
N GLY B 228 -33.39 -29.29 13.56
CA GLY B 228 -34.25 -29.51 14.72
C GLY B 228 -33.94 -30.78 15.49
N VAL B 229 -33.40 -31.79 14.81
CA VAL B 229 -32.81 -32.93 15.49
C VAL B 229 -31.89 -32.46 16.61
N ARG B 230 -30.86 -31.69 16.26
CA ARG B 230 -29.83 -31.25 17.21
C ARG B 230 -30.34 -30.28 18.27
N HIS B 231 -31.60 -29.86 18.20
CA HIS B 231 -32.17 -29.02 19.24
C HIS B 231 -32.78 -29.89 20.32
N ASP B 232 -32.57 -29.49 21.57
CA ASP B 232 -32.98 -30.28 22.70
C ASP B 232 -33.58 -29.34 23.76
N PRO B 233 -34.76 -29.67 24.30
CA PRO B 233 -35.38 -28.80 25.30
C PRO B 233 -34.47 -28.52 26.48
N ASN B 234 -33.54 -29.44 26.71
CA ASN B 234 -32.61 -29.34 27.83
C ASN B 234 -31.24 -28.83 27.45
N MET B 235 -31.05 -28.37 26.22
CA MET B 235 -29.72 -27.94 25.80
C MET B 235 -29.28 -26.68 26.56
N LYS B 236 -28.01 -26.65 26.92
CA LYS B 236 -27.38 -25.50 27.55
C LYS B 236 -26.59 -24.71 26.52
N TYR B 237 -26.44 -23.41 26.76
CA TYR B 237 -25.78 -22.53 25.80
C TYR B 237 -25.24 -21.31 26.53
N GLU B 238 -24.10 -20.83 26.04
CA GLU B 238 -23.53 -19.56 26.45
C GLU B 238 -23.87 -18.50 25.41
N LEU B 239 -23.60 -17.26 25.77
CA LEU B 239 -23.91 -16.14 24.90
C LEU B 239 -22.64 -15.34 24.61
N GLN B 240 -22.77 -14.42 23.66
CA GLN B 240 -21.70 -13.52 23.25
C GLN B 240 -22.32 -12.24 22.70
N LEU B 241 -21.55 -11.16 22.72
CA LEU B 241 -22.08 -9.87 22.29
C LEU B 241 -21.85 -9.76 20.79
N ALA B 242 -22.85 -10.20 20.01
CA ALA B 242 -22.76 -10.13 18.55
C ALA B 242 -24.17 -10.11 17.99
N ASN B 243 -24.28 -9.78 16.71
CA ASN B 243 -25.57 -9.63 16.04
C ASN B 243 -25.96 -10.91 15.32
N PRO B 244 -27.25 -11.27 15.35
CA PRO B 244 -27.67 -12.56 14.79
C PRO B 244 -27.60 -12.57 13.27
N LYS B 245 -27.39 -13.76 12.73
CA LYS B 245 -27.39 -13.93 11.29
C LYS B 245 -28.83 -14.18 10.82
N GLU B 246 -29.11 -13.83 9.57
CA GLU B 246 -30.46 -13.94 9.07
C GLU B 246 -30.87 -15.40 8.92
N PHE B 247 -32.19 -15.62 8.89
CA PHE B 247 -32.76 -16.96 8.94
C PHE B 247 -32.09 -17.92 7.96
N TYR B 248 -31.99 -17.54 6.69
CA TYR B 248 -31.45 -18.44 5.68
C TYR B 248 -29.95 -18.30 5.49
N HIS B 249 -29.21 -17.92 6.53
CA HIS B 249 -27.77 -17.86 6.41
C HIS B 249 -27.19 -19.25 6.21
N GLU B 250 -25.99 -19.29 5.63
CA GLU B 250 -25.34 -20.56 5.30
C GLU B 250 -25.10 -21.41 6.53
N VAL B 251 -24.73 -20.80 7.66
CA VAL B 251 -24.44 -21.59 8.85
C VAL B 251 -25.71 -22.15 9.49
N HIS B 252 -26.87 -21.70 9.06
CA HIS B 252 -28.12 -22.22 9.60
C HIS B 252 -28.58 -23.48 8.91
N ARG B 253 -28.08 -23.74 7.71
CA ARG B 253 -28.49 -24.88 6.91
C ARG B 253 -27.27 -25.45 6.21
N PRO B 254 -26.28 -25.93 6.96
CA PRO B 254 -25.07 -26.49 6.33
C PRO B 254 -25.33 -27.74 5.51
N SER B 255 -26.41 -28.47 5.82
CA SER B 255 -26.86 -29.59 5.00
C SER B 255 -26.98 -29.19 3.53
N HIS B 256 -27.68 -28.09 3.25
CA HIS B 256 -27.86 -27.65 1.87
C HIS B 256 -26.55 -27.39 1.14
N PHE B 257 -25.45 -27.16 1.86
CA PHE B 257 -24.16 -26.88 1.24
C PHE B 257 -23.24 -28.08 1.20
N LEU B 258 -23.45 -29.08 2.05
CA LEU B 258 -22.62 -30.27 2.06
C LEU B 258 -23.24 -31.43 1.27
N ASN B 259 -24.53 -31.69 1.48
CA ASN B 259 -25.17 -32.87 0.92
C ASN B 259 -25.07 -32.88 -0.60
N PHE B 260 -25.67 -31.89 -1.24
CA PHE B 260 -25.70 -31.84 -2.70
C PHE B 260 -24.31 -31.65 -3.30
N ALA B 261 -23.31 -31.27 -2.50
CA ALA B 261 -21.95 -31.16 -3.03
C ALA B 261 -21.23 -32.51 -3.00
N LEU B 262 -21.27 -33.21 -1.87
CA LEU B 262 -20.47 -34.43 -1.74
C LEU B 262 -21.10 -35.60 -2.50
N LEU B 263 -22.43 -35.68 -2.54
CA LEU B 263 -23.11 -36.76 -3.23
C LEU B 263 -22.90 -36.69 -4.74
C01 Q96 C . -19.94 6.39 -1.78
C03 Q96 C . -17.53 5.83 -1.64
C04 Q96 C . -16.35 5.34 -2.19
C06 Q96 C . -15.13 5.67 -1.61
C07 Q96 C . -15.11 6.51 -0.50
C08 Q96 C . -16.29 7.02 0.05
C09 Q96 C . -17.50 6.67 -0.53
C14 Q96 C . -13.56 4.56 1.73
N02 Q96 C . -18.83 5.54 -2.20
N05 Q96 C . -16.34 4.46 -3.36
N13 Q96 C . -12.80 5.55 0.97
O11 Q96 C . -13.69 8.05 1.23
O12 Q96 C . -12.62 7.56 -0.71
S10 Q96 C . -13.53 6.95 0.27
C01 Q96 D . -0.23 4.77 -35.73
C03 Q96 D . 1.28 6.57 -36.48
C04 Q96 D . 2.51 7.25 -36.54
C06 Q96 D . 2.71 8.19 -37.54
C07 Q96 D . 1.71 8.43 -38.47
C08 Q96 D . 0.52 7.76 -38.42
C09 Q96 D . 0.30 6.83 -37.42
C14 Q96 D . -0.45 10.97 -39.31
N02 Q96 D . 0.95 5.58 -35.48
N05 Q96 D . 3.55 6.97 -35.55
N13 Q96 D . 0.42 10.33 -40.28
O11 Q96 D . 2.54 8.97 -40.99
O12 Q96 D . 2.93 10.65 -39.46
S10 Q96 D . 1.92 9.63 -39.83
C1 EDO E . -11.34 -5.05 -20.82
O1 EDO E . -10.35 -4.39 -21.61
C2 EDO E . -12.24 -3.98 -20.20
O2 EDO E . -11.49 -3.21 -19.24
C1 GOL F . 6.71 2.03 -20.17
O1 GOL F . 6.81 2.72 -21.42
C2 GOL F . 5.36 1.26 -20.15
O2 GOL F . 5.56 -0.08 -20.25
C3 GOL F . 4.66 1.64 -18.80
O3 GOL F . 3.99 2.88 -18.95
C1 EDO G . -4.29 4.48 9.12
O1 EDO G . -4.91 3.47 9.93
C2 EDO G . -5.36 5.36 8.46
O2 EDO G . -6.43 5.54 9.41
C1 EDO H . -23.85 3.31 15.30
O1 EDO H . -25.21 3.66 14.95
C2 EDO H . -22.91 4.46 14.97
O2 EDO H . -23.39 5.21 13.84
C1 EDO I . 2.68 -16.37 -52.54
O1 EDO I . 4.08 -16.37 -52.83
C2 EDO I . 1.92 -16.97 -53.72
O2 EDO I . 2.03 -16.14 -54.89
C1 EDO J . -8.97 -6.67 -2.74
O1 EDO J . -8.31 -7.35 -3.81
C2 EDO J . -9.95 -5.68 -3.36
O2 EDO J . -10.50 -6.31 -4.52
C1 EDO K . -8.67 -11.45 -18.83
O1 EDO K . -7.87 -12.17 -19.79
C2 EDO K . -7.81 -10.54 -17.93
O2 EDO K . -6.88 -11.29 -17.12
C1 EDO L . 23.37 39.78 30.29
O1 EDO L . 23.35 38.52 29.62
C2 EDO L . 23.11 40.90 29.30
O2 EDO L . 21.73 40.89 28.88
C1 EDO M . 3.13 16.30 14.88
O1 EDO M . 4.00 15.21 14.56
C2 EDO M . 3.89 17.58 15.26
O2 EDO M . 4.27 18.34 14.11
C1 EDO N . -2.46 -24.78 1.94
O1 EDO N . -2.30 -25.16 0.58
C2 EDO N . -1.90 -23.38 2.18
O2 EDO N . -2.64 -22.40 1.44
#